data_9MWN
#
_entry.id   9MWN
#
_cell.length_a   59.639
_cell.length_b   151.731
_cell.length_c   108.312
_cell.angle_alpha   90.00
_cell.angle_beta   90.88
_cell.angle_gamma   90.00
#
_symmetry.space_group_name_H-M   'P 1 21 1'
#
loop_
_entity.id
_entity.type
_entity.pdbx_description
1 polymer 'Nitric oxide synthase 3'
2 non-polymer 'PROTOPORPHYRIN IX CONTAINING FE'
3 non-polymer 5,6,7,8-TETRAHYDROBIOPTERIN
4 non-polymer N-(4-{2-[(3-{[(E)-imino(thiophen-2-yl)methyl]amino}benzyl)amino]ethyl}phenyl)thiophene-2-carboximidamide
5 non-polymer 'ACETATE ION'
6 non-polymer 2-[BIS-(2-HYDROXY-ETHYL)-AMINO]-2-HYDROXYMETHYL-PROPANE-1,3-DIOL
7 non-polymer GLYCEROL
8 non-polymer 'CHLORIDE ION'
9 non-polymer 'GADOLINIUM ATOM'
10 non-polymer 'ZINC ION'
11 water water
#
_entity_poly.entity_id   1
_entity_poly.type   'polypeptide(L)'
_entity_poly.pdbx_seq_one_letter_code
;APASLLPPAPEHSPPSSPLTQPPEGPKFPRVKNWEVGSITYDTLSAQAQQDGPCTPRRCLGSLVFPRKLQGRPSPGPPAP
EQLLSQARDFINQYYSSIKRSGSQAHEQRLQEVEAEVAATGTYQLRESELVFGAKQAWRNAPRCVGRIQWGKLQVFDARD
CRSAQEMFTYICNHIKYATNRGNLRSAITVFPQRCPGRGDFRIWNSQLVRYAGYRQQDGSVRGDPANVEITELCIQHGWT
PGNGRFDVLPLLLQAPDEPPELFLLPPELVLEVPLEHPTLEWFAALGLRWYALPAVSNMLLEIGGLEFPAAPFSGWYMST
EIGTRNLCDPHRYNILEDVAVCMDLDTRTTSSLWKDKAAVEINVAVLHSYQLAKVTIVDHHAATASFMKHLENEQKARGG
CPADWAWIVPPISGSLTPVFHQEMVNYFLSPAFRYQPDPWK
;
_entity_poly.pdbx_strand_id   A,B,C,D
#
loop_
_chem_comp.id
_chem_comp.type
_chem_comp.name
_chem_comp.formula
ACT non-polymer 'ACETATE ION' 'C2 H3 O2 -1'
BTB non-polymer 2-[BIS-(2-HYDROXY-ETHYL)-AMINO]-2-HYDROXYMETHYL-PROPANE-1,3-DIOL 'C8 H19 N O5'
CL non-polymer 'CHLORIDE ION' 'Cl -1'
GD non-polymer 'GADOLINIUM ATOM' Gd
GOL non-polymer GLYCEROL 'C3 H8 O3'
H44 non-polymer N-(4-{2-[(3-{[(E)-imino(thiophen-2-yl)methyl]amino}benzyl)amino]ethyl}phenyl)thiophene-2-carboximidamide 'C25 H25 N5 S2'
H4B non-polymer 5,6,7,8-TETRAHYDROBIOPTERIN 'C9 H15 N5 O3'
HEM non-polymer 'PROTOPORPHYRIN IX CONTAINING FE' 'C34 H32 Fe N4 O4'
ZN non-polymer 'ZINC ION' 'Zn 2'
#
# COMPACT_ATOMS: atom_id res chain seq x y z
N LYS A 27 -55.95 1.71 2.45
CA LYS A 27 -55.29 1.95 3.74
C LYS A 27 -54.44 0.76 4.16
N PHE A 28 -54.75 -0.43 3.63
CA PHE A 28 -53.91 -1.59 3.83
C PHE A 28 -52.90 -1.65 2.69
N PRO A 29 -51.61 -1.42 2.94
CA PRO A 29 -50.63 -1.36 1.84
C PRO A 29 -50.59 -2.67 1.04
N ARG A 30 -50.63 -2.51 -0.28
CA ARG A 30 -50.41 -3.62 -1.21
C ARG A 30 -48.92 -3.93 -1.31
N VAL A 31 -48.55 -5.20 -1.15
CA VAL A 31 -47.17 -5.65 -1.12
C VAL A 31 -46.98 -6.69 -2.22
N LYS A 32 -46.07 -6.43 -3.14
CA LYS A 32 -45.90 -7.28 -4.31
C LYS A 32 -44.52 -7.94 -4.31
N ASN A 33 -44.49 -9.21 -4.67
CA ASN A 33 -43.26 -9.89 -5.04
C ASN A 33 -43.10 -9.87 -6.56
N TRP A 34 -42.03 -9.23 -7.03
CA TRP A 34 -41.80 -9.03 -8.46
C TRP A 34 -41.18 -10.22 -9.16
N GLU A 35 -40.68 -11.21 -8.43
CA GLU A 35 -40.20 -12.43 -9.05
C GLU A 35 -41.36 -13.35 -9.37
N VAL A 36 -42.31 -13.47 -8.44
CA VAL A 36 -43.40 -14.43 -8.53
C VAL A 36 -44.64 -13.74 -9.07
N GLY A 37 -44.75 -12.44 -8.84
CA GLY A 37 -45.96 -11.72 -9.18
C GLY A 37 -47.07 -11.82 -8.16
N SER A 38 -46.78 -12.34 -6.98
CA SER A 38 -47.80 -12.49 -5.95
C SER A 38 -48.02 -11.18 -5.20
N ILE A 39 -49.24 -11.05 -4.66
CA ILE A 39 -49.72 -9.88 -3.95
C ILE A 39 -50.23 -10.32 -2.58
N THR A 40 -49.83 -9.58 -1.54
CA THR A 40 -50.49 -9.64 -0.24
C THR A 40 -50.79 -8.22 0.22
N TYR A 41 -51.55 -8.11 1.31
CA TYR A 41 -51.83 -6.83 1.95
C TYR A 41 -51.38 -6.88 3.40
N ASP A 42 -50.55 -5.91 3.79
CA ASP A 42 -50.08 -5.85 5.17
C ASP A 42 -51.15 -5.15 6.00
N THR A 43 -51.93 -5.94 6.74
CA THR A 43 -52.90 -5.38 7.65
C THR A 43 -52.33 -5.13 9.04
N LEU A 44 -51.24 -5.81 9.39
CA LEU A 44 -50.60 -5.61 10.68
C LEU A 44 -50.02 -4.21 10.83
N SER A 45 -49.61 -3.58 9.72
CA SER A 45 -49.00 -2.24 9.82
C SER A 45 -49.95 -1.25 10.47
N ALA A 46 -51.26 -1.45 10.34
CA ALA A 46 -52.25 -0.59 10.99
C ALA A 46 -52.10 -0.59 12.51
N GLN A 47 -51.44 -1.59 13.08
CA GLN A 47 -51.22 -1.66 14.52
C GLN A 47 -49.88 -1.05 14.94
N ALA A 48 -49.18 -0.39 14.03
CA ALA A 48 -47.91 0.26 14.37
C ALA A 48 -48.12 1.24 15.51
N GLN A 49 -47.50 0.97 16.65
CA GLN A 49 -47.74 1.80 17.83
C GLN A 49 -46.97 3.11 17.76
N GLN A 50 -45.67 3.06 17.46
CA GLN A 50 -44.86 4.26 17.47
C GLN A 50 -44.82 4.85 16.06
N ASP A 51 -44.12 5.97 15.92
CA ASP A 51 -44.00 6.64 14.66
C ASP A 51 -42.55 6.58 14.20
N GLY A 52 -42.35 6.18 12.95
CA GLY A 52 -41.05 6.19 12.35
C GLY A 52 -40.71 7.56 11.82
N PRO A 53 -39.58 7.66 11.11
CA PRO A 53 -39.06 8.97 10.68
C PRO A 53 -39.65 9.51 9.39
N CYS A 54 -40.43 8.71 8.66
CA CYS A 54 -40.84 9.06 7.31
C CYS A 54 -42.08 9.95 7.35
N THR A 55 -42.27 10.73 6.30
CA THR A 55 -43.49 11.51 6.12
C THR A 55 -43.91 11.42 4.65
N PRO A 56 -45.14 11.79 4.30
CA PRO A 56 -45.50 11.88 2.88
C PRO A 56 -44.57 12.77 2.09
N ARG A 57 -43.90 13.72 2.75
CA ARG A 57 -43.02 14.64 2.04
C ARG A 57 -41.67 14.00 1.72
N ARG A 58 -41.17 13.10 2.59
CA ARG A 58 -39.83 12.56 2.37
C ARG A 58 -39.69 11.24 3.12
N CYS A 59 -39.00 10.29 2.49
CA CYS A 59 -38.75 8.99 3.10
C CYS A 59 -37.35 8.96 3.70
N LEU A 60 -37.27 8.65 4.99
CA LEU A 60 -36.01 8.48 5.70
C LEU A 60 -35.77 7.02 6.07
N GLY A 61 -36.31 6.11 5.26
CA GLY A 61 -36.11 4.68 5.47
C GLY A 61 -34.66 4.24 5.52
N SER A 62 -33.75 4.92 4.81
CA SER A 62 -32.34 4.48 4.80
C SER A 62 -31.54 4.96 6.00
N LEU A 63 -32.13 5.73 6.91
CA LEU A 63 -31.38 6.21 8.07
C LEU A 63 -31.16 5.07 9.06
N VAL A 64 -29.94 4.94 9.56
CA VAL A 64 -29.63 3.93 10.57
C VAL A 64 -30.42 4.17 11.84
N PHE A 65 -30.38 5.41 12.35
CA PHE A 65 -31.13 5.79 13.55
C PHE A 65 -32.31 6.69 13.17
N PRO A 66 -33.55 6.18 13.15
CA PRO A 66 -34.75 6.97 12.86
C PRO A 66 -35.05 8.08 13.87
N GLU A 81 -47.17 7.26 33.95
CA GLU A 81 -48.30 6.47 34.44
C GLU A 81 -49.24 6.10 33.30
N GLN A 82 -49.00 6.66 32.11
CA GLN A 82 -49.44 6.06 30.86
C GLN A 82 -48.63 4.80 30.53
N LEU A 83 -47.65 4.47 31.38
CA LEU A 83 -47.09 3.14 31.49
C LEU A 83 -48.21 2.11 31.48
N LEU A 84 -49.35 2.49 32.06
CA LEU A 84 -50.51 1.61 32.14
C LEU A 84 -51.01 1.22 30.75
N SER A 85 -51.23 2.22 29.89
CA SER A 85 -51.77 1.93 28.56
C SER A 85 -50.89 0.95 27.81
N GLN A 86 -49.57 1.16 27.84
CA GLN A 86 -48.65 0.18 27.25
C GLN A 86 -48.74 -1.15 27.97
N ALA A 87 -48.81 -1.12 29.31
CA ALA A 87 -48.91 -2.35 30.07
C ALA A 87 -50.20 -3.10 29.73
N ARG A 88 -51.32 -2.37 29.73
CA ARG A 88 -52.58 -2.94 29.27
C ARG A 88 -52.43 -3.61 27.92
N ASP A 89 -51.89 -2.87 26.94
CA ASP A 89 -51.84 -3.36 25.57
C ASP A 89 -51.07 -4.66 25.47
N PHE A 90 -49.96 -4.78 26.18
CA PHE A 90 -49.15 -5.99 26.12
C PHE A 90 -49.88 -7.17 26.73
N ILE A 91 -50.60 -6.97 27.84
CA ILE A 91 -51.30 -8.07 28.47
C ILE A 91 -52.35 -8.64 27.53
N ASN A 92 -53.14 -7.76 26.91
CA ASN A 92 -54.11 -8.19 25.90
C ASN A 92 -53.44 -8.99 24.81
N GLN A 93 -52.31 -8.49 24.29
CA GLN A 93 -51.49 -9.26 23.35
C GLN A 93 -51.21 -10.64 23.91
N TYR A 94 -50.73 -10.70 25.14
CA TYR A 94 -50.36 -11.98 25.73
C TYR A 94 -51.52 -12.95 25.73
N TYR A 95 -52.64 -12.57 26.35
CA TYR A 95 -53.73 -13.52 26.50
C TYR A 95 -54.38 -13.86 25.15
N SER A 96 -54.32 -12.93 24.18
CA SER A 96 -54.81 -13.26 22.84
C SER A 96 -53.97 -14.36 22.20
N SER A 97 -52.65 -14.32 22.41
CA SER A 97 -51.77 -15.32 21.80
C SER A 97 -51.97 -16.71 22.39
N ILE A 98 -52.37 -16.82 23.65
CA ILE A 98 -52.61 -18.13 24.26
C ILE A 98 -54.08 -18.52 24.23
N LYS A 99 -54.90 -17.79 23.47
CA LYS A 99 -56.33 -18.08 23.33
C LYS A 99 -57.06 -18.00 24.67
N ARG A 100 -56.52 -17.19 25.60
CA ARG A 100 -57.19 -16.88 26.87
C ARG A 100 -57.81 -15.49 26.84
N SER A 101 -58.19 -15.02 25.66
CA SER A 101 -58.65 -13.64 25.48
C SER A 101 -59.90 -13.36 26.31
N GLY A 102 -59.85 -12.28 27.09
CA GLY A 102 -60.97 -11.85 27.91
C GLY A 102 -61.40 -12.83 28.98
N SER A 103 -60.68 -13.93 29.16
CA SER A 103 -61.07 -14.96 30.11
C SER A 103 -60.91 -14.46 31.54
N GLN A 104 -61.12 -15.38 32.49
CA GLN A 104 -61.00 -15.05 33.91
C GLN A 104 -59.60 -14.56 34.24
N ALA A 105 -58.58 -15.34 33.87
CA ALA A 105 -57.21 -14.97 34.21
C ALA A 105 -56.78 -13.67 33.52
N HIS A 106 -57.35 -13.37 32.35
CA HIS A 106 -57.02 -12.13 31.68
C HIS A 106 -57.35 -10.93 32.56
N GLU A 107 -58.59 -10.85 33.03
CA GLU A 107 -59.00 -9.69 33.83
C GLU A 107 -58.23 -9.61 35.14
N GLN A 108 -57.85 -10.76 35.68
CA GLN A 108 -57.12 -10.79 36.94
C GLN A 108 -55.73 -10.18 36.79
N ARG A 109 -54.99 -10.62 35.77
CA ARG A 109 -53.68 -10.04 35.48
C ARG A 109 -53.80 -8.54 35.23
N LEU A 110 -54.82 -8.12 34.48
CA LEU A 110 -55.02 -6.70 34.21
C LEU A 110 -55.09 -5.90 35.51
N GLN A 111 -55.83 -6.40 36.49
CA GLN A 111 -56.01 -5.64 37.72
C GLN A 111 -54.77 -5.68 38.62
N GLU A 112 -53.96 -6.74 38.51
CA GLU A 112 -52.72 -6.80 39.29
C GLU A 112 -51.75 -5.68 38.92
N VAL A 113 -51.52 -5.46 37.62
CA VAL A 113 -50.52 -4.47 37.23
C VAL A 113 -50.96 -3.06 37.64
N GLU A 114 -52.26 -2.78 37.59
CA GLU A 114 -52.76 -1.49 38.05
C GLU A 114 -52.41 -1.23 39.52
N ALA A 115 -52.52 -2.26 40.38
CA ALA A 115 -52.17 -2.07 41.79
C ALA A 115 -50.66 -1.86 41.96
N GLU A 116 -49.84 -2.62 41.22
CA GLU A 116 -48.39 -2.49 41.33
C GLU A 116 -47.92 -1.07 41.03
N VAL A 117 -48.35 -0.51 39.89
CA VAL A 117 -47.86 0.81 39.50
C VAL A 117 -48.38 1.88 40.45
N ALA A 118 -49.61 1.71 40.94
CA ALA A 118 -50.13 2.61 41.96
C ALA A 118 -49.30 2.56 43.22
N ALA A 119 -48.91 1.35 43.64
CA ALA A 119 -48.08 1.20 44.84
C ALA A 119 -46.65 1.64 44.60
N THR A 120 -46.06 1.27 43.45
CA THR A 120 -44.62 1.41 43.25
C THR A 120 -44.20 2.31 42.10
N GLY A 121 -45.07 2.55 41.12
CA GLY A 121 -44.70 3.30 39.94
C GLY A 121 -44.32 2.43 38.75
N THR A 122 -44.15 1.13 38.96
CA THR A 122 -43.82 0.19 37.91
C THR A 122 -44.56 -1.11 38.22
N TYR A 123 -44.29 -2.15 37.44
CA TYR A 123 -44.90 -3.45 37.73
C TYR A 123 -43.96 -4.56 37.27
N GLN A 124 -44.22 -5.76 37.75
CA GLN A 124 -43.37 -6.91 37.53
C GLN A 124 -43.99 -7.83 36.48
N LEU A 125 -43.16 -8.27 35.54
CA LEU A 125 -43.59 -9.24 34.55
C LEU A 125 -43.60 -10.65 35.14
N ARG A 126 -44.64 -11.43 34.81
CA ARG A 126 -44.59 -12.87 35.05
C ARG A 126 -43.54 -13.48 34.13
N GLU A 127 -42.93 -14.58 34.59
CA GLU A 127 -41.83 -15.18 33.85
C GLU A 127 -42.27 -15.58 32.45
N SER A 128 -43.51 -16.07 32.32
CA SER A 128 -44.02 -16.42 31.00
C SER A 128 -44.22 -15.17 30.15
N GLU A 129 -44.82 -14.13 30.74
CA GLU A 129 -44.93 -12.84 30.04
C GLU A 129 -43.57 -12.37 29.55
N LEU A 130 -42.53 -12.51 30.39
CA LEU A 130 -41.20 -12.08 29.97
C LEU A 130 -40.68 -12.90 28.80
N VAL A 131 -40.91 -14.22 28.83
CA VAL A 131 -40.51 -15.08 27.71
C VAL A 131 -41.25 -14.67 26.44
N PHE A 132 -42.57 -14.50 26.54
CA PHE A 132 -43.37 -14.09 25.40
C PHE A 132 -42.95 -12.72 24.87
N GLY A 133 -42.62 -11.79 25.78
CA GLY A 133 -42.22 -10.46 25.35
C GLY A 133 -40.87 -10.45 24.67
N ALA A 134 -39.93 -11.27 25.15
CA ALA A 134 -38.65 -11.43 24.46
C ALA A 134 -38.85 -11.98 23.05
N LYS A 135 -39.65 -13.04 22.92
CA LYS A 135 -39.86 -13.64 21.60
C LYS A 135 -40.55 -12.68 20.65
N GLN A 136 -41.55 -11.93 21.14
CA GLN A 136 -42.24 -10.95 20.30
C GLN A 136 -41.31 -9.82 19.89
N ALA A 137 -40.41 -9.38 20.77
CA ALA A 137 -39.54 -8.28 20.40
C ALA A 137 -38.59 -8.71 19.28
N TRP A 138 -38.12 -9.95 19.34
CA TRP A 138 -37.33 -10.49 18.23
C TRP A 138 -38.18 -10.59 16.97
N ARG A 139 -39.35 -11.24 17.08
CA ARG A 139 -40.27 -11.39 15.96
C ARG A 139 -40.67 -10.07 15.31
N ASN A 140 -40.67 -8.98 16.08
CA ASN A 140 -41.05 -7.68 15.56
C ASN A 140 -39.87 -6.87 15.02
N ALA A 141 -38.64 -7.36 15.15
CA ALA A 141 -37.47 -6.58 14.82
C ALA A 141 -37.36 -6.42 13.31
N PRO A 142 -37.59 -5.23 12.74
CA PRO A 142 -37.67 -5.13 11.27
C PRO A 142 -36.39 -5.49 10.56
N ARG A 143 -35.22 -5.29 11.19
CA ARG A 143 -33.93 -5.47 10.54
C ARG A 143 -33.34 -6.87 10.75
N CYS A 144 -34.08 -7.78 11.36
CA CYS A 144 -33.56 -9.13 11.59
C CYS A 144 -34.00 -10.06 10.46
N VAL A 145 -33.04 -10.55 9.68
CA VAL A 145 -33.36 -11.58 8.69
C VAL A 145 -33.51 -12.96 9.31
N GLY A 146 -33.07 -13.16 10.56
CA GLY A 146 -33.09 -14.47 11.19
C GLY A 146 -34.37 -14.88 11.87
N ARG A 147 -35.48 -14.21 11.55
CA ARG A 147 -36.66 -14.34 12.40
C ARG A 147 -37.45 -15.63 12.17
N ILE A 148 -37.12 -16.42 11.14
CA ILE A 148 -37.73 -17.75 11.02
C ILE A 148 -37.60 -18.51 12.34
N GLN A 149 -36.56 -18.22 13.11
CA GLN A 149 -36.22 -18.91 14.35
C GLN A 149 -36.90 -18.33 15.59
N TRP A 150 -37.86 -17.41 15.42
CA TRP A 150 -38.23 -16.54 16.56
C TRP A 150 -38.91 -17.30 17.69
N GLY A 151 -39.50 -18.45 17.40
CA GLY A 151 -40.14 -19.19 18.45
C GLY A 151 -39.23 -20.03 19.30
N LYS A 152 -37.95 -20.09 18.91
CA LYS A 152 -36.95 -20.88 19.62
C LYS A 152 -35.92 -19.91 20.20
N LEU A 153 -36.11 -19.53 21.46
CA LEU A 153 -35.25 -18.59 22.16
C LEU A 153 -35.21 -18.97 23.63
N GLN A 154 -34.00 -19.13 24.16
CA GLN A 154 -33.82 -19.45 25.56
C GLN A 154 -33.73 -18.14 26.34
N VAL A 155 -34.71 -17.89 27.21
CA VAL A 155 -34.75 -16.67 27.99
C VAL A 155 -34.16 -16.96 29.37
N PHE A 156 -33.08 -16.29 29.70
CA PHE A 156 -32.49 -16.36 31.04
C PHE A 156 -32.98 -15.19 31.86
N ASP A 157 -33.69 -15.49 32.95
CA ASP A 157 -34.25 -14.47 33.82
C ASP A 157 -33.18 -14.07 34.83
N ALA A 158 -32.58 -12.90 34.61
CA ALA A 158 -31.58 -12.33 35.51
C ALA A 158 -32.11 -11.13 36.29
N ARG A 159 -33.44 -11.00 36.41
CA ARG A 159 -34.02 -9.82 37.04
C ARG A 159 -33.77 -9.75 38.54
N ASP A 160 -33.31 -10.82 39.16
CA ASP A 160 -32.93 -10.79 40.57
C ASP A 160 -31.48 -10.36 40.75
N CYS A 161 -30.85 -9.84 39.70
CA CYS A 161 -29.44 -9.50 39.73
C CYS A 161 -29.19 -8.25 40.56
N ARG A 162 -28.00 -8.19 41.14
CA ARG A 162 -27.48 -7.00 41.81
C ARG A 162 -25.96 -7.13 41.82
N SER A 163 -25.29 -5.99 41.68
CA SER A 163 -23.82 -5.91 41.53
C SER A 163 -23.32 -6.44 40.19
N ALA A 164 -22.16 -5.93 39.76
CA ALA A 164 -21.63 -6.30 38.46
C ALA A 164 -21.01 -7.69 38.47
N GLN A 165 -20.49 -8.13 39.62
CA GLN A 165 -19.94 -9.48 39.69
C GLN A 165 -21.00 -10.52 39.38
N GLU A 166 -22.26 -10.25 39.73
CA GLU A 166 -23.34 -11.18 39.39
C GLU A 166 -23.69 -11.08 37.91
N MET A 167 -23.81 -9.86 37.39
CA MET A 167 -23.96 -9.67 35.95
C MET A 167 -22.99 -10.55 35.19
N PHE A 168 -21.72 -10.52 35.60
CA PHE A 168 -20.67 -11.23 34.90
C PHE A 168 -20.90 -12.73 34.93
N THR A 169 -21.47 -13.24 36.04
CA THR A 169 -21.79 -14.66 36.12
C THR A 169 -22.96 -15.01 35.20
N TYR A 170 -24.02 -14.21 35.23
CA TYR A 170 -25.13 -14.39 34.30
C TYR A 170 -24.64 -14.37 32.85
N ILE A 171 -23.76 -13.42 32.52
CA ILE A 171 -23.28 -13.30 31.15
C ILE A 171 -22.48 -14.53 30.76
N CYS A 172 -21.57 -14.96 31.63
CA CYS A 172 -20.72 -16.12 31.34
C CYS A 172 -21.55 -17.38 31.15
N ASN A 173 -22.63 -17.52 31.92
CA ASN A 173 -23.51 -18.67 31.74
C ASN A 173 -24.30 -18.54 30.43
N HIS A 174 -24.73 -17.32 30.09
CA HIS A 174 -25.26 -17.07 28.75
C HIS A 174 -24.27 -17.52 27.70
N ILE A 175 -23.04 -16.98 27.75
CA ILE A 175 -22.08 -17.27 26.70
C ILE A 175 -21.83 -18.77 26.60
N LYS A 176 -21.74 -19.44 27.75
CA LYS A 176 -21.52 -20.90 27.76
C LYS A 176 -22.71 -21.66 27.18
N TYR A 177 -23.93 -21.32 27.61
CA TYR A 177 -25.10 -22.00 27.04
C TYR A 177 -25.23 -21.71 25.55
N ALA A 178 -25.11 -20.45 25.16
CA ALA A 178 -25.39 -20.07 23.77
C ALA A 178 -24.35 -20.64 22.82
N THR A 179 -23.09 -20.74 23.27
CA THR A 179 -22.05 -21.27 22.41
C THR A 179 -22.21 -22.77 22.19
N ASN A 180 -22.37 -23.53 23.27
CA ASN A 180 -22.72 -24.94 23.17
C ASN A 180 -21.71 -25.69 22.29
N ARG A 181 -20.44 -25.37 22.50
CA ARG A 181 -19.32 -26.02 21.80
C ARG A 181 -19.47 -25.90 20.28
N GLY A 182 -20.09 -24.82 19.83
CA GLY A 182 -20.22 -24.54 18.42
C GLY A 182 -21.59 -24.80 17.85
N ASN A 183 -22.40 -25.63 18.51
CA ASN A 183 -23.78 -25.86 18.07
C ASN A 183 -24.66 -24.76 18.69
N LEU A 184 -24.68 -23.61 18.02
CA LEU A 184 -25.17 -22.38 18.63
C LEU A 184 -26.67 -22.43 18.92
N ARG A 185 -27.06 -21.82 20.04
CA ARG A 185 -28.45 -21.77 20.46
C ARG A 185 -28.82 -20.35 20.83
N SER A 186 -29.93 -19.86 20.29
CA SER A 186 -30.35 -18.50 20.56
C SER A 186 -30.74 -18.32 22.03
N ALA A 187 -30.36 -17.18 22.60
CA ALA A 187 -30.64 -16.96 24.02
C ALA A 187 -30.66 -15.46 24.29
N ILE A 188 -31.42 -15.07 25.31
CA ILE A 188 -31.37 -13.72 25.85
C ILE A 188 -31.31 -13.82 27.36
N THR A 189 -30.50 -12.96 27.97
CA THR A 189 -30.49 -12.81 29.42
C THR A 189 -31.08 -11.45 29.74
N VAL A 190 -32.02 -11.40 30.68
CA VAL A 190 -32.78 -10.20 30.96
C VAL A 190 -32.44 -9.71 32.36
N PHE A 191 -31.70 -8.61 32.45
CA PHE A 191 -31.30 -8.01 33.71
C PHE A 191 -32.38 -7.07 34.21
N PRO A 192 -32.29 -6.59 35.47
CA PRO A 192 -33.41 -5.83 36.04
C PRO A 192 -33.79 -4.61 35.21
N GLN A 193 -35.10 -4.38 35.14
CA GLN A 193 -35.63 -3.22 34.42
C GLN A 193 -35.18 -1.92 35.07
N ARG A 194 -35.27 -0.85 34.29
CA ARG A 194 -35.12 0.48 34.86
C ARG A 194 -36.32 0.79 35.73
N CYS A 195 -36.11 1.62 36.74
CA CYS A 195 -37.18 2.09 37.60
C CYS A 195 -36.80 3.48 38.09
N PRO A 196 -37.76 4.25 38.59
CA PRO A 196 -37.44 5.63 39.01
C PRO A 196 -36.54 5.67 40.24
N GLY A 197 -35.87 6.80 40.39
CA GLY A 197 -35.04 7.06 41.56
C GLY A 197 -33.89 6.10 41.77
N ARG A 198 -33.43 5.46 40.69
CA ARG A 198 -32.41 4.42 40.79
C ARG A 198 -31.79 4.25 39.41
N GLY A 199 -30.49 3.94 39.39
CA GLY A 199 -29.75 3.85 38.14
C GLY A 199 -30.18 2.74 37.20
N ASP A 200 -29.22 2.24 36.42
CA ASP A 200 -29.50 1.20 35.44
C ASP A 200 -28.36 0.20 35.40
N PHE A 201 -28.71 -1.06 35.17
CA PHE A 201 -27.73 -2.01 34.69
C PHE A 201 -27.46 -1.71 33.22
N ARG A 202 -26.19 -1.56 32.87
CA ARG A 202 -25.80 -1.37 31.48
C ARG A 202 -24.58 -2.22 31.19
N ILE A 203 -24.56 -2.79 29.99
CA ILE A 203 -23.37 -3.42 29.45
C ILE A 203 -22.76 -2.38 28.52
N TRP A 204 -21.58 -1.87 28.89
CA TRP A 204 -20.99 -0.79 28.10
C TRP A 204 -20.56 -1.26 26.72
N ASN A 205 -20.10 -2.51 26.60
CA ASN A 205 -19.73 -3.06 25.31
C ASN A 205 -20.97 -3.22 24.43
N SER A 206 -20.81 -2.92 23.14
CA SER A 206 -21.89 -3.13 22.19
C SER A 206 -22.17 -4.61 21.95
N GLN A 207 -21.16 -5.46 22.09
CA GLN A 207 -21.33 -6.91 22.04
C GLN A 207 -20.50 -7.55 23.14
N LEU A 208 -20.91 -8.75 23.56
CA LEU A 208 -20.16 -9.48 24.57
C LEU A 208 -18.76 -9.82 24.08
N VAL A 209 -18.63 -10.16 22.80
CA VAL A 209 -17.34 -10.44 22.20
C VAL A 209 -17.05 -9.33 21.19
N ARG A 210 -16.03 -8.52 21.48
CA ARG A 210 -15.58 -7.48 20.57
C ARG A 210 -14.06 -7.47 20.55
N TYR A 211 -13.48 -7.33 19.36
CA TYR A 211 -12.03 -7.16 19.26
C TYR A 211 -11.64 -5.71 19.53
N ALA A 212 -10.45 -5.53 20.11
CA ALA A 212 -9.99 -4.20 20.46
C ALA A 212 -9.69 -3.36 19.22
N GLY A 213 -9.89 -2.06 19.35
CA GLY A 213 -9.44 -1.11 18.35
C GLY A 213 -8.43 -0.12 18.90
N TYR A 214 -7.17 -0.21 18.47
CA TYR A 214 -6.07 0.60 19.00
C TYR A 214 -5.66 1.66 17.99
N ARG A 215 -5.81 2.93 18.36
CA ARG A 215 -5.39 4.01 17.48
C ARG A 215 -3.87 4.15 17.51
N GLN A 216 -3.30 4.50 16.36
CA GLN A 216 -1.86 4.59 16.19
C GLN A 216 -1.44 6.04 16.00
N GLN A 217 -0.16 6.31 16.27
CA GLN A 217 0.43 7.64 16.14
C GLN A 217 0.55 8.11 14.70
N ASP A 218 0.19 7.25 13.73
CA ASP A 218 -0.02 7.68 12.37
C ASP A 218 -1.51 7.74 12.02
N GLY A 219 -2.37 7.80 13.03
CA GLY A 219 -3.79 7.96 12.87
C GLY A 219 -4.56 6.68 12.63
N SER A 220 -3.92 5.67 12.05
CA SER A 220 -4.59 4.42 11.69
C SER A 220 -5.04 3.66 12.94
N VAL A 221 -5.76 2.57 12.71
CA VAL A 221 -6.24 1.70 13.77
C VAL A 221 -5.75 0.28 13.50
N ARG A 222 -5.09 -0.30 14.49
CA ARG A 222 -4.79 -1.72 14.50
C ARG A 222 -5.87 -2.41 15.31
N GLY A 223 -6.56 -3.37 14.70
CA GLY A 223 -7.74 -3.95 15.31
C GLY A 223 -9.01 -3.47 14.64
N ASP A 224 -10.09 -3.37 15.41
CA ASP A 224 -11.40 -3.11 14.84
C ASP A 224 -11.77 -1.65 15.05
N PRO A 225 -11.82 -0.84 13.99
CA PRO A 225 -12.12 0.59 14.20
C PRO A 225 -13.45 0.82 14.88
N ALA A 226 -14.42 -0.09 14.70
CA ALA A 226 -15.70 0.05 15.36
C ALA A 226 -15.58 0.13 16.88
N ASN A 227 -14.49 -0.40 17.45
CA ASN A 227 -14.39 -0.53 18.89
C ASN A 227 -13.30 0.35 19.48
N VAL A 228 -12.90 1.40 18.77
CA VAL A 228 -11.84 2.28 19.26
C VAL A 228 -12.30 3.03 20.51
N GLU A 229 -13.60 3.33 20.62
CA GLU A 229 -14.09 4.07 21.77
C GLU A 229 -14.17 3.19 23.01
N ILE A 230 -14.75 2.00 22.90
CA ILE A 230 -14.85 1.13 24.05
C ILE A 230 -13.47 0.62 24.47
N THR A 231 -12.54 0.54 23.52
CA THR A 231 -11.19 0.11 23.86
C THR A 231 -10.48 1.16 24.70
N GLU A 232 -10.63 2.44 24.36
CA GLU A 232 -10.00 3.45 25.20
C GLU A 232 -10.64 3.52 26.57
N LEU A 233 -11.94 3.24 26.68
CA LEU A 233 -12.59 3.17 27.98
C LEU A 233 -12.05 2.02 28.82
N CYS A 234 -11.97 0.82 28.23
CA CYS A 234 -11.41 -0.32 28.94
C CYS A 234 -10.01 -0.01 29.45
N ILE A 235 -9.21 0.68 28.64
CA ILE A 235 -7.89 1.10 29.09
C ILE A 235 -8.02 2.13 30.21
N GLN A 236 -8.87 3.13 30.02
CA GLN A 236 -9.06 4.15 31.05
C GLN A 236 -9.66 3.60 32.33
N HIS A 237 -10.13 2.35 32.33
CA HIS A 237 -10.62 1.70 33.53
C HIS A 237 -9.70 0.60 34.02
N GLY A 238 -8.46 0.55 33.50
CA GLY A 238 -7.41 -0.27 34.07
C GLY A 238 -6.92 -1.41 33.22
N TRP A 239 -7.57 -1.70 32.09
CA TRP A 239 -7.22 -2.87 31.31
C TRP A 239 -5.87 -2.70 30.65
N THR A 240 -5.02 -3.70 30.78
CA THR A 240 -3.77 -3.75 30.02
C THR A 240 -4.07 -4.05 28.56
N PRO A 241 -3.91 -3.09 27.65
CA PRO A 241 -4.21 -3.36 26.25
C PRO A 241 -3.23 -4.36 25.66
N GLY A 242 -3.70 -5.11 24.67
CA GLY A 242 -2.83 -5.90 23.84
C GLY A 242 -2.21 -5.05 22.73
N ASN A 243 -1.61 -5.75 21.77
CA ASN A 243 -1.17 -5.08 20.55
C ASN A 243 -1.50 -5.90 19.31
N GLY A 244 -2.61 -6.63 19.35
CA GLY A 244 -2.97 -7.50 18.24
C GLY A 244 -4.24 -7.06 17.54
N ARG A 245 -4.43 -7.53 16.30
CA ARG A 245 -5.62 -7.21 15.52
C ARG A 245 -6.87 -7.93 15.98
N PHE A 246 -6.75 -8.87 16.92
CA PHE A 246 -7.91 -9.63 17.37
C PHE A 246 -7.85 -9.87 18.88
N ASP A 247 -7.44 -8.86 19.65
CA ASP A 247 -7.49 -8.93 21.10
C ASP A 247 -8.94 -8.82 21.57
N VAL A 248 -9.45 -9.88 22.18
CA VAL A 248 -10.82 -9.85 22.69
C VAL A 248 -10.89 -8.87 23.84
N LEU A 249 -11.91 -8.00 23.81
CA LEU A 249 -11.97 -6.92 24.79
C LEU A 249 -12.49 -7.43 26.13
N PRO A 250 -12.18 -6.73 27.21
CA PRO A 250 -12.83 -7.02 28.49
C PRO A 250 -14.25 -6.48 28.49
N LEU A 251 -15.04 -7.01 29.40
CA LEU A 251 -16.40 -6.54 29.62
C LEU A 251 -16.38 -5.38 30.62
N LEU A 252 -17.02 -4.28 30.24
CA LEU A 252 -17.25 -3.16 31.15
C LEU A 252 -18.71 -3.23 31.57
N LEU A 253 -18.95 -3.84 32.73
CA LEU A 253 -20.29 -4.03 33.26
C LEU A 253 -20.58 -2.98 34.33
N GLN A 254 -21.81 -2.47 34.32
CA GLN A 254 -22.19 -1.36 35.17
C GLN A 254 -23.45 -1.74 35.95
N ALA A 255 -23.31 -1.87 37.26
CA ALA A 255 -24.45 -1.98 38.16
C ALA A 255 -25.00 -0.57 38.46
N PRO A 256 -26.26 -0.47 38.88
CA PRO A 256 -26.87 0.87 39.02
C PRO A 256 -26.12 1.74 40.02
N ASP A 257 -25.91 3.00 39.62
CA ASP A 257 -25.30 4.06 40.42
C ASP A 257 -23.86 3.78 40.79
N GLU A 258 -23.21 2.80 40.17
CA GLU A 258 -21.81 2.57 40.42
C GLU A 258 -21.02 2.77 39.14
N PRO A 259 -19.73 3.12 39.23
CA PRO A 259 -18.89 3.08 38.04
C PRO A 259 -18.78 1.67 37.51
N PRO A 260 -18.51 1.52 36.22
CA PRO A 260 -18.43 0.16 35.66
C PRO A 260 -17.15 -0.53 36.09
N GLU A 261 -17.21 -1.87 36.10
CA GLU A 261 -16.10 -2.70 36.55
C GLU A 261 -15.62 -3.56 35.38
N LEU A 262 -14.30 -3.68 35.26
CA LEU A 262 -13.69 -4.49 34.20
C LEU A 262 -13.74 -5.96 34.56
N PHE A 263 -14.26 -6.77 33.64
CA PHE A 263 -14.26 -8.22 33.80
C PHE A 263 -13.63 -8.84 32.56
N LEU A 264 -12.64 -9.68 32.76
CA LEU A 264 -11.97 -10.37 31.66
C LEU A 264 -12.73 -11.65 31.35
N LEU A 265 -12.97 -11.90 30.06
CA LEU A 265 -13.67 -13.11 29.65
C LEU A 265 -12.70 -14.29 29.64
N PRO A 266 -13.01 -15.37 30.35
CA PRO A 266 -12.14 -16.57 30.29
C PRO A 266 -11.94 -17.00 28.85
N PRO A 267 -10.70 -17.03 28.38
CA PRO A 267 -10.45 -17.31 26.95
C PRO A 267 -11.09 -18.60 26.46
N GLU A 268 -11.22 -19.61 27.33
CA GLU A 268 -11.89 -20.85 26.94
C GLU A 268 -13.40 -20.66 26.77
N LEU A 269 -13.96 -19.59 27.32
CA LEU A 269 -15.37 -19.29 27.10
C LEU A 269 -15.63 -18.66 25.74
N VAL A 270 -14.62 -18.07 25.10
CA VAL A 270 -14.78 -17.28 23.90
C VAL A 270 -14.34 -18.14 22.72
N LEU A 271 -15.29 -18.78 22.06
CA LEU A 271 -14.99 -19.64 20.91
C LEU A 271 -14.63 -18.78 19.72
N GLU A 272 -13.47 -19.04 19.12
CA GLU A 272 -13.02 -18.28 17.96
C GLU A 272 -12.71 -19.22 16.81
N VAL A 273 -12.98 -18.77 15.59
CA VAL A 273 -12.78 -19.56 14.39
C VAL A 273 -11.63 -18.94 13.60
N PRO A 274 -10.49 -19.61 13.50
CA PRO A 274 -9.46 -19.12 12.58
C PRO A 274 -9.96 -19.26 11.14
N LEU A 275 -9.63 -18.28 10.29
CA LEU A 275 -10.16 -18.24 8.93
C LEU A 275 -9.15 -18.85 7.97
N GLU A 276 -9.61 -19.83 7.20
CA GLU A 276 -8.82 -20.44 6.15
C GLU A 276 -9.70 -20.58 4.92
N HIS A 277 -9.06 -20.82 3.79
CA HIS A 277 -9.85 -20.92 2.58
C HIS A 277 -9.70 -22.31 1.99
N PRO A 278 -10.76 -22.89 1.42
CA PRO A 278 -10.67 -24.29 0.98
C PRO A 278 -9.62 -24.54 -0.10
N THR A 279 -9.31 -23.55 -0.94
CA THR A 279 -8.38 -23.77 -2.04
C THR A 279 -7.24 -22.76 -2.12
N LEU A 280 -7.34 -21.60 -1.46
CA LEU A 280 -6.29 -20.59 -1.45
C LEU A 280 -5.47 -20.79 -0.17
N GLU A 281 -4.37 -21.55 -0.29
CA GLU A 281 -3.60 -21.97 0.88
C GLU A 281 -2.99 -20.80 1.64
N TRP A 282 -2.73 -19.69 0.96
CA TRP A 282 -2.16 -18.52 1.63
C TRP A 282 -3.16 -17.77 2.51
N PHE A 283 -4.45 -18.07 2.41
CA PHE A 283 -5.44 -17.25 3.13
C PHE A 283 -5.24 -17.36 4.64
N ALA A 284 -4.97 -18.58 5.11
CA ALA A 284 -4.75 -18.79 6.53
C ALA A 284 -3.62 -17.92 7.05
N ALA A 285 -2.58 -17.71 6.25
CA ALA A 285 -1.44 -16.98 6.76
C ALA A 285 -1.75 -15.50 6.96
N LEU A 286 -2.88 -15.02 6.43
CA LEU A 286 -3.30 -13.66 6.75
C LEU A 286 -3.62 -13.50 8.23
N GLY A 287 -3.78 -14.60 8.96
CA GLY A 287 -4.03 -14.52 10.39
C GLY A 287 -5.40 -14.00 10.74
N LEU A 288 -6.36 -14.11 9.85
CA LEU A 288 -7.71 -13.66 10.13
C LEU A 288 -8.42 -14.63 11.06
N ARG A 289 -9.30 -14.08 11.89
CA ARG A 289 -10.15 -14.89 12.74
C ARG A 289 -11.41 -14.11 13.03
N TRP A 290 -12.45 -14.83 13.45
CA TRP A 290 -13.61 -14.18 14.06
C TRP A 290 -14.15 -15.08 15.15
N TYR A 291 -15.11 -14.56 15.90
CA TYR A 291 -15.64 -15.27 17.06
C TYR A 291 -16.99 -15.92 16.72
N ALA A 292 -17.30 -16.99 17.47
CA ALA A 292 -18.46 -17.80 17.17
C ALA A 292 -19.77 -17.09 17.47
N LEU A 293 -19.83 -16.31 18.55
CA LEU A 293 -21.11 -15.94 19.14
C LEU A 293 -21.39 -14.46 18.91
N PRO A 294 -22.38 -14.09 18.06
CA PRO A 294 -22.81 -12.69 17.97
C PRO A 294 -23.80 -12.41 19.09
N ALA A 295 -23.38 -11.61 20.06
CA ALA A 295 -24.15 -11.38 21.28
C ALA A 295 -24.28 -9.87 21.49
N VAL A 296 -25.43 -9.34 21.11
CA VAL A 296 -25.67 -7.89 21.12
C VAL A 296 -26.07 -7.46 22.53
N SER A 297 -25.32 -6.51 23.09
CA SER A 297 -25.45 -6.18 24.50
C SER A 297 -25.70 -4.69 24.76
N ASN A 298 -26.06 -3.91 23.75
CA ASN A 298 -26.23 -2.47 23.93
C ASN A 298 -27.63 -2.00 23.55
N MET A 299 -28.53 -2.90 23.18
CA MET A 299 -29.88 -2.52 22.83
C MET A 299 -30.80 -2.65 24.04
N LEU A 300 -31.89 -1.89 23.99
CA LEU A 300 -32.83 -1.86 25.10
C LEU A 300 -34.04 -2.71 24.72
N LEU A 301 -34.45 -3.59 25.61
CA LEU A 301 -35.65 -4.39 25.45
C LEU A 301 -36.81 -3.68 26.12
N GLU A 302 -37.91 -3.50 25.37
CA GLU A 302 -39.10 -2.85 25.86
C GLU A 302 -40.27 -3.83 25.80
N ILE A 303 -40.92 -4.05 26.94
CA ILE A 303 -42.04 -4.99 27.05
C ILE A 303 -43.14 -4.32 27.87
N GLY A 304 -44.30 -4.11 27.24
CA GLY A 304 -45.45 -3.59 27.99
C GLY A 304 -45.20 -2.31 28.73
N GLY A 305 -44.43 -1.39 28.13
CA GLY A 305 -44.07 -0.14 28.78
C GLY A 305 -42.90 -0.24 29.74
N LEU A 306 -42.38 -1.44 29.99
CA LEU A 306 -41.18 -1.62 30.79
C LEU A 306 -39.94 -1.62 29.89
N GLU A 307 -38.82 -1.20 30.46
CA GLU A 307 -37.60 -1.02 29.69
C GLU A 307 -36.44 -1.73 30.38
N PHE A 308 -35.77 -2.59 29.64
CA PHE A 308 -34.64 -3.34 30.17
C PHE A 308 -33.38 -2.88 29.45
N PRO A 309 -32.64 -1.91 30.00
CA PRO A 309 -31.47 -1.39 29.29
C PRO A 309 -30.36 -2.41 29.12
N ALA A 310 -30.38 -3.50 29.89
CA ALA A 310 -29.37 -4.57 29.79
C ALA A 310 -30.11 -5.88 29.58
N ALA A 311 -30.11 -6.36 28.33
CA ALA A 311 -30.79 -7.60 27.97
C ALA A 311 -30.08 -8.20 26.77
N PRO A 312 -28.88 -8.74 26.97
CA PRO A 312 -28.08 -9.21 25.83
C PRO A 312 -28.70 -10.45 25.21
N PHE A 313 -28.72 -10.47 23.88
CA PHE A 313 -29.25 -11.60 23.13
C PHE A 313 -28.22 -12.06 22.11
N SER A 314 -28.31 -13.32 21.71
CA SER A 314 -27.34 -13.89 20.81
C SER A 314 -28.02 -14.94 19.95
N GLY A 315 -27.55 -15.08 18.73
CA GLY A 315 -28.07 -16.09 17.85
C GLY A 315 -26.89 -16.81 17.24
N TRP A 316 -26.82 -16.78 15.92
CA TRP A 316 -25.61 -17.14 15.21
C TRP A 316 -25.46 -16.20 14.03
N TYR A 317 -24.28 -16.22 13.43
CA TYR A 317 -23.96 -15.29 12.37
C TYR A 317 -24.53 -15.73 11.03
N MET A 318 -24.91 -14.74 10.22
CA MET A 318 -25.02 -14.91 8.78
C MET A 318 -23.67 -14.56 8.21
N SER A 319 -23.17 -15.39 7.29
CA SER A 319 -21.77 -15.29 6.89
C SER A 319 -21.42 -13.91 6.32
N THR A 320 -22.36 -13.24 5.63
CA THR A 320 -22.02 -11.93 5.09
C THR A 320 -21.75 -10.90 6.19
N GLU A 321 -22.27 -11.11 7.40
CA GLU A 321 -21.93 -10.17 8.47
C GLU A 321 -20.44 -10.13 8.72
N ILE A 322 -19.81 -11.31 8.72
CA ILE A 322 -18.38 -11.41 8.98
C ILE A 322 -17.58 -11.11 7.71
N GLY A 323 -17.89 -11.83 6.62
CA GLY A 323 -17.02 -11.79 5.46
C GLY A 323 -17.17 -10.54 4.61
N THR A 324 -18.32 -9.89 4.63
CA THR A 324 -18.48 -8.65 3.88
C THR A 324 -18.39 -7.42 4.77
N ARG A 325 -19.24 -7.33 5.80
CA ARG A 325 -19.29 -6.11 6.59
C ARG A 325 -18.07 -5.98 7.53
N ASN A 326 -17.83 -6.99 8.38
CA ASN A 326 -16.82 -6.82 9.42
C ASN A 326 -15.41 -6.79 8.84
N LEU A 327 -15.15 -7.59 7.81
CA LEU A 327 -13.80 -7.70 7.27
C LEU A 327 -13.57 -6.79 6.07
N CYS A 328 -14.62 -6.48 5.28
CA CYS A 328 -14.41 -5.70 4.05
C CYS A 328 -14.93 -4.27 4.08
N ASP A 329 -15.77 -3.88 5.05
CA ASP A 329 -16.13 -2.46 5.16
C ASP A 329 -14.88 -1.60 5.19
N PRO A 330 -14.88 -0.44 4.51
CA PRO A 330 -13.71 0.46 4.56
C PRO A 330 -13.40 0.94 5.96
N HIS A 331 -14.41 1.11 6.79
CA HIS A 331 -14.22 1.61 8.14
C HIS A 331 -14.11 0.49 9.16
N ARG A 332 -14.05 -0.77 8.71
CA ARG A 332 -13.75 -1.86 9.64
C ARG A 332 -12.37 -2.42 9.33
N TYR A 333 -12.24 -3.75 9.27
CA TYR A 333 -10.91 -4.31 8.99
C TYR A 333 -10.43 -4.02 7.57
N ASN A 334 -11.34 -3.80 6.61
CA ASN A 334 -10.96 -3.23 5.33
C ASN A 334 -9.86 -4.07 4.65
N ILE A 335 -10.08 -5.39 4.60
CA ILE A 335 -9.06 -6.33 4.12
C ILE A 335 -9.17 -6.62 2.63
N LEU A 336 -10.17 -6.05 1.96
CA LEU A 336 -10.48 -6.42 0.58
C LEU A 336 -9.27 -6.32 -0.34
N GLU A 337 -8.56 -5.19 -0.30
CA GLU A 337 -7.45 -5.03 -1.22
C GLU A 337 -6.31 -5.98 -0.87
N ASP A 338 -6.13 -6.27 0.42
CA ASP A 338 -5.16 -7.28 0.82
C ASP A 338 -5.46 -8.61 0.15
N VAL A 339 -6.71 -9.06 0.22
CA VAL A 339 -7.07 -10.35 -0.35
C VAL A 339 -6.91 -10.33 -1.87
N ALA A 340 -7.35 -9.25 -2.52
CA ALA A 340 -7.21 -9.15 -3.98
C ALA A 340 -5.74 -9.18 -4.40
N VAL A 341 -4.85 -8.55 -3.61
CA VAL A 341 -3.41 -8.63 -3.91
C VAL A 341 -2.93 -10.07 -3.81
N CYS A 342 -3.38 -10.81 -2.79
CA CYS A 342 -2.93 -12.19 -2.65
C CYS A 342 -3.49 -13.06 -3.77
N MET A 343 -4.69 -12.74 -4.27
CA MET A 343 -5.28 -13.43 -5.40
C MET A 343 -4.70 -12.99 -6.74
N ASP A 344 -3.75 -12.04 -6.72
CA ASP A 344 -3.15 -11.49 -7.94
C ASP A 344 -4.20 -10.94 -8.90
N LEU A 345 -5.14 -10.17 -8.38
CA LEU A 345 -6.15 -9.55 -9.21
C LEU A 345 -5.66 -8.18 -9.68
N ASP A 346 -6.18 -7.75 -10.83
CA ASP A 346 -5.87 -6.42 -11.34
C ASP A 346 -6.64 -5.38 -10.53
N THR A 347 -5.96 -4.72 -9.59
CA THR A 347 -6.64 -3.78 -8.72
C THR A 347 -6.57 -2.33 -9.21
N ARG A 348 -6.05 -2.09 -10.41
CA ARG A 348 -5.96 -0.71 -10.86
C ARG A 348 -7.16 -0.29 -11.71
N THR A 349 -8.05 -1.20 -12.06
CA THR A 349 -9.28 -0.86 -12.77
C THR A 349 -10.47 -1.48 -12.06
N THR A 350 -11.47 -0.64 -11.74
CA THR A 350 -12.70 -1.14 -11.15
C THR A 350 -13.37 -2.21 -12.02
N SER A 351 -13.25 -2.07 -13.34
CA SER A 351 -14.05 -2.93 -14.21
C SER A 351 -13.54 -4.36 -14.27
N SER A 352 -12.39 -4.66 -13.65
CA SER A 352 -12.01 -6.06 -13.47
C SER A 352 -12.85 -6.77 -12.42
N LEU A 353 -13.62 -6.01 -11.64
CA LEU A 353 -14.44 -6.55 -10.55
C LEU A 353 -13.59 -7.27 -9.51
N TRP A 354 -12.38 -6.76 -9.27
CA TRP A 354 -11.50 -7.36 -8.27
C TRP A 354 -12.10 -7.25 -6.88
N LYS A 355 -12.87 -6.20 -6.60
CA LYS A 355 -13.48 -6.12 -5.27
C LYS A 355 -14.50 -7.22 -5.09
N ASP A 356 -15.29 -7.49 -6.14
CA ASP A 356 -16.31 -8.53 -6.09
C ASP A 356 -15.68 -9.93 -5.96
N LYS A 357 -14.63 -10.21 -6.73
CA LYS A 357 -14.00 -11.53 -6.63
C LYS A 357 -13.37 -11.77 -5.26
N ALA A 358 -12.71 -10.74 -4.72
CA ALA A 358 -12.10 -10.88 -3.39
C ALA A 358 -13.18 -11.07 -2.32
N ALA A 359 -14.25 -10.27 -2.38
CA ALA A 359 -15.33 -10.40 -1.41
C ALA A 359 -15.92 -11.81 -1.40
N VAL A 360 -16.11 -12.40 -2.57
CA VAL A 360 -16.71 -13.74 -2.65
C VAL A 360 -15.79 -14.76 -1.97
N GLU A 361 -14.51 -14.71 -2.29
CA GLU A 361 -13.62 -15.70 -1.70
C GLU A 361 -13.49 -15.51 -0.19
N ILE A 362 -13.60 -14.27 0.29
CA ILE A 362 -13.59 -14.04 1.74
C ILE A 362 -14.84 -14.66 2.38
N ASN A 363 -16.02 -14.45 1.78
CA ASN A 363 -17.20 -15.11 2.31
C ASN A 363 -17.12 -16.63 2.21
N VAL A 364 -16.50 -17.15 1.15
CA VAL A 364 -16.22 -18.58 1.05
C VAL A 364 -15.36 -19.03 2.23
N ALA A 365 -14.28 -18.31 2.49
CA ALA A 365 -13.40 -18.63 3.62
C ALA A 365 -14.17 -18.66 4.94
N VAL A 366 -15.07 -17.69 5.15
CA VAL A 366 -15.85 -17.65 6.39
C VAL A 366 -16.74 -18.87 6.49
N LEU A 367 -17.48 -19.18 5.41
CA LEU A 367 -18.37 -20.34 5.42
C LEU A 367 -17.57 -21.62 5.62
N HIS A 368 -16.47 -21.78 4.88
CA HIS A 368 -15.65 -22.96 5.01
C HIS A 368 -15.07 -23.07 6.42
N SER A 369 -14.59 -21.97 6.99
CA SER A 369 -13.91 -22.02 8.27
C SER A 369 -14.86 -22.35 9.42
N TYR A 370 -16.06 -21.76 9.41
CA TYR A 370 -17.06 -22.06 10.43
C TYR A 370 -17.54 -23.50 10.32
N GLN A 371 -17.88 -23.94 9.12
CA GLN A 371 -18.30 -25.33 8.94
C GLN A 371 -17.20 -26.29 9.35
N LEU A 372 -15.95 -26.00 8.98
CA LEU A 372 -14.85 -26.87 9.38
C LEU A 372 -14.70 -26.91 10.90
N ALA A 373 -14.92 -25.77 11.56
CA ALA A 373 -14.84 -25.70 13.02
C ALA A 373 -16.11 -26.15 13.71
N LYS A 374 -17.14 -26.54 12.95
CA LYS A 374 -18.40 -27.03 13.50
C LYS A 374 -19.07 -25.96 14.36
N VAL A 375 -18.96 -24.71 13.91
CA VAL A 375 -19.66 -23.58 14.51
C VAL A 375 -20.82 -23.19 13.61
N THR A 376 -22.01 -23.12 14.18
CA THR A 376 -23.20 -22.79 13.40
C THR A 376 -23.01 -21.48 12.64
N ILE A 377 -23.35 -21.49 11.36
CA ILE A 377 -23.34 -20.29 10.53
C ILE A 377 -24.32 -20.52 9.40
N VAL A 378 -24.89 -19.44 8.88
CA VAL A 378 -25.83 -19.54 7.76
C VAL A 378 -25.37 -18.62 6.65
N ASP A 379 -25.44 -19.11 5.41
CA ASP A 379 -25.05 -18.25 4.31
C ASP A 379 -26.24 -17.37 3.90
N HIS A 380 -25.95 -16.29 3.18
CA HIS A 380 -27.01 -15.33 2.90
C HIS A 380 -28.09 -15.88 1.97
N HIS A 381 -27.79 -16.90 1.17
CA HIS A 381 -28.84 -17.50 0.35
C HIS A 381 -29.80 -18.31 1.21
N ALA A 382 -29.27 -19.16 2.10
CA ALA A 382 -30.18 -19.92 2.97
C ALA A 382 -30.98 -18.99 3.88
N ALA A 383 -30.34 -17.95 4.41
CA ALA A 383 -31.03 -17.06 5.33
C ALA A 383 -32.17 -16.32 4.64
N THR A 384 -31.93 -15.82 3.42
CA THR A 384 -32.98 -15.06 2.76
C THR A 384 -34.12 -15.95 2.29
N ALA A 385 -33.80 -17.17 1.87
CA ALA A 385 -34.86 -18.13 1.57
C ALA A 385 -35.70 -18.40 2.82
N SER A 386 -35.06 -18.50 3.98
CA SER A 386 -35.80 -18.74 5.21
CA SER A 386 -35.78 -18.74 5.22
C SER A 386 -36.62 -17.52 5.60
N PHE A 387 -36.08 -16.32 5.40
CA PHE A 387 -36.87 -15.14 5.71
C PHE A 387 -38.11 -15.05 4.83
N MET A 388 -37.99 -15.45 3.56
CA MET A 388 -39.18 -15.51 2.70
C MET A 388 -40.23 -16.46 3.28
N LYS A 389 -39.80 -17.61 3.79
CA LYS A 389 -40.74 -18.51 4.45
C LYS A 389 -41.38 -17.83 5.66
N HIS A 390 -40.55 -17.13 6.44
CA HIS A 390 -41.05 -16.41 7.60
C HIS A 390 -42.12 -15.40 7.19
N LEU A 391 -41.89 -14.70 6.05
CA LEU A 391 -42.88 -13.74 5.56
C LEU A 391 -44.21 -14.42 5.28
N GLU A 392 -44.19 -15.58 4.63
CA GLU A 392 -45.42 -16.30 4.36
C GLU A 392 -46.11 -16.73 5.66
N ASN A 393 -45.36 -17.36 6.57
CA ASN A 393 -45.91 -17.75 7.87
C ASN A 393 -46.52 -16.56 8.60
N GLU A 394 -45.81 -15.43 8.59
CA GLU A 394 -46.30 -14.26 9.31
C GLU A 394 -47.50 -13.65 8.63
N GLN A 395 -47.53 -13.68 7.30
CA GLN A 395 -48.74 -13.24 6.60
C GLN A 395 -49.95 -14.01 7.12
N LYS A 396 -49.84 -15.34 7.18
CA LYS A 396 -50.95 -16.14 7.70
C LYS A 396 -51.14 -15.98 9.19
N ALA A 397 -50.05 -15.79 9.94
CA ALA A 397 -50.18 -15.69 11.39
C ALA A 397 -50.81 -14.36 11.82
N ARG A 398 -50.35 -13.25 11.23
CA ARG A 398 -50.65 -11.91 11.75
C ARG A 398 -51.05 -10.90 10.69
N GLY A 399 -51.20 -11.30 9.43
CA GLY A 399 -51.53 -10.35 8.40
C GLY A 399 -50.40 -9.46 7.93
N GLY A 400 -49.15 -9.80 8.27
CA GLY A 400 -48.04 -9.02 7.78
C GLY A 400 -46.79 -9.23 8.62
N CYS A 401 -45.81 -8.38 8.36
CA CYS A 401 -44.51 -8.55 9.00
C CYS A 401 -43.66 -7.31 8.75
N PRO A 402 -43.31 -6.55 9.80
CA PRO A 402 -42.46 -5.38 9.60
C PRO A 402 -41.06 -5.81 9.17
N ALA A 403 -40.58 -5.23 8.08
CA ALA A 403 -39.30 -5.63 7.54
C ALA A 403 -38.65 -4.41 6.92
N ASP A 404 -37.36 -4.25 7.18
CA ASP A 404 -36.56 -3.13 6.71
C ASP A 404 -35.74 -3.64 5.52
N TRP A 405 -36.26 -3.37 4.32
CA TRP A 405 -35.70 -3.92 3.09
C TRP A 405 -34.20 -3.72 3.01
N ALA A 406 -33.73 -2.50 3.33
CA ALA A 406 -32.32 -2.18 3.25
C ALA A 406 -31.47 -3.09 4.13
N TRP A 407 -32.01 -3.53 5.26
CA TRP A 407 -31.27 -4.39 6.18
C TRP A 407 -31.51 -5.87 5.91
N ILE A 408 -32.64 -6.23 5.32
CA ILE A 408 -32.93 -7.64 5.02
C ILE A 408 -32.15 -8.09 3.80
N VAL A 409 -32.06 -7.25 2.77
CA VAL A 409 -31.29 -7.64 1.58
C VAL A 409 -29.79 -7.72 1.92
N PRO A 410 -29.12 -8.83 1.61
CA PRO A 410 -27.69 -9.01 2.00
C PRO A 410 -26.78 -7.97 1.37
N PRO A 411 -25.61 -7.69 1.97
CA PRO A 411 -24.73 -6.66 1.43
C PRO A 411 -23.88 -7.10 0.24
N ILE A 412 -23.93 -8.36 -0.15
CA ILE A 412 -23.44 -8.80 -1.44
C ILE A 412 -24.55 -9.61 -2.08
N SER A 413 -24.50 -9.70 -3.42
CA SER A 413 -25.39 -10.57 -4.18
C SER A 413 -26.86 -10.26 -3.94
N GLY A 414 -27.20 -9.01 -3.62
CA GLY A 414 -28.55 -8.59 -3.31
C GLY A 414 -29.65 -9.25 -4.14
N SER A 415 -29.66 -8.97 -5.44
CA SER A 415 -30.71 -9.44 -6.32
C SER A 415 -30.61 -10.92 -6.64
N LEU A 416 -29.55 -11.59 -6.21
CA LEU A 416 -29.49 -13.04 -6.33
C LEU A 416 -30.29 -13.74 -5.22
N THR A 417 -30.76 -12.99 -4.24
CA THR A 417 -31.61 -13.50 -3.17
C THR A 417 -33.06 -13.09 -3.37
N PRO A 418 -34.01 -13.91 -2.93
CA PRO A 418 -35.43 -13.59 -3.18
C PRO A 418 -35.92 -12.34 -2.46
N VAL A 419 -35.31 -11.96 -1.33
CA VAL A 419 -35.79 -10.78 -0.60
C VAL A 419 -35.64 -9.51 -1.44
N PHE A 420 -34.65 -9.48 -2.32
CA PHE A 420 -34.45 -8.29 -3.17
C PHE A 420 -35.72 -7.96 -3.94
N HIS A 421 -36.40 -8.98 -4.46
CA HIS A 421 -37.60 -8.82 -5.28
C HIS A 421 -38.88 -8.68 -4.46
N GLN A 422 -38.78 -8.67 -3.14
CA GLN A 422 -39.92 -8.64 -2.24
C GLN A 422 -40.12 -7.21 -1.73
N GLU A 423 -41.25 -6.60 -2.08
CA GLU A 423 -41.59 -5.34 -1.43
C GLU A 423 -41.87 -5.60 0.05
N MET A 424 -41.53 -4.62 0.88
CA MET A 424 -41.63 -4.75 2.31
C MET A 424 -42.18 -3.48 2.94
N VAL A 425 -42.84 -3.64 4.08
CA VAL A 425 -43.40 -2.54 4.86
C VAL A 425 -42.64 -2.48 6.19
N ASN A 426 -42.10 -1.31 6.51
CA ASN A 426 -41.39 -1.11 7.77
C ASN A 426 -42.25 -0.30 8.73
N TYR A 427 -42.41 -0.80 9.96
CA TYR A 427 -43.14 -0.11 11.01
C TYR A 427 -42.70 -0.66 12.37
N PHE A 428 -43.04 0.05 13.44
CA PHE A 428 -42.57 -0.28 14.78
C PHE A 428 -43.69 -0.94 15.58
N LEU A 429 -43.49 -2.19 15.96
CA LEU A 429 -44.36 -2.87 16.90
C LEU A 429 -43.67 -2.99 18.25
N SER A 430 -44.47 -3.14 19.31
CA SER A 430 -44.02 -3.45 20.66
C SER A 430 -44.60 -4.79 21.08
N PRO A 431 -43.86 -5.60 21.89
CA PRO A 431 -42.50 -5.48 22.41
C PRO A 431 -41.44 -5.25 21.34
N ALA A 432 -40.33 -4.62 21.69
CA ALA A 432 -39.35 -4.24 20.68
C ALA A 432 -37.96 -4.17 21.29
N PHE A 433 -36.97 -4.38 20.44
CA PHE A 433 -35.59 -4.04 20.73
C PHE A 433 -35.32 -2.64 20.18
N ARG A 434 -34.85 -1.74 21.04
CA ARG A 434 -34.65 -0.35 20.65
C ARG A 434 -33.20 0.04 20.86
N TYR A 435 -32.73 0.99 20.06
CA TYR A 435 -31.45 1.60 20.34
C TYR A 435 -31.57 2.49 21.56
N GLN A 436 -30.43 2.74 22.21
CA GLN A 436 -30.42 3.55 23.42
C GLN A 436 -29.10 4.31 23.46
N PRO A 437 -29.05 5.43 24.16
CA PRO A 437 -27.80 6.17 24.29
C PRO A 437 -26.72 5.31 24.94
N ASP A 438 -25.47 5.60 24.61
CA ASP A 438 -24.37 5.01 25.32
C ASP A 438 -24.35 5.50 26.77
N PRO A 439 -23.85 4.69 27.70
CA PRO A 439 -23.91 5.09 29.12
C PRO A 439 -23.08 6.32 29.42
N TRP A 440 -21.92 6.46 28.78
CA TRP A 440 -21.08 7.63 29.03
C TRP A 440 -21.61 8.85 28.28
N LYS B 27 -36.12 21.73 12.19
CA LYS B 27 -34.95 20.95 11.79
C LYS B 27 -35.24 20.21 10.48
N PHE B 28 -34.19 20.10 9.64
CA PHE B 28 -34.14 19.31 8.41
C PHE B 28 -33.49 17.95 8.69
N PRO B 29 -33.73 16.95 7.84
CA PRO B 29 -33.18 15.61 8.13
C PRO B 29 -31.65 15.61 8.19
N ARG B 30 -31.13 15.09 9.28
CA ARG B 30 -29.70 14.84 9.40
C ARG B 30 -29.33 13.57 8.64
N VAL B 31 -28.33 13.67 7.77
CA VAL B 31 -27.97 12.64 6.81
C VAL B 31 -26.51 12.28 7.07
N LYS B 32 -26.24 11.00 7.30
CA LYS B 32 -24.92 10.59 7.74
C LYS B 32 -24.30 9.61 6.75
N ASN B 33 -23.03 9.83 6.44
CA ASN B 33 -22.21 8.84 5.78
C ASN B 33 -21.47 8.02 6.84
N TRP B 34 -21.72 6.71 6.84
CA TRP B 34 -21.14 5.84 7.87
C TRP B 34 -19.75 5.35 7.54
N GLU B 35 -19.28 5.53 6.31
CA GLU B 35 -17.89 5.20 6.01
C GLU B 35 -16.97 6.29 6.52
N VAL B 36 -17.34 7.54 6.29
CA VAL B 36 -16.55 8.71 6.64
C VAL B 36 -16.89 9.24 8.02
N GLY B 37 -18.15 9.09 8.45
CA GLY B 37 -18.65 9.77 9.61
C GLY B 37 -19.26 11.12 9.31
N SER B 38 -19.17 11.60 8.07
CA SER B 38 -19.60 12.96 7.78
C SER B 38 -21.13 13.09 7.84
N ILE B 39 -21.58 14.31 8.11
CA ILE B 39 -22.97 14.62 8.43
C ILE B 39 -23.42 15.80 7.57
N THR B 40 -24.52 15.62 6.82
CA THR B 40 -25.18 16.73 6.14
C THR B 40 -26.64 16.82 6.58
N TYR B 41 -27.23 17.98 6.29
CA TYR B 41 -28.65 18.23 6.50
C TYR B 41 -29.28 18.46 5.13
N ASP B 42 -30.38 17.77 4.86
CA ASP B 42 -31.06 17.89 3.57
C ASP B 42 -32.13 18.96 3.72
N THR B 43 -31.75 20.20 3.43
CA THR B 43 -32.71 21.29 3.40
C THR B 43 -33.54 21.29 2.12
N LEU B 44 -33.06 20.64 1.07
CA LEU B 44 -33.80 20.65 -0.19
C LEU B 44 -35.11 19.87 -0.10
N SER B 45 -35.13 18.81 0.72
CA SER B 45 -36.32 17.98 0.85
C SER B 45 -37.53 18.79 1.32
N ALA B 46 -37.31 19.84 2.09
CA ALA B 46 -38.43 20.66 2.54
C ALA B 46 -39.17 21.31 1.39
N GLN B 47 -38.58 21.33 0.19
CA GLN B 47 -39.22 21.84 -1.01
C GLN B 47 -39.99 20.77 -1.78
N ALA B 48 -40.13 19.57 -1.22
CA ALA B 48 -40.82 18.50 -1.93
C ALA B 48 -42.30 18.88 -2.12
N GLN B 49 -42.72 18.90 -3.38
CA GLN B 49 -44.08 19.28 -3.75
C GLN B 49 -45.01 18.08 -3.60
N GLN B 50 -44.95 17.13 -4.53
CA GLN B 50 -45.82 15.97 -4.46
C GLN B 50 -45.46 15.09 -3.27
N ASP B 51 -46.40 14.24 -2.88
CA ASP B 51 -46.26 13.39 -1.72
C ASP B 51 -45.91 11.97 -2.14
N GLY B 52 -45.09 11.31 -1.31
CA GLY B 52 -44.75 9.93 -1.48
C GLY B 52 -45.62 9.01 -0.65
N PRO B 53 -45.26 7.73 -0.60
CA PRO B 53 -46.14 6.71 0.00
C PRO B 53 -45.95 6.50 1.50
N CYS B 54 -44.97 7.15 2.13
CA CYS B 54 -44.67 6.86 3.52
C CYS B 54 -45.44 7.79 4.44
N THR B 55 -45.67 7.31 5.65
CA THR B 55 -46.26 8.05 6.75
C THR B 55 -45.45 7.74 8.00
N PRO B 56 -45.63 8.52 9.07
CA PRO B 56 -44.99 8.16 10.35
C PRO B 56 -45.32 6.75 10.81
N ARG B 57 -46.45 6.19 10.38
CA ARG B 57 -46.85 4.86 10.83
C ARG B 57 -46.11 3.75 10.09
N ARG B 58 -45.76 3.94 8.83
CA ARG B 58 -45.19 2.85 8.04
C ARG B 58 -44.42 3.41 6.85
N CYS B 59 -43.23 2.87 6.62
CA CYS B 59 -42.42 3.22 5.46
C CYS B 59 -42.72 2.26 4.31
N LEU B 60 -42.97 2.82 3.12
CA LEU B 60 -43.21 2.04 1.92
C LEU B 60 -42.15 2.34 0.87
N GLY B 61 -40.98 2.77 1.35
CA GLY B 61 -39.89 3.13 0.48
C GLY B 61 -39.43 2.03 -0.45
N SER B 62 -39.77 0.77 -0.16
CA SER B 62 -39.30 -0.34 -1.01
C SER B 62 -40.27 -0.67 -2.14
N LEU B 63 -41.42 -0.01 -2.22
CA LEU B 63 -42.40 -0.31 -3.26
C LEU B 63 -41.91 0.23 -4.62
N VAL B 64 -42.10 -0.57 -5.67
CA VAL B 64 -41.65 -0.15 -7.00
C VAL B 64 -42.50 1.01 -7.50
N PHE B 65 -43.82 0.96 -7.27
CA PHE B 65 -44.72 2.02 -7.66
C PHE B 65 -45.23 2.73 -6.42
N PRO B 66 -44.68 3.91 -6.08
CA PRO B 66 -45.01 4.67 -4.87
C PRO B 66 -46.28 5.52 -5.03
N ALA B 79 -57.55 23.13 -14.31
CA ALA B 79 -57.10 23.48 -12.97
C ALA B 79 -56.16 24.67 -13.03
N PRO B 80 -56.69 25.84 -13.41
CA PRO B 80 -55.80 26.95 -13.80
C PRO B 80 -54.83 27.36 -12.71
N GLU B 81 -55.28 27.38 -11.46
CA GLU B 81 -54.45 27.91 -10.39
C GLU B 81 -53.34 26.95 -9.98
N GLN B 82 -53.58 25.65 -10.05
CA GLN B 82 -52.50 24.73 -9.71
C GLN B 82 -51.47 24.65 -10.83
N LEU B 83 -51.89 24.80 -12.08
CA LEU B 83 -50.95 24.91 -13.19
C LEU B 83 -50.01 26.09 -12.98
N LEU B 84 -50.59 27.22 -12.58
CA LEU B 84 -49.85 28.48 -12.51
C LEU B 84 -48.79 28.46 -11.43
N SER B 85 -49.12 27.93 -10.25
CA SER B 85 -48.11 27.89 -9.20
C SER B 85 -46.98 26.92 -9.53
N GLN B 86 -47.27 25.84 -10.26
CA GLN B 86 -46.20 24.98 -10.76
C GLN B 86 -45.39 25.68 -11.85
N ALA B 87 -46.05 26.48 -12.68
CA ALA B 87 -45.34 27.15 -13.75
C ALA B 87 -44.48 28.28 -13.19
N ARG B 88 -45.06 29.06 -12.28
CA ARG B 88 -44.31 30.07 -11.54
C ARG B 88 -43.07 29.46 -10.90
N ASP B 89 -43.25 28.35 -10.18
CA ASP B 89 -42.10 27.76 -9.52
C ASP B 89 -41.04 27.33 -10.52
N PHE B 90 -41.47 26.71 -11.62
CA PHE B 90 -40.53 26.30 -12.65
C PHE B 90 -39.78 27.50 -13.23
N ILE B 91 -40.51 28.57 -13.57
CA ILE B 91 -39.86 29.76 -14.11
C ILE B 91 -38.87 30.32 -13.10
N ASN B 92 -39.23 30.30 -11.81
CA ASN B 92 -38.30 30.71 -10.77
C ASN B 92 -37.05 29.85 -10.78
N GLN B 93 -37.21 28.56 -11.01
CA GLN B 93 -36.06 27.66 -11.10
C GLN B 93 -35.20 28.02 -12.30
N TYR B 94 -35.84 28.24 -13.45
CA TYR B 94 -35.08 28.61 -14.64
C TYR B 94 -34.24 29.86 -14.36
N TYR B 95 -34.88 30.92 -13.87
CA TYR B 95 -34.16 32.17 -13.72
C TYR B 95 -33.13 32.13 -12.60
N SER B 96 -33.28 31.21 -11.64
CA SER B 96 -32.19 30.99 -10.68
C SER B 96 -31.00 30.32 -11.36
N SER B 97 -31.26 29.32 -12.20
CA SER B 97 -30.19 28.57 -12.84
C SER B 97 -29.24 29.48 -13.59
N ILE B 98 -29.75 30.56 -14.19
CA ILE B 98 -28.92 31.47 -14.96
C ILE B 98 -28.57 32.73 -14.18
N LYS B 99 -28.88 32.76 -12.88
CA LYS B 99 -28.48 33.84 -11.97
C LYS B 99 -29.13 35.17 -12.33
N ARG B 100 -30.31 35.13 -12.94
CA ARG B 100 -31.06 36.34 -13.27
C ARG B 100 -32.38 36.37 -12.53
N SER B 101 -32.38 35.89 -11.29
CA SER B 101 -33.58 35.93 -10.46
CA SER B 101 -33.59 35.93 -10.48
C SER B 101 -33.97 37.37 -10.15
N GLY B 102 -35.27 37.66 -10.19
CA GLY B 102 -35.74 39.01 -9.94
C GLY B 102 -35.43 40.01 -11.03
N SER B 103 -34.77 39.59 -12.11
CA SER B 103 -34.50 40.49 -13.22
C SER B 103 -35.81 40.86 -13.93
N GLN B 104 -35.74 41.90 -14.77
CA GLN B 104 -36.90 42.24 -15.60
C GLN B 104 -37.31 41.07 -16.48
N ALA B 105 -36.34 40.35 -17.05
CA ALA B 105 -36.69 39.23 -17.91
C ALA B 105 -37.44 38.16 -17.12
N HIS B 106 -37.12 38.01 -15.84
CA HIS B 106 -37.80 37.05 -14.98
C HIS B 106 -39.26 37.43 -14.77
N GLU B 107 -39.50 38.69 -14.39
CA GLU B 107 -40.86 39.19 -14.18
C GLU B 107 -41.69 39.12 -15.45
N GLN B 108 -41.15 39.59 -16.57
CA GLN B 108 -41.91 39.57 -17.81
C GLN B 108 -42.32 38.14 -18.16
N ARG B 109 -41.43 37.18 -17.95
CA ARG B 109 -41.77 35.82 -18.33
C ARG B 109 -42.88 35.26 -17.45
N LEU B 110 -42.81 35.52 -16.15
CA LEU B 110 -43.91 35.13 -15.25
C LEU B 110 -45.23 35.74 -15.73
N GLN B 111 -45.24 37.07 -15.95
CA GLN B 111 -46.41 37.73 -16.51
C GLN B 111 -46.86 37.05 -17.79
N GLU B 112 -45.91 36.74 -18.66
CA GLU B 112 -46.25 36.09 -19.94
C GLU B 112 -46.95 34.76 -19.71
N VAL B 113 -46.40 33.92 -18.83
CA VAL B 113 -47.02 32.62 -18.58
C VAL B 113 -48.42 32.80 -18.02
N GLU B 114 -48.58 33.75 -17.09
CA GLU B 114 -49.87 34.01 -16.48
C GLU B 114 -50.92 34.37 -17.52
N ALA B 115 -50.55 35.26 -18.44
CA ALA B 115 -51.50 35.71 -19.44
C ALA B 115 -51.88 34.58 -20.38
N GLU B 116 -50.90 33.73 -20.76
CA GLU B 116 -51.24 32.64 -21.65
C GLU B 116 -52.14 31.62 -20.97
N VAL B 117 -51.91 31.35 -19.69
CA VAL B 117 -52.74 30.39 -18.98
C VAL B 117 -54.16 30.93 -18.84
N ALA B 118 -54.29 32.23 -18.62
CA ALA B 118 -55.61 32.85 -18.48
C ALA B 118 -56.37 32.87 -19.79
N ALA B 119 -55.65 32.90 -20.92
CA ALA B 119 -56.32 32.95 -22.22
C ALA B 119 -56.62 31.58 -22.79
N THR B 120 -55.78 30.58 -22.47
CA THR B 120 -55.86 29.29 -23.15
C THR B 120 -55.96 28.12 -22.19
N GLY B 121 -55.87 28.34 -20.89
CA GLY B 121 -55.78 27.26 -19.94
C GLY B 121 -54.42 26.59 -19.86
N THR B 122 -53.46 26.96 -20.72
CA THR B 122 -52.15 26.30 -20.74
C THR B 122 -51.09 27.29 -21.25
N TYR B 123 -49.87 26.80 -21.43
CA TYR B 123 -48.81 27.65 -21.94
C TYR B 123 -47.76 26.80 -22.63
N GLN B 124 -46.88 27.47 -23.35
CA GLN B 124 -45.79 26.83 -24.07
C GLN B 124 -44.46 27.21 -23.41
N LEU B 125 -43.61 26.20 -23.24
CA LEU B 125 -42.25 26.45 -22.80
C LEU B 125 -41.45 27.17 -23.87
N ARG B 126 -40.60 28.11 -23.44
CA ARG B 126 -39.55 28.55 -24.34
C ARG B 126 -38.60 27.39 -24.59
N GLU B 127 -37.91 27.42 -25.73
CA GLU B 127 -36.98 26.35 -26.04
C GLU B 127 -35.94 26.19 -24.94
N SER B 128 -35.40 27.30 -24.43
CA SER B 128 -34.39 27.22 -23.38
CA SER B 128 -34.39 27.20 -23.38
C SER B 128 -34.95 26.61 -22.10
N GLU B 129 -36.23 26.87 -21.80
CA GLU B 129 -36.86 26.30 -20.62
C GLU B 129 -37.05 24.80 -20.76
N LEU B 130 -37.36 24.35 -21.98
CA LEU B 130 -37.51 22.92 -22.23
C LEU B 130 -36.19 22.19 -21.98
N VAL B 131 -35.09 22.72 -22.51
CA VAL B 131 -33.78 22.11 -22.29
C VAL B 131 -33.49 22.03 -20.80
N PHE B 132 -33.66 23.16 -20.11
CA PHE B 132 -33.43 23.22 -18.67
C PHE B 132 -34.35 22.26 -17.92
N GLY B 133 -35.63 22.24 -18.31
CA GLY B 133 -36.59 21.37 -17.64
C GLY B 133 -36.24 19.90 -17.74
N ALA B 134 -35.81 19.45 -18.94
CA ALA B 134 -35.46 18.04 -19.09
C ALA B 134 -34.22 17.68 -18.27
N LYS B 135 -33.25 18.59 -18.20
CA LYS B 135 -32.06 18.35 -17.38
C LYS B 135 -32.41 18.30 -15.89
N GLN B 136 -33.26 19.23 -15.43
CA GLN B 136 -33.68 19.22 -14.02
C GLN B 136 -34.43 17.94 -13.67
N ALA B 137 -35.29 17.48 -14.58
CA ALA B 137 -36.04 16.25 -14.34
C ALA B 137 -35.08 15.07 -14.17
N TRP B 138 -34.05 14.99 -15.01
CA TRP B 138 -33.00 13.98 -14.80
C TRP B 138 -32.32 14.19 -13.47
N ARG B 139 -31.92 15.43 -13.18
CA ARG B 139 -31.27 15.76 -11.91
C ARG B 139 -32.13 15.40 -10.71
N ASN B 140 -33.45 15.52 -10.85
CA ASN B 140 -34.37 15.25 -9.78
C ASN B 140 -34.72 13.77 -9.61
N ALA B 141 -34.28 12.90 -10.52
CA ALA B 141 -34.76 11.51 -10.49
C ALA B 141 -34.10 10.72 -9.35
N PRO B 142 -34.82 10.34 -8.31
CA PRO B 142 -34.16 9.73 -7.14
C PRO B 142 -33.58 8.36 -7.40
N ARG B 143 -34.10 7.61 -8.38
CA ARG B 143 -33.58 6.27 -8.65
C ARG B 143 -32.46 6.23 -9.69
N CYS B 144 -31.95 7.39 -10.15
CA CYS B 144 -30.88 7.44 -11.16
C CYS B 144 -29.52 7.58 -10.49
N VAL B 145 -28.68 6.55 -10.63
CA VAL B 145 -27.32 6.64 -10.12
C VAL B 145 -26.40 7.39 -11.06
N GLY B 146 -26.83 7.65 -12.29
CA GLY B 146 -25.96 8.31 -13.25
C GLY B 146 -26.09 9.82 -13.34
N ARG B 147 -26.56 10.48 -12.28
CA ARG B 147 -26.86 11.91 -12.38
C ARG B 147 -25.65 12.80 -12.27
N ILE B 148 -24.43 12.26 -12.07
CA ILE B 148 -23.26 13.10 -12.26
C ILE B 148 -23.28 13.71 -13.66
N GLN B 149 -23.90 13.05 -14.62
CA GLN B 149 -23.92 13.52 -16.00
C GLN B 149 -25.07 14.50 -16.29
N TRP B 150 -25.86 14.91 -15.29
CA TRP B 150 -27.18 15.50 -15.61
C TRP B 150 -27.06 16.75 -16.46
N GLY B 151 -25.95 17.49 -16.35
CA GLY B 151 -25.81 18.69 -17.15
C GLY B 151 -25.50 18.45 -18.61
N LYS B 152 -25.10 17.23 -18.96
CA LYS B 152 -24.69 16.91 -20.33
C LYS B 152 -25.80 16.05 -20.93
N LEU B 153 -26.70 16.71 -21.62
CA LEU B 153 -27.91 16.08 -22.13
C LEU B 153 -28.29 16.82 -23.41
N GLN B 154 -28.34 16.09 -24.50
CA GLN B 154 -28.79 16.66 -25.77
C GLN B 154 -30.32 16.60 -25.79
N VAL B 155 -30.95 17.75 -25.97
CA VAL B 155 -32.41 17.86 -25.93
C VAL B 155 -32.90 18.10 -27.34
N PHE B 156 -33.59 17.12 -27.91
CA PHE B 156 -34.18 17.25 -29.23
C PHE B 156 -35.62 17.71 -29.08
N ASP B 157 -35.96 18.80 -29.72
CA ASP B 157 -37.29 19.39 -29.57
C ASP B 157 -38.15 18.87 -30.71
N ALA B 158 -39.04 17.94 -30.37
CA ALA B 158 -39.97 17.37 -31.33
C ALA B 158 -41.41 17.80 -31.05
N ARG B 159 -41.58 19.01 -30.48
CA ARG B 159 -42.92 19.47 -30.12
C ARG B 159 -43.75 19.87 -31.33
N ASP B 160 -43.18 19.91 -32.52
CA ASP B 160 -43.94 20.19 -33.73
C ASP B 160 -44.32 18.93 -34.49
N CYS B 161 -44.11 17.77 -33.88
CA CYS B 161 -44.37 16.50 -34.53
C CYS B 161 -45.84 16.36 -34.87
N ARG B 162 -46.14 15.83 -36.05
CA ARG B 162 -47.53 15.78 -36.50
C ARG B 162 -48.09 14.38 -36.63
N SER B 163 -47.27 13.34 -36.65
CA SER B 163 -47.77 12.03 -37.04
C SER B 163 -46.89 10.95 -36.45
N ALA B 164 -47.40 9.72 -36.50
CA ALA B 164 -46.58 8.60 -36.04
C ALA B 164 -45.40 8.37 -36.98
N GLN B 165 -45.53 8.73 -38.26
CA GLN B 165 -44.41 8.58 -39.17
C GLN B 165 -43.29 9.55 -38.84
N GLU B 166 -43.63 10.81 -38.56
CA GLU B 166 -42.62 11.80 -38.17
C GLU B 166 -42.00 11.45 -36.82
N MET B 167 -42.81 10.88 -35.94
CA MET B 167 -42.33 10.34 -34.68
C MET B 167 -41.24 9.31 -34.90
N PHE B 168 -41.45 8.38 -35.83
CA PHE B 168 -40.43 7.39 -36.11
C PHE B 168 -39.14 8.05 -36.58
N THR B 169 -39.24 9.09 -37.41
CA THR B 169 -38.06 9.81 -37.88
C THR B 169 -37.30 10.44 -36.72
N TYR B 170 -38.02 11.11 -35.81
CA TYR B 170 -37.38 11.67 -34.62
C TYR B 170 -36.68 10.60 -33.79
N ILE B 171 -37.29 9.44 -33.65
CA ILE B 171 -36.74 8.36 -32.82
C ILE B 171 -35.50 7.76 -33.46
N CYS B 172 -35.54 7.58 -34.79
CA CYS B 172 -34.35 7.10 -35.48
C CYS B 172 -33.20 8.08 -35.34
N ASN B 173 -33.49 9.38 -35.52
CA ASN B 173 -32.45 10.39 -35.34
C ASN B 173 -31.90 10.38 -33.92
N HIS B 174 -32.78 10.17 -32.94
CA HIS B 174 -32.32 10.06 -31.56
C HIS B 174 -31.40 8.85 -31.41
N ILE B 175 -31.83 7.70 -31.92
CA ILE B 175 -31.06 6.46 -31.76
C ILE B 175 -29.69 6.61 -32.41
N LYS B 176 -29.66 7.27 -33.58
CA LYS B 176 -28.40 7.48 -34.28
C LYS B 176 -27.49 8.40 -33.48
N TYR B 177 -28.02 9.56 -33.05
CA TYR B 177 -27.20 10.50 -32.28
C TYR B 177 -26.67 9.87 -31.00
N ALA B 178 -27.52 9.14 -30.29
CA ALA B 178 -27.16 8.68 -28.94
C ALA B 178 -26.21 7.50 -29.02
N THR B 179 -26.41 6.62 -29.98
CA THR B 179 -25.54 5.46 -30.17
C THR B 179 -24.16 5.92 -30.60
N ASN B 180 -24.10 6.81 -31.59
CA ASN B 180 -22.85 7.43 -32.01
C ASN B 180 -21.80 6.35 -32.21
N ARG B 181 -22.24 5.25 -32.84
CA ARG B 181 -21.43 4.07 -33.13
C ARG B 181 -20.63 3.57 -31.94
N GLY B 182 -21.26 3.59 -30.76
CA GLY B 182 -20.70 3.01 -29.57
C GLY B 182 -20.23 4.03 -28.56
N ASN B 183 -19.92 5.26 -28.99
CA ASN B 183 -19.52 6.30 -28.05
C ASN B 183 -20.77 7.05 -27.59
N LEU B 184 -21.43 6.47 -26.58
CA LEU B 184 -22.81 6.84 -26.27
C LEU B 184 -22.93 8.26 -25.73
N ARG B 185 -24.02 8.93 -26.13
CA ARG B 185 -24.29 10.32 -25.76
C ARG B 185 -25.70 10.44 -25.23
N SER B 186 -25.85 11.06 -24.07
CA SER B 186 -27.16 11.14 -23.45
C SER B 186 -28.06 12.06 -24.27
N ALA B 187 -29.31 11.65 -24.45
CA ALA B 187 -30.23 12.51 -25.18
C ALA B 187 -31.67 12.24 -24.76
N ILE B 188 -32.52 13.24 -24.99
CA ILE B 188 -33.95 13.08 -24.83
C ILE B 188 -34.63 13.75 -26.02
N THR B 189 -35.67 13.12 -26.54
CA THR B 189 -36.51 13.73 -27.56
C THR B 189 -37.87 14.01 -26.94
N VAL B 190 -38.32 15.27 -26.98
CA VAL B 190 -39.54 15.68 -26.31
C VAL B 190 -40.62 15.88 -27.38
N PHE B 191 -41.61 14.99 -27.40
CA PHE B 191 -42.74 15.09 -28.30
C PHE B 191 -43.77 16.06 -27.74
N PRO B 192 -44.81 16.40 -28.50
CA PRO B 192 -45.74 17.45 -28.05
C PRO B 192 -46.39 17.17 -26.70
N GLN B 193 -46.59 18.25 -25.93
CA GLN B 193 -47.20 18.13 -24.62
C GLN B 193 -48.65 17.68 -24.73
N ARG B 194 -49.14 17.08 -23.64
CA ARG B 194 -50.54 16.78 -23.50
C ARG B 194 -51.36 18.08 -23.54
N CYS B 195 -52.52 18.01 -24.15
CA CYS B 195 -53.35 19.20 -24.21
C CYS B 195 -54.81 18.79 -24.39
N PRO B 196 -55.74 19.61 -23.92
CA PRO B 196 -57.16 19.24 -24.00
C PRO B 196 -57.64 19.15 -25.44
N GLY B 197 -58.53 18.19 -25.69
CA GLY B 197 -59.15 18.02 -26.98
C GLY B 197 -58.34 17.26 -28.00
N ARG B 198 -57.39 16.44 -27.54
CA ARG B 198 -56.49 15.71 -28.42
C ARG B 198 -55.78 14.65 -27.61
N GLY B 199 -55.72 13.44 -28.15
CA GLY B 199 -55.02 12.36 -27.50
C GLY B 199 -53.54 12.64 -27.38
N ASP B 200 -52.87 11.80 -26.59
CA ASP B 200 -51.44 11.94 -26.37
C ASP B 200 -50.64 11.25 -27.47
N PHE B 201 -49.47 11.81 -27.75
CA PHE B 201 -48.42 11.01 -28.36
C PHE B 201 -47.97 9.96 -27.33
N ARG B 202 -47.82 8.71 -27.76
CA ARG B 202 -47.28 7.67 -26.88
C ARG B 202 -46.37 6.73 -27.66
N ILE B 203 -45.29 6.32 -27.01
CA ILE B 203 -44.51 5.17 -27.43
C ILE B 203 -44.94 4.01 -26.55
N TRP B 204 -45.51 2.97 -27.16
CA TRP B 204 -46.02 1.86 -26.38
C TRP B 204 -44.90 1.03 -25.76
N ASN B 205 -43.77 0.89 -26.46
CA ASN B 205 -42.63 0.15 -25.92
C ASN B 205 -42.07 0.84 -24.69
N SER B 206 -41.59 0.03 -23.74
CA SER B 206 -40.94 0.59 -22.54
C SER B 206 -39.54 1.10 -22.82
N GLN B 207 -38.83 0.53 -23.79
CA GLN B 207 -37.59 1.11 -24.27
C GLN B 207 -37.59 1.04 -25.78
N LEU B 208 -36.77 1.90 -26.39
CA LEU B 208 -36.67 1.89 -27.84
C LEU B 208 -36.15 0.55 -28.36
N VAL B 209 -35.21 -0.08 -27.65
CA VAL B 209 -34.66 -1.36 -28.05
C VAL B 209 -35.02 -2.38 -26.98
N ARG B 210 -35.78 -3.40 -27.36
CA ARG B 210 -36.20 -4.48 -26.47
C ARG B 210 -36.17 -5.78 -27.24
N TYR B 211 -35.85 -6.86 -26.53
CA TYR B 211 -35.87 -8.15 -27.17
C TYR B 211 -37.26 -8.76 -27.00
N ALA B 212 -37.69 -9.50 -28.00
CA ALA B 212 -38.98 -10.16 -27.92
C ALA B 212 -39.04 -11.18 -26.79
N GLY B 213 -40.21 -11.30 -26.17
CA GLY B 213 -40.49 -12.43 -25.30
C GLY B 213 -41.66 -13.23 -25.82
N TYR B 214 -41.40 -14.44 -26.31
CA TYR B 214 -42.46 -15.28 -26.88
C TYR B 214 -43.03 -16.18 -25.79
N ARG B 215 -44.24 -15.86 -25.32
CA ARG B 215 -44.91 -16.70 -24.35
C ARG B 215 -45.13 -18.08 -24.95
N GLN B 216 -44.21 -19.00 -24.69
CA GLN B 216 -44.37 -20.38 -25.14
C GLN B 216 -45.62 -20.98 -24.52
N GLN B 217 -46.19 -21.96 -25.22
CA GLN B 217 -47.47 -22.50 -24.79
C GLN B 217 -47.34 -23.25 -23.46
N ASP B 218 -46.22 -23.95 -23.25
CA ASP B 218 -46.00 -24.68 -22.01
C ASP B 218 -45.66 -23.76 -20.85
N GLY B 219 -46.28 -22.57 -20.82
CA GLY B 219 -46.07 -21.61 -19.75
C GLY B 219 -44.78 -20.82 -19.83
N SER B 220 -43.74 -21.39 -20.45
CA SER B 220 -42.40 -20.82 -20.44
C SER B 220 -42.34 -19.60 -21.38
N VAL B 221 -41.13 -19.08 -21.58
CA VAL B 221 -40.89 -17.93 -22.45
C VAL B 221 -39.58 -18.12 -23.21
N ARG B 222 -39.58 -17.77 -24.49
CA ARG B 222 -38.36 -17.67 -25.27
C ARG B 222 -38.06 -16.19 -25.54
N GLY B 223 -36.82 -15.78 -25.27
CA GLY B 223 -36.48 -14.37 -25.25
C GLY B 223 -36.63 -13.74 -23.87
N ASP B 224 -36.98 -12.46 -23.82
CA ASP B 224 -36.98 -11.73 -22.56
C ASP B 224 -38.37 -11.78 -21.95
N PRO B 225 -38.56 -12.41 -20.79
CA PRO B 225 -39.89 -12.46 -20.20
C PRO B 225 -40.45 -11.10 -19.84
N ALA B 226 -39.62 -10.09 -19.64
CA ALA B 226 -40.12 -8.77 -19.31
C ALA B 226 -40.90 -8.12 -20.45
N ASN B 227 -40.85 -8.68 -21.65
CA ASN B 227 -41.42 -8.06 -22.84
C ASN B 227 -42.50 -8.94 -23.48
N VAL B 228 -43.08 -9.86 -22.71
CA VAL B 228 -44.12 -10.73 -23.26
C VAL B 228 -45.32 -9.91 -23.70
N GLU B 229 -45.71 -8.91 -22.90
CA GLU B 229 -46.93 -8.18 -23.22
C GLU B 229 -46.75 -7.33 -24.47
N ILE B 230 -45.62 -6.62 -24.58
CA ILE B 230 -45.40 -5.77 -25.74
C ILE B 230 -45.20 -6.61 -27.00
N THR B 231 -44.59 -7.80 -26.86
CA THR B 231 -44.46 -8.74 -27.96
C THR B 231 -45.84 -9.17 -28.48
N GLU B 232 -46.77 -9.46 -27.58
CA GLU B 232 -48.08 -9.91 -28.02
C GLU B 232 -48.83 -8.78 -28.70
N LEU B 233 -48.64 -7.55 -28.21
CA LEU B 233 -49.26 -6.40 -28.86
C LEU B 233 -48.65 -6.15 -30.22
N CYS B 234 -47.34 -6.35 -30.35
CA CYS B 234 -46.68 -6.17 -31.65
C CYS B 234 -47.22 -7.16 -32.67
N ILE B 235 -47.31 -8.44 -32.28
CA ILE B 235 -47.85 -9.45 -33.18
C ILE B 235 -49.32 -9.15 -33.49
N GLN B 236 -50.05 -8.70 -32.48
CA GLN B 236 -51.45 -8.33 -32.66
C GLN B 236 -51.61 -7.29 -33.76
N HIS B 237 -50.63 -6.39 -33.89
CA HIS B 237 -50.68 -5.31 -34.85
C HIS B 237 -49.94 -5.62 -36.14
N GLY B 238 -49.65 -6.90 -36.38
CA GLY B 238 -49.20 -7.34 -37.70
C GLY B 238 -47.72 -7.58 -37.83
N TRP B 239 -46.94 -7.44 -36.76
CA TRP B 239 -45.54 -7.80 -36.83
C TRP B 239 -45.41 -9.31 -37.00
N THR B 240 -44.63 -9.71 -38.00
CA THR B 240 -44.29 -11.13 -38.16
C THR B 240 -43.21 -11.50 -37.16
N PRO B 241 -43.53 -12.29 -36.14
CA PRO B 241 -42.55 -12.59 -35.09
C PRO B 241 -41.47 -13.54 -35.56
N GLY B 242 -40.34 -13.49 -34.86
CA GLY B 242 -39.28 -14.45 -35.01
C GLY B 242 -39.44 -15.55 -33.99
N ASN B 243 -38.34 -16.29 -33.76
CA ASN B 243 -38.34 -17.35 -32.76
C ASN B 243 -37.02 -17.42 -32.01
N GLY B 244 -36.23 -16.34 -32.03
CA GLY B 244 -34.97 -16.31 -31.32
C GLY B 244 -35.12 -15.73 -29.92
N ARG B 245 -34.00 -15.70 -29.22
CA ARG B 245 -33.96 -15.17 -27.87
C ARG B 245 -33.62 -13.68 -27.84
N PHE B 246 -33.12 -13.13 -28.94
CA PHE B 246 -32.72 -11.73 -28.97
C PHE B 246 -33.25 -11.08 -30.24
N ASP B 247 -34.57 -11.16 -30.44
CA ASP B 247 -35.23 -10.54 -31.57
C ASP B 247 -35.61 -9.12 -31.16
N VAL B 248 -35.05 -8.13 -31.85
CA VAL B 248 -35.37 -6.74 -31.55
C VAL B 248 -36.84 -6.49 -31.89
N LEU B 249 -37.56 -5.90 -30.97
CA LEU B 249 -38.97 -5.62 -31.22
C LEU B 249 -39.16 -4.42 -32.14
N PRO B 250 -40.23 -4.41 -32.92
CA PRO B 250 -40.63 -3.19 -33.63
C PRO B 250 -41.17 -2.15 -32.65
N LEU B 251 -41.33 -0.93 -33.14
CA LEU B 251 -41.85 0.17 -32.33
C LEU B 251 -43.32 0.36 -32.63
N LEU B 252 -44.13 0.41 -31.57
CA LEU B 252 -45.55 0.69 -31.67
C LEU B 252 -45.73 2.14 -31.30
N LEU B 253 -45.96 2.99 -32.31
CA LEU B 253 -45.99 4.44 -32.14
C LEU B 253 -47.42 4.95 -32.23
N GLN B 254 -47.82 5.78 -31.26
CA GLN B 254 -49.17 6.30 -31.15
C GLN B 254 -49.14 7.81 -31.31
N ALA B 255 -49.74 8.30 -32.38
CA ALA B 255 -50.09 9.70 -32.59
C ALA B 255 -51.48 9.97 -32.03
N PRO B 256 -51.79 11.23 -31.72
CA PRO B 256 -53.08 11.56 -31.09
C PRO B 256 -54.29 10.97 -31.81
N ASP B 257 -55.12 10.26 -31.04
CA ASP B 257 -56.43 9.77 -31.45
C ASP B 257 -56.35 8.72 -32.55
N GLU B 258 -55.20 8.07 -32.66
CA GLU B 258 -54.86 7.09 -33.66
C GLU B 258 -54.44 5.80 -32.98
N PRO B 259 -54.90 4.65 -33.44
CA PRO B 259 -54.34 3.40 -32.96
C PRO B 259 -52.82 3.38 -33.20
N PRO B 260 -52.09 2.62 -32.38
CA PRO B 260 -50.63 2.57 -32.58
C PRO B 260 -50.30 2.04 -33.96
N GLU B 261 -49.15 2.45 -34.44
CA GLU B 261 -48.64 2.04 -35.74
C GLU B 261 -47.29 1.35 -35.58
N LEU B 262 -47.07 0.30 -36.36
CA LEU B 262 -45.87 -0.53 -36.25
C LEU B 262 -44.77 0.02 -37.15
N PHE B 263 -43.57 0.23 -36.57
CA PHE B 263 -42.39 0.59 -37.34
C PHE B 263 -41.23 -0.34 -36.97
N LEU B 264 -40.53 -0.84 -37.98
CA LEU B 264 -39.36 -1.68 -37.78
C LEU B 264 -38.11 -0.80 -37.71
N LEU B 265 -37.29 -1.02 -36.69
CA LEU B 265 -36.03 -0.31 -36.58
C LEU B 265 -35.07 -0.81 -37.66
N PRO B 266 -34.44 0.07 -38.43
CA PRO B 266 -33.39 -0.37 -39.35
C PRO B 266 -32.33 -1.15 -38.59
N PRO B 267 -32.03 -2.37 -39.00
CA PRO B 267 -31.08 -3.18 -38.23
C PRO B 267 -29.74 -2.50 -38.01
N GLU B 268 -29.28 -1.66 -38.94
CA GLU B 268 -28.00 -0.97 -38.77
C GLU B 268 -28.08 0.13 -37.73
N LEU B 269 -29.27 0.48 -37.28
CA LEU B 269 -29.46 1.48 -36.25
C LEU B 269 -29.36 0.91 -34.85
N VAL B 270 -29.46 -0.41 -34.70
CA VAL B 270 -29.54 -1.06 -33.39
C VAL B 270 -28.19 -1.72 -33.12
N LEU B 271 -27.31 -1.03 -32.39
CA LEU B 271 -25.99 -1.56 -32.12
C LEU B 271 -26.09 -2.59 -30.99
N GLU B 272 -25.52 -3.76 -31.21
CA GLU B 272 -25.59 -4.87 -30.28
C GLU B 272 -24.17 -5.35 -29.96
N VAL B 273 -24.03 -5.97 -28.79
CA VAL B 273 -22.76 -6.49 -28.29
C VAL B 273 -22.90 -7.99 -28.08
N PRO B 274 -22.21 -8.82 -28.83
CA PRO B 274 -22.14 -10.24 -28.47
C PRO B 274 -21.34 -10.40 -27.19
N LEU B 275 -21.83 -11.24 -26.29
CA LEU B 275 -21.17 -11.43 -25.00
C LEU B 275 -20.16 -12.56 -25.08
N GLU B 276 -18.94 -12.27 -24.62
CA GLU B 276 -17.92 -13.28 -24.45
C GLU B 276 -17.20 -13.00 -23.12
N HIS B 277 -16.42 -13.94 -22.69
CA HIS B 277 -15.77 -13.71 -21.42
C HIS B 277 -14.24 -13.73 -21.62
N PRO B 278 -13.52 -12.83 -20.95
CA PRO B 278 -12.10 -12.66 -21.27
C PRO B 278 -11.30 -13.95 -21.12
N THR B 279 -11.65 -14.78 -20.15
CA THR B 279 -10.95 -16.03 -19.98
C THR B 279 -11.85 -17.26 -20.03
N LEU B 280 -13.16 -17.14 -20.11
CA LEU B 280 -13.99 -18.35 -20.25
C LEU B 280 -14.46 -18.44 -21.69
N GLU B 281 -13.71 -19.20 -22.51
CA GLU B 281 -13.92 -19.21 -23.96
C GLU B 281 -15.24 -19.85 -24.35
N TRP B 282 -15.71 -20.85 -23.58
CA TRP B 282 -17.01 -21.44 -23.85
C TRP B 282 -18.15 -20.45 -23.66
N PHE B 283 -17.93 -19.35 -22.94
CA PHE B 283 -19.01 -18.38 -22.70
C PHE B 283 -19.57 -17.88 -24.02
N ALA B 284 -18.69 -17.60 -24.99
CA ALA B 284 -19.14 -17.06 -26.27
C ALA B 284 -20.16 -17.99 -26.93
N ALA B 285 -20.03 -19.30 -26.69
CA ALA B 285 -20.92 -20.28 -27.27
C ALA B 285 -22.32 -20.25 -26.66
N LEU B 286 -22.51 -19.60 -25.51
CA LEU B 286 -23.87 -19.37 -25.02
C LEU B 286 -24.70 -18.57 -26.03
N GLY B 287 -24.05 -17.80 -26.91
CA GLY B 287 -24.77 -16.99 -27.88
C GLY B 287 -25.57 -15.88 -27.24
N LEU B 288 -25.03 -15.25 -26.21
CA LEU B 288 -25.68 -14.16 -25.53
C LEU B 288 -25.32 -12.84 -26.20
N ARG B 289 -26.26 -11.90 -26.16
CA ARG B 289 -26.05 -10.57 -26.70
C ARG B 289 -26.78 -9.58 -25.81
N TRP B 290 -26.37 -8.32 -25.89
CA TRP B 290 -27.25 -7.27 -25.37
C TRP B 290 -27.08 -6.05 -26.25
N TYR B 291 -28.00 -5.10 -26.11
CA TYR B 291 -27.97 -3.96 -27.02
C TYR B 291 -27.23 -2.78 -26.39
N ALA B 292 -26.71 -1.91 -27.27
CA ALA B 292 -25.81 -0.85 -26.79
C ALA B 292 -26.57 0.19 -25.98
N LEU B 293 -27.78 0.52 -26.41
CA LEU B 293 -28.41 1.79 -26.03
C LEU B 293 -29.63 1.57 -25.13
N PRO B 294 -29.58 1.94 -23.84
CA PRO B 294 -30.79 1.93 -23.00
C PRO B 294 -31.55 3.23 -23.22
N ALA B 295 -32.76 3.13 -23.75
CA ALA B 295 -33.56 4.30 -24.11
C ALA B 295 -34.99 4.07 -23.61
N VAL B 296 -35.27 4.61 -22.44
CA VAL B 296 -36.56 4.45 -21.80
C VAL B 296 -37.58 5.31 -22.53
N SER B 297 -38.71 4.72 -22.91
CA SER B 297 -39.66 5.44 -23.77
C SER B 297 -41.08 5.48 -23.21
N ASN B 298 -41.31 4.99 -21.99
CA ASN B 298 -42.68 4.92 -21.49
C ASN B 298 -42.90 5.82 -20.26
N MET B 299 -41.96 6.69 -19.93
CA MET B 299 -42.15 7.58 -18.80
C MET B 299 -42.65 8.95 -19.25
N LEU B 300 -43.34 9.62 -18.34
CA LEU B 300 -43.88 10.94 -18.61
C LEU B 300 -42.94 11.99 -18.05
N LEU B 301 -42.64 13.00 -18.86
CA LEU B 301 -41.81 14.13 -18.45
C LEU B 301 -42.72 15.29 -18.01
N GLU B 302 -42.56 15.73 -16.77
CA GLU B 302 -43.38 16.82 -16.26
C GLU B 302 -42.50 18.03 -16.02
N ILE B 303 -42.86 19.17 -16.63
CA ILE B 303 -42.09 20.41 -16.48
C ILE B 303 -43.05 21.57 -16.27
N GLY B 304 -42.95 22.23 -15.13
CA GLY B 304 -43.78 23.42 -14.89
C GLY B 304 -45.27 23.16 -15.03
N GLY B 305 -45.73 21.99 -14.58
CA GLY B 305 -47.11 21.59 -14.73
C GLY B 305 -47.53 21.15 -16.12
N LEU B 306 -46.67 21.29 -17.13
CA LEU B 306 -46.98 20.69 -18.42
C LEU B 306 -46.54 19.23 -18.41
N GLU B 307 -47.19 18.42 -19.23
CA GLU B 307 -46.93 16.98 -19.25
C GLU B 307 -46.57 16.56 -20.65
N PHE B 308 -45.53 15.72 -20.78
CA PHE B 308 -45.05 15.22 -22.07
C PHE B 308 -45.07 13.70 -21.98
N PRO B 309 -46.18 13.08 -22.39
CA PRO B 309 -46.30 11.61 -22.22
C PRO B 309 -45.36 10.84 -23.10
N ALA B 310 -44.76 11.47 -24.11
CA ALA B 310 -43.79 10.82 -24.98
C ALA B 310 -42.54 11.68 -24.99
N ALA B 311 -41.49 11.20 -24.30
CA ALA B 311 -40.22 11.91 -24.22
C ALA B 311 -39.11 10.91 -23.95
N PRO B 312 -38.83 10.04 -24.91
CA PRO B 312 -37.85 8.97 -24.66
C PRO B 312 -36.47 9.53 -24.35
N PHE B 313 -35.75 8.89 -23.42
CA PHE B 313 -34.45 9.41 -23.02
C PHE B 313 -33.44 8.27 -22.94
N SER B 314 -32.17 8.59 -23.17
CA SER B 314 -31.19 7.52 -23.23
C SER B 314 -29.87 8.01 -22.66
N GLY B 315 -29.12 7.06 -22.12
CA GLY B 315 -27.81 7.32 -21.58
C GLY B 315 -26.90 6.19 -22.00
N TRP B 316 -26.31 5.52 -21.04
CA TRP B 316 -25.57 4.29 -21.29
C TRP B 316 -25.82 3.36 -20.12
N TYR B 317 -25.48 2.09 -20.30
CA TYR B 317 -25.74 1.09 -19.28
C TYR B 317 -24.73 1.15 -18.16
N MET B 318 -25.19 0.92 -16.93
CA MET B 318 -24.33 0.41 -15.87
C MET B 318 -24.34 -1.11 -15.98
N SER B 319 -23.15 -1.73 -15.86
CA SER B 319 -23.05 -3.14 -16.26
C SER B 319 -23.91 -4.07 -15.41
N THR B 320 -24.16 -3.74 -14.14
CA THR B 320 -25.02 -4.66 -13.38
C THR B 320 -26.44 -4.73 -13.93
N GLU B 321 -26.91 -3.68 -14.63
CA GLU B 321 -28.27 -3.78 -15.17
C GLU B 321 -28.37 -4.95 -16.13
N ILE B 322 -27.34 -5.17 -16.94
CA ILE B 322 -27.34 -6.26 -17.90
C ILE B 322 -26.91 -7.56 -17.24
N GLY B 323 -25.74 -7.53 -16.59
CA GLY B 323 -25.15 -8.77 -16.11
C GLY B 323 -25.94 -9.41 -14.98
N THR B 324 -26.35 -8.59 -14.00
CA THR B 324 -27.04 -9.13 -12.84
C THR B 324 -28.56 -9.20 -13.05
N ARG B 325 -29.19 -8.08 -13.41
CA ARG B 325 -30.66 -8.06 -13.50
C ARG B 325 -31.15 -8.77 -14.76
N ASN B 326 -30.78 -8.27 -15.95
CA ASN B 326 -31.40 -8.77 -17.17
C ASN B 326 -31.03 -10.23 -17.45
N LEU B 327 -29.82 -10.65 -17.13
CA LEU B 327 -29.40 -12.01 -17.45
C LEU B 327 -29.58 -12.99 -16.30
N CYS B 328 -29.53 -12.54 -15.04
CA CYS B 328 -29.61 -13.47 -13.92
C CYS B 328 -30.88 -13.36 -13.08
N ASP B 329 -31.74 -12.35 -13.30
CA ASP B 329 -33.01 -12.39 -12.59
C ASP B 329 -33.71 -13.72 -12.90
N PRO B 330 -34.28 -14.39 -11.90
CA PRO B 330 -34.98 -15.65 -12.19
C PRO B 330 -36.08 -15.47 -13.22
N HIS B 331 -36.74 -14.30 -13.21
CA HIS B 331 -37.86 -13.99 -14.08
C HIS B 331 -37.43 -13.25 -15.34
N ARG B 332 -36.13 -13.18 -15.61
CA ARG B 332 -35.60 -12.62 -16.85
C ARG B 332 -34.92 -13.75 -17.62
N TYR B 333 -33.70 -13.56 -18.14
CA TYR B 333 -33.06 -14.61 -18.93
C TYR B 333 -32.62 -15.78 -18.06
N ASN B 334 -32.41 -15.57 -16.76
CA ASN B 334 -32.24 -16.67 -15.80
C ASN B 334 -31.13 -17.64 -16.23
N ILE B 335 -29.95 -17.10 -16.53
CA ILE B 335 -28.84 -17.95 -16.99
C ILE B 335 -27.90 -18.39 -15.87
N LEU B 336 -28.16 -18.02 -14.62
CA LEU B 336 -27.17 -18.18 -13.55
C LEU B 336 -26.75 -19.63 -13.40
N GLU B 337 -27.72 -20.53 -13.25
CA GLU B 337 -27.40 -21.94 -13.03
C GLU B 337 -26.70 -22.54 -14.24
N ASP B 338 -27.13 -22.16 -15.44
CA ASP B 338 -26.48 -22.71 -16.63
C ASP B 338 -25.01 -22.33 -16.67
N VAL B 339 -24.70 -21.08 -16.33
CA VAL B 339 -23.32 -20.61 -16.32
C VAL B 339 -22.51 -21.34 -15.25
N ALA B 340 -23.04 -21.40 -14.02
CA ALA B 340 -22.33 -22.02 -12.91
C ALA B 340 -22.02 -23.49 -13.21
N VAL B 341 -22.97 -24.20 -13.82
CA VAL B 341 -22.73 -25.59 -14.20
C VAL B 341 -21.60 -25.66 -15.21
N CYS B 342 -21.58 -24.73 -16.18
CA CYS B 342 -20.48 -24.69 -17.13
C CYS B 342 -19.16 -24.38 -16.44
N MET B 343 -19.20 -23.55 -15.39
CA MET B 343 -18.00 -23.21 -14.64
C MET B 343 -17.54 -24.32 -13.70
N ASP B 344 -18.26 -25.44 -13.68
CA ASP B 344 -17.98 -26.60 -12.85
C ASP B 344 -18.11 -26.30 -11.36
N LEU B 345 -19.09 -25.47 -11.00
CA LEU B 345 -19.33 -25.12 -9.61
C LEU B 345 -20.28 -26.10 -8.94
N ASP B 346 -20.17 -26.19 -7.62
CA ASP B 346 -21.02 -27.12 -6.88
C ASP B 346 -22.33 -26.40 -6.59
N THR B 347 -23.30 -26.58 -7.50
CA THR B 347 -24.60 -25.95 -7.38
C THR B 347 -25.57 -26.73 -6.49
N ARG B 348 -25.10 -27.80 -5.84
CA ARG B 348 -25.99 -28.59 -4.99
C ARG B 348 -26.18 -27.98 -3.61
N THR B 349 -25.34 -27.03 -3.22
CA THR B 349 -25.43 -26.39 -1.92
C THR B 349 -25.25 -24.88 -2.08
N THR B 350 -26.05 -24.12 -1.33
CA THR B 350 -25.93 -22.66 -1.37
C THR B 350 -24.59 -22.20 -0.85
N SER B 351 -24.03 -22.91 0.13
CA SER B 351 -22.87 -22.43 0.86
C SER B 351 -21.60 -22.39 0.02
N SER B 352 -21.60 -22.99 -1.17
CA SER B 352 -20.47 -22.85 -2.07
C SER B 352 -20.42 -21.47 -2.71
N LEU B 353 -21.50 -20.70 -2.60
CA LEU B 353 -21.57 -19.38 -3.23
C LEU B 353 -21.41 -19.49 -4.75
N TRP B 354 -21.92 -20.59 -5.33
CA TRP B 354 -21.87 -20.74 -6.79
C TRP B 354 -22.62 -19.61 -7.48
N LYS B 355 -23.72 -19.14 -6.88
CA LYS B 355 -24.46 -18.03 -7.49
C LYS B 355 -23.63 -16.76 -7.55
N ASP B 356 -23.06 -16.36 -6.42
CA ASP B 356 -22.21 -15.17 -6.39
C ASP B 356 -21.06 -15.30 -7.39
N LYS B 357 -20.47 -16.49 -7.52
CA LYS B 357 -19.32 -16.67 -8.40
C LYS B 357 -19.72 -16.61 -9.87
N ALA B 358 -20.81 -17.28 -10.23
CA ALA B 358 -21.27 -17.20 -11.61
C ALA B 358 -21.73 -15.78 -11.95
N ALA B 359 -22.39 -15.11 -11.00
CA ALA B 359 -22.88 -13.75 -11.28
C ALA B 359 -21.72 -12.78 -11.50
N VAL B 360 -20.63 -12.94 -10.74
CA VAL B 360 -19.48 -12.07 -10.92
C VAL B 360 -18.88 -12.27 -12.31
N GLU B 361 -18.74 -13.54 -12.73
CA GLU B 361 -18.15 -13.78 -14.05
C GLU B 361 -19.08 -13.29 -15.17
N ILE B 362 -20.39 -13.34 -14.98
CA ILE B 362 -21.30 -12.84 -16.00
C ILE B 362 -21.12 -11.35 -16.14
N ASN B 363 -21.02 -10.65 -15.01
CA ASN B 363 -20.75 -9.22 -15.04
C ASN B 363 -19.39 -8.91 -15.66
N VAL B 364 -18.37 -9.73 -15.35
CA VAL B 364 -17.09 -9.56 -16.04
C VAL B 364 -17.29 -9.68 -17.54
N ALA B 365 -18.09 -10.67 -17.98
CA ALA B 365 -18.25 -10.86 -19.41
C ALA B 365 -18.92 -9.63 -20.07
N VAL B 366 -19.93 -9.06 -19.40
CA VAL B 366 -20.62 -7.91 -19.95
C VAL B 366 -19.65 -6.75 -20.14
N LEU B 367 -18.89 -6.43 -19.10
CA LEU B 367 -17.96 -5.31 -19.17
C LEU B 367 -16.87 -5.57 -20.20
N HIS B 368 -16.31 -6.77 -20.18
CA HIS B 368 -15.32 -7.11 -21.19
C HIS B 368 -15.89 -6.99 -22.59
N SER B 369 -17.14 -7.42 -22.77
CA SER B 369 -17.72 -7.46 -24.12
C SER B 369 -18.03 -6.06 -24.63
N TYR B 370 -18.57 -5.20 -23.77
CA TYR B 370 -18.84 -3.81 -24.18
C TYR B 370 -17.55 -3.06 -24.42
N GLN B 371 -16.52 -3.27 -23.56
CA GLN B 371 -15.24 -2.61 -23.81
C GLN B 371 -14.62 -3.09 -25.10
N LEU B 372 -14.66 -4.40 -25.36
CA LEU B 372 -14.13 -4.95 -26.60
C LEU B 372 -14.83 -4.34 -27.82
N ALA B 373 -16.16 -4.28 -27.78
CA ALA B 373 -16.94 -3.68 -28.87
C ALA B 373 -16.83 -2.16 -28.91
N LYS B 374 -16.15 -1.53 -27.94
CA LYS B 374 -16.05 -0.07 -27.84
C LYS B 374 -17.42 0.57 -27.69
N VAL B 375 -18.26 -0.01 -26.85
CA VAL B 375 -19.56 0.56 -26.51
C VAL B 375 -19.46 1.06 -25.08
N THR B 376 -19.81 2.32 -24.87
CA THR B 376 -19.75 2.92 -23.54
C THR B 376 -20.51 2.06 -22.54
N ILE B 377 -19.87 1.80 -21.39
CA ILE B 377 -20.55 1.11 -20.30
C ILE B 377 -19.80 1.50 -19.04
N VAL B 378 -20.48 1.50 -17.90
CA VAL B 378 -19.82 1.84 -16.65
C VAL B 378 -20.08 0.73 -15.64
N ASP B 379 -19.03 0.33 -14.90
CA ASP B 379 -19.26 -0.68 -13.87
C ASP B 379 -19.85 -0.03 -12.64
N HIS B 380 -20.42 -0.87 -11.76
CA HIS B 380 -21.14 -0.34 -10.61
C HIS B 380 -20.22 0.35 -9.61
N HIS B 381 -18.92 0.03 -9.60
CA HIS B 381 -18.00 0.72 -8.69
C HIS B 381 -17.77 2.16 -9.13
N ALA B 382 -17.51 2.37 -10.42
CA ALA B 382 -17.25 3.72 -10.88
C ALA B 382 -18.54 4.54 -10.85
N ALA B 383 -19.67 3.91 -11.17
CA ALA B 383 -20.96 4.61 -11.15
C ALA B 383 -21.27 5.13 -9.75
N THR B 384 -21.10 4.29 -8.73
CA THR B 384 -21.46 4.71 -7.39
C THR B 384 -20.47 5.71 -6.84
N ALA B 385 -19.18 5.59 -7.21
CA ALA B 385 -18.22 6.62 -6.84
C ALA B 385 -18.60 7.96 -7.47
N SER B 386 -19.00 7.95 -8.74
CA SER B 386 -19.38 9.22 -9.36
C SER B 386 -20.68 9.76 -8.77
N PHE B 387 -21.59 8.86 -8.37
CA PHE B 387 -22.79 9.32 -7.71
C PHE B 387 -22.44 9.99 -6.38
N MET B 388 -21.48 9.43 -5.63
CA MET B 388 -21.04 10.08 -4.40
C MET B 388 -20.52 11.49 -4.67
N LYS B 389 -19.81 11.69 -5.79
CA LYS B 389 -19.39 13.03 -6.16
C LYS B 389 -20.59 13.92 -6.44
N HIS B 390 -21.58 13.38 -7.16
CA HIS B 390 -22.84 14.08 -7.42
C HIS B 390 -23.52 14.53 -6.13
N LEU B 391 -23.52 13.67 -5.11
CA LEU B 391 -24.16 14.03 -3.85
C LEU B 391 -23.48 15.24 -3.23
N GLU B 392 -22.14 15.24 -3.25
CA GLU B 392 -21.39 16.37 -2.72
C GLU B 392 -21.62 17.64 -3.53
N ASN B 393 -21.65 17.54 -4.87
CA ASN B 393 -21.97 18.72 -5.68
C ASN B 393 -23.35 19.26 -5.34
N GLU B 394 -24.34 18.37 -5.24
CA GLU B 394 -25.72 18.80 -5.03
C GLU B 394 -25.92 19.36 -3.63
N GLN B 395 -25.20 18.81 -2.64
CA GLN B 395 -25.26 19.40 -1.31
C GLN B 395 -24.81 20.86 -1.33
N LYS B 396 -23.73 21.14 -2.07
CA LYS B 396 -23.27 22.53 -2.21
C LYS B 396 -24.22 23.36 -3.06
N ALA B 397 -24.76 22.77 -4.14
CA ALA B 397 -25.56 23.53 -5.09
C ALA B 397 -26.98 23.78 -4.58
N ARG B 398 -27.60 22.79 -3.96
CA ARG B 398 -29.01 22.87 -3.60
C ARG B 398 -29.32 22.44 -2.16
N GLY B 399 -28.32 22.07 -1.36
CA GLY B 399 -28.60 21.63 -0.01
C GLY B 399 -29.23 20.27 0.10
N GLY B 400 -29.13 19.43 -0.92
CA GLY B 400 -29.56 18.06 -0.78
C GLY B 400 -29.74 17.42 -2.14
N CYS B 401 -30.18 16.18 -2.10
CA CYS B 401 -30.36 15.43 -3.35
C CYS B 401 -31.33 14.29 -3.12
N PRO B 402 -32.47 14.28 -3.80
CA PRO B 402 -33.39 13.14 -3.64
C PRO B 402 -32.76 11.87 -4.20
N ALA B 403 -32.77 10.82 -3.38
CA ALA B 403 -32.09 9.60 -3.72
C ALA B 403 -32.82 8.43 -3.05
N ASP B 404 -33.08 7.41 -3.84
CA ASP B 404 -33.78 6.20 -3.42
C ASP B 404 -32.69 5.13 -3.16
N TRP B 405 -32.28 5.01 -1.90
CA TRP B 405 -31.21 4.09 -1.51
C TRP B 405 -31.37 2.71 -2.18
N ALA B 406 -32.56 2.14 -2.11
CA ALA B 406 -32.72 0.76 -2.60
C ALA B 406 -32.46 0.65 -4.10
N TRP B 407 -32.63 1.73 -4.85
CA TRP B 407 -32.34 1.73 -6.28
C TRP B 407 -30.93 2.19 -6.60
N ILE B 408 -30.34 3.02 -5.74
CA ILE B 408 -28.98 3.50 -5.97
C ILE B 408 -27.95 2.40 -5.67
N VAL B 409 -28.17 1.63 -4.61
CA VAL B 409 -27.25 0.54 -4.26
C VAL B 409 -27.34 -0.54 -5.34
N PRO B 410 -26.23 -0.92 -5.98
CA PRO B 410 -26.30 -1.89 -7.07
C PRO B 410 -26.73 -3.26 -6.58
N PRO B 411 -27.24 -4.09 -7.50
CA PRO B 411 -27.83 -5.38 -7.09
C PRO B 411 -26.81 -6.46 -6.73
N ILE B 412 -25.54 -6.30 -7.04
CA ILE B 412 -24.48 -7.13 -6.46
C ILE B 412 -23.53 -6.19 -5.74
N SER B 413 -22.82 -6.74 -4.75
CA SER B 413 -21.68 -6.08 -4.11
C SER B 413 -22.07 -4.77 -3.42
N GLY B 414 -23.29 -4.69 -2.90
CA GLY B 414 -23.80 -3.39 -2.43
C GLY B 414 -22.88 -2.69 -1.44
N SER B 415 -22.47 -3.39 -0.38
CA SER B 415 -21.65 -2.74 0.63
C SER B 415 -20.20 -2.56 0.19
N LEU B 416 -19.80 -3.15 -0.93
CA LEU B 416 -18.49 -2.83 -1.48
C LEU B 416 -18.48 -1.49 -2.20
N THR B 417 -19.65 -0.89 -2.40
CA THR B 417 -19.69 0.42 -3.03
C THR B 417 -19.98 1.46 -1.98
N PRO B 418 -19.54 2.72 -2.20
CA PRO B 418 -19.68 3.73 -1.15
C PRO B 418 -21.12 4.14 -0.88
N VAL B 419 -22.03 3.99 -1.86
CA VAL B 419 -23.40 4.47 -1.63
C VAL B 419 -24.12 3.63 -0.59
N PHE B 420 -23.68 2.38 -0.39
CA PHE B 420 -24.31 1.56 0.63
C PHE B 420 -24.24 2.23 2.00
N HIS B 421 -23.12 2.88 2.29
CA HIS B 421 -22.88 3.45 3.59
C HIS B 421 -23.37 4.89 3.69
N GLN B 422 -24.10 5.38 2.70
CA GLN B 422 -24.57 6.75 2.66
C GLN B 422 -26.07 6.78 2.97
N GLU B 423 -26.45 7.49 4.02
CA GLU B 423 -27.88 7.67 4.22
C GLU B 423 -28.41 8.60 3.14
N MET B 424 -29.69 8.43 2.78
CA MET B 424 -30.26 9.11 1.62
C MET B 424 -31.70 9.48 1.95
N VAL B 425 -32.13 10.63 1.42
CA VAL B 425 -33.48 11.14 1.64
C VAL B 425 -34.20 11.08 0.30
N ASN B 426 -35.34 10.43 0.27
CA ASN B 426 -36.09 10.25 -0.97
C ASN B 426 -37.29 11.21 -0.93
N TYR B 427 -37.45 12.01 -2.00
CA TYR B 427 -38.60 12.91 -2.11
C TYR B 427 -38.76 13.28 -3.57
N PHE B 428 -39.89 13.87 -3.90
CA PHE B 428 -40.28 14.13 -5.29
C PHE B 428 -40.13 15.62 -5.55
N LEU B 429 -39.20 15.98 -6.42
CA LEU B 429 -39.12 17.33 -6.93
C LEU B 429 -39.64 17.37 -8.36
N SER B 430 -40.08 18.56 -8.78
CA SER B 430 -40.44 18.85 -10.16
C SER B 430 -39.51 19.91 -10.74
N PRO B 431 -39.15 19.84 -12.04
CA PRO B 431 -39.43 18.92 -13.15
C PRO B 431 -39.11 17.43 -12.81
N ALA B 432 -39.84 16.49 -13.41
CA ALA B 432 -39.69 15.11 -12.99
C ALA B 432 -40.01 14.17 -14.13
N PHE B 433 -39.37 13.00 -14.09
CA PHE B 433 -39.80 11.86 -14.88
C PHE B 433 -40.72 11.01 -14.00
N ARG B 434 -41.87 10.65 -14.55
CA ARG B 434 -42.90 9.94 -13.79
C ARG B 434 -43.35 8.69 -14.54
N TYR B 435 -43.73 7.69 -13.77
CA TYR B 435 -44.46 6.57 -14.36
C TYR B 435 -45.84 7.03 -14.81
N GLN B 436 -46.38 6.31 -15.78
CA GLN B 436 -47.70 6.60 -16.31
C GLN B 436 -48.32 5.29 -16.77
N PRO B 437 -49.65 5.19 -16.81
CA PRO B 437 -50.29 3.93 -17.20
C PRO B 437 -49.92 3.56 -18.62
N ASP B 438 -49.87 2.26 -18.86
CA ASP B 438 -49.65 1.78 -20.21
C ASP B 438 -50.81 2.22 -21.09
N PRO B 439 -50.56 2.60 -22.34
CA PRO B 439 -51.62 3.22 -23.15
C PRO B 439 -52.72 2.26 -23.56
N TRP B 440 -52.52 0.95 -23.41
CA TRP B 440 -53.53 -0.04 -23.71
C TRP B 440 -54.28 -0.55 -22.48
N LYS B 441 -53.71 -0.36 -21.29
CA LYS B 441 -54.40 -0.66 -20.03
C LYS B 441 -55.12 0.61 -19.56
N LYS C 27 49.99 -11.25 -9.83
CA LYS C 27 50.28 -10.11 -10.71
C LYS C 27 49.00 -9.53 -11.31
N PHE C 28 48.04 -10.40 -11.64
CA PHE C 28 46.82 -9.98 -12.33
C PHE C 28 45.60 -10.25 -11.46
N PRO C 29 45.05 -9.22 -10.82
CA PRO C 29 44.06 -9.43 -9.73
C PRO C 29 42.78 -10.06 -10.25
N ARG C 30 42.36 -11.13 -9.60
CA ARG C 30 41.08 -11.77 -9.88
C ARG C 30 39.94 -10.87 -9.39
N VAL C 31 39.00 -10.59 -10.28
CA VAL C 31 37.85 -9.73 -10.00
C VAL C 31 36.59 -10.57 -10.18
N LYS C 32 35.73 -10.59 -9.16
CA LYS C 32 34.55 -11.45 -9.20
C LYS C 32 33.28 -10.64 -9.06
N ASN C 33 32.26 -11.03 -9.82
CA ASN C 33 30.90 -10.54 -9.60
C ASN C 33 30.10 -11.57 -8.82
N TRP C 34 29.68 -11.20 -7.62
CA TRP C 34 29.05 -12.12 -6.69
C TRP C 34 27.57 -12.35 -6.96
N GLU C 35 26.95 -11.54 -7.81
CA GLU C 35 25.55 -11.79 -8.17
C GLU C 35 25.45 -12.88 -9.22
N VAL C 36 26.42 -12.95 -10.13
CA VAL C 36 26.37 -13.88 -11.25
C VAL C 36 27.40 -14.98 -11.12
N GLY C 37 28.52 -14.75 -10.42
CA GLY C 37 29.58 -15.72 -10.29
C GLY C 37 30.66 -15.59 -11.34
N SER C 38 30.58 -14.56 -12.18
CA SER C 38 31.54 -14.39 -13.25
C SER C 38 32.84 -13.81 -12.72
N ILE C 39 33.94 -14.18 -13.37
CA ILE C 39 35.29 -13.80 -12.99
C ILE C 39 35.95 -13.13 -14.19
N THR C 40 36.70 -12.06 -13.93
CA THR C 40 37.62 -11.46 -14.89
C THR C 40 38.94 -11.19 -14.19
N TYR C 41 39.96 -10.87 -14.98
CA TYR C 41 41.25 -10.44 -14.49
C TYR C 41 41.52 -9.02 -14.97
N ASP C 42 41.87 -8.14 -14.04
CA ASP C 42 42.17 -6.75 -14.39
C ASP C 42 43.64 -6.68 -14.78
N THR C 43 43.91 -6.79 -16.08
CA THR C 43 45.27 -6.66 -16.58
C THR C 43 45.65 -5.21 -16.85
N LEU C 44 44.66 -4.32 -16.96
CA LEU C 44 44.93 -2.89 -17.12
C LEU C 44 45.65 -2.31 -15.91
N SER C 45 45.37 -2.85 -14.72
CA SER C 45 45.99 -2.35 -13.49
C SER C 45 47.51 -2.37 -13.58
N ALA C 46 48.08 -3.26 -14.39
CA ALA C 46 49.53 -3.34 -14.55
C ALA C 46 50.14 -2.03 -15.03
N GLN C 47 49.36 -1.16 -15.69
CA GLN C 47 49.87 0.10 -16.21
C GLN C 47 49.71 1.28 -15.26
N ALA C 48 49.34 1.04 -14.00
CA ALA C 48 49.13 2.15 -13.07
C ALA C 48 50.43 2.93 -12.86
N GLN C 49 50.37 4.24 -13.08
CA GLN C 49 51.57 5.08 -13.00
C GLN C 49 51.72 5.72 -11.61
N GLN C 50 50.78 6.57 -11.19
CA GLN C 50 50.91 7.21 -9.89
C GLN C 50 50.47 6.23 -8.80
N ASP C 51 51.14 6.30 -7.66
CA ASP C 51 50.92 5.34 -6.59
C ASP C 51 49.83 5.83 -5.65
N GLY C 52 48.88 4.95 -5.36
CA GLY C 52 47.79 5.28 -4.48
C GLY C 52 48.23 5.32 -3.03
N PRO C 53 47.25 5.33 -2.12
CA PRO C 53 47.55 5.47 -0.69
C PRO C 53 47.67 4.17 0.10
N CYS C 54 47.46 3.02 -0.53
CA CYS C 54 47.37 1.74 0.17
C CYS C 54 48.71 1.04 0.18
N THR C 55 48.93 0.22 1.21
CA THR C 55 50.10 -0.61 1.36
C THR C 55 49.65 -2.00 1.76
N PRO C 56 50.53 -3.01 1.64
CA PRO C 56 50.16 -4.36 2.11
C PRO C 56 49.70 -4.38 3.55
N ARG C 57 50.15 -3.41 4.36
CA ARG C 57 49.82 -3.41 5.78
C ARG C 57 48.54 -2.65 6.13
N ARG C 58 48.03 -1.80 5.24
CA ARG C 58 46.77 -1.11 5.54
C ARG C 58 46.17 -0.58 4.24
N CYS C 59 44.85 -0.63 4.15
CA CYS C 59 44.10 -0.08 3.04
C CYS C 59 43.54 1.28 3.43
N LEU C 60 43.76 2.28 2.57
CA LEU C 60 43.24 3.63 2.73
C LEU C 60 42.24 3.97 1.61
N GLY C 61 41.59 2.97 1.04
CA GLY C 61 40.68 3.18 -0.06
C GLY C 61 39.50 4.08 0.25
N SER C 62 39.12 4.21 1.52
CA SER C 62 37.98 5.04 1.89
C SER C 62 38.35 6.51 2.12
N LEU C 63 39.62 6.89 1.97
CA LEU C 63 40.00 8.29 2.16
C LEU C 63 39.61 9.11 0.94
N VAL C 64 38.95 10.24 1.18
CA VAL C 64 38.54 11.11 0.06
C VAL C 64 39.76 11.62 -0.69
N PHE C 65 40.82 11.95 0.04
CA PHE C 65 42.07 12.41 -0.56
C PHE C 65 43.20 11.44 -0.25
N PRO C 66 43.69 10.68 -1.23
CA PRO C 66 44.86 9.79 -1.10
C PRO C 66 46.13 10.51 -0.65
N GLU C 81 61.74 17.71 -16.88
CA GLU C 81 62.28 17.17 -18.12
C GLU C 81 61.92 15.69 -18.27
N GLN C 82 61.40 15.10 -17.19
CA GLN C 82 60.63 13.86 -17.29
C GLN C 82 59.22 14.13 -17.80
N LEU C 83 58.90 15.39 -18.07
CA LEU C 83 57.76 15.75 -18.91
C LEU C 83 57.77 14.93 -20.20
N LEU C 84 58.96 14.61 -20.72
CA LEU C 84 59.07 13.80 -21.93
C LEU C 84 58.54 12.39 -21.71
N SER C 85 58.78 11.82 -20.54
CA SER C 85 58.31 10.46 -20.26
C SER C 85 56.79 10.37 -20.35
N GLN C 86 56.10 11.33 -19.71
CA GLN C 86 54.64 11.32 -19.72
C GLN C 86 54.09 11.74 -21.08
N ALA C 87 54.80 12.61 -21.79
CA ALA C 87 54.36 13.00 -23.13
C ALA C 87 54.47 11.85 -24.11
N ARG C 88 55.59 11.12 -24.07
CA ARG C 88 55.77 9.98 -24.96
C ARG C 88 54.64 8.97 -24.77
N ASP C 89 54.41 8.55 -23.52
CA ASP C 89 53.36 7.59 -23.24
C ASP C 89 52.01 8.05 -23.76
N PHE C 90 51.68 9.33 -23.57
CA PHE C 90 50.37 9.81 -24.02
C PHE C 90 50.26 9.77 -25.54
N ILE C 91 51.32 10.14 -26.26
CA ILE C 91 51.31 10.08 -27.72
C ILE C 91 51.12 8.64 -28.18
N ASN C 92 51.82 7.72 -27.53
CA ASN C 92 51.65 6.29 -27.83
C ASN C 92 50.22 5.85 -27.58
N GLN C 93 49.59 6.35 -26.51
CA GLN C 93 48.17 6.07 -26.30
C GLN C 93 47.33 6.60 -27.46
N TYR C 94 47.64 7.81 -27.93
CA TYR C 94 46.84 8.42 -28.99
C TYR C 94 46.88 7.59 -30.27
N TYR C 95 48.08 7.22 -30.71
CA TYR C 95 48.18 6.59 -32.02
C TYR C 95 47.74 5.13 -31.98
N SER C 96 47.88 4.46 -30.84
CA SER C 96 47.32 3.12 -30.72
C SER C 96 45.79 3.13 -30.77
N SER C 97 45.17 4.17 -30.20
CA SER C 97 43.70 4.27 -30.23
C SER C 97 43.15 4.43 -31.65
N ILE C 98 43.89 5.06 -32.54
CA ILE C 98 43.48 5.19 -33.94
C ILE C 98 44.21 4.19 -34.83
N LYS C 99 44.77 3.13 -34.24
CA LYS C 99 45.40 2.03 -34.97
C LYS C 99 46.62 2.50 -35.77
N ARG C 100 47.36 3.47 -35.25
CA ARG C 100 48.50 4.06 -35.96
C ARG C 100 49.80 3.92 -35.18
N SER C 101 49.95 2.84 -34.44
CA SER C 101 51.25 2.51 -33.85
C SER C 101 52.16 1.96 -34.95
N GLY C 102 53.37 2.50 -35.04
CA GLY C 102 54.28 2.12 -36.10
C GLY C 102 53.91 2.73 -37.42
N SER C 103 53.59 4.02 -37.41
CA SER C 103 53.17 4.74 -38.58
C SER C 103 54.04 5.98 -38.76
N GLN C 104 54.02 6.54 -39.97
CA GLN C 104 54.80 7.75 -40.24
C GLN C 104 54.37 8.88 -39.30
N ALA C 105 53.05 9.09 -39.17
CA ALA C 105 52.56 10.18 -38.33
C ALA C 105 52.92 9.98 -36.86
N HIS C 106 53.05 8.73 -36.43
CA HIS C 106 53.41 8.45 -35.04
C HIS C 106 54.86 8.84 -34.77
N GLU C 107 55.79 8.29 -35.54
CA GLU C 107 57.18 8.72 -35.42
C GLU C 107 57.32 10.22 -35.61
N GLN C 108 56.56 10.78 -36.56
CA GLN C 108 56.54 12.22 -36.78
C GLN C 108 56.28 12.98 -35.49
N ARG C 109 55.10 12.75 -34.89
CA ARG C 109 54.68 13.51 -33.71
C ARG C 109 55.65 13.32 -32.54
N LEU C 110 56.28 12.14 -32.44
CA LEU C 110 57.21 11.90 -31.33
C LEU C 110 58.37 12.90 -31.33
N GLN C 111 58.87 13.24 -32.53
CA GLN C 111 60.02 14.12 -32.58
C GLN C 111 59.64 15.57 -32.34
N GLU C 112 58.45 15.99 -32.78
CA GLU C 112 58.02 17.37 -32.59
C GLU C 112 57.92 17.71 -31.11
N VAL C 113 57.28 16.85 -30.32
CA VAL C 113 57.23 17.11 -28.88
C VAL C 113 58.63 17.08 -28.29
N GLU C 114 59.46 16.12 -28.72
CA GLU C 114 60.86 16.09 -28.30
C GLU C 114 61.54 17.42 -28.57
N ALA C 115 61.37 17.96 -29.78
CA ALA C 115 61.99 19.22 -30.13
C ALA C 115 61.34 20.39 -29.39
N GLU C 116 60.00 20.41 -29.31
CA GLU C 116 59.31 21.47 -28.57
C GLU C 116 59.82 21.57 -27.14
N VAL C 117 59.92 20.44 -26.44
CA VAL C 117 60.41 20.46 -25.07
C VAL C 117 61.89 20.83 -25.04
N ALA C 118 62.68 20.24 -25.93
CA ALA C 118 64.09 20.61 -26.03
C ALA C 118 64.25 22.11 -26.21
N ALA C 119 63.49 22.69 -27.15
CA ALA C 119 63.59 24.12 -27.41
C ALA C 119 62.98 24.94 -26.28
N THR C 120 61.70 24.70 -25.97
CA THR C 120 60.93 25.61 -25.13
C THR C 120 60.73 25.13 -23.69
N GLY C 121 60.94 23.85 -23.41
CA GLY C 121 60.73 23.34 -22.07
C GLY C 121 59.36 22.74 -21.82
N THR C 122 58.39 22.99 -22.68
CA THR C 122 57.07 22.36 -22.59
C THR C 122 56.67 21.96 -24.01
N TYR C 123 55.38 21.70 -24.21
CA TYR C 123 54.88 21.46 -25.55
C TYR C 123 53.39 21.79 -25.58
N GLN C 124 52.87 21.92 -26.80
CA GLN C 124 51.45 22.14 -27.03
C GLN C 124 50.84 20.87 -27.60
N LEU C 125 49.65 20.53 -27.11
CA LEU C 125 48.92 19.40 -27.64
C LEU C 125 48.22 19.76 -28.95
N ARG C 126 48.24 18.84 -29.91
CA ARG C 126 47.35 18.92 -31.05
C ARG C 126 45.90 18.93 -30.58
N GLU C 127 45.04 19.57 -31.36
CA GLU C 127 43.63 19.70 -30.98
C GLU C 127 43.00 18.34 -30.75
N SER C 128 43.18 17.41 -31.70
CA SER C 128 42.62 16.08 -31.57
C SER C 128 43.23 15.33 -30.39
N GLU C 129 44.50 15.59 -30.08
CA GLU C 129 45.11 15.02 -28.89
C GLU C 129 44.44 15.56 -27.63
N LEU C 130 44.24 16.87 -27.57
CA LEU C 130 43.51 17.46 -26.46
C LEU C 130 42.14 16.84 -26.32
N VAL C 131 41.47 16.61 -27.45
CA VAL C 131 40.18 15.92 -27.46
C VAL C 131 40.34 14.51 -26.93
N PHE C 132 41.31 13.76 -27.49
CA PHE C 132 41.50 12.39 -27.06
C PHE C 132 41.88 12.32 -25.59
N GLY C 133 42.75 13.22 -25.14
CA GLY C 133 43.19 13.20 -23.75
C GLY C 133 42.06 13.51 -22.77
N ALA C 134 41.21 14.48 -23.11
CA ALA C 134 40.09 14.82 -22.25
C ALA C 134 39.16 13.63 -22.06
N LYS C 135 38.81 12.96 -23.17
CA LYS C 135 37.95 11.79 -23.08
C LYS C 135 38.61 10.68 -22.28
N GLN C 136 39.95 10.57 -22.36
CA GLN C 136 40.65 9.52 -21.64
C GLN C 136 40.66 9.77 -20.14
N ALA C 137 40.93 11.02 -19.75
CA ALA C 137 40.89 11.38 -18.35
C ALA C 137 39.53 11.12 -17.74
N TRP C 138 38.46 11.42 -18.49
CA TRP C 138 37.13 11.03 -18.02
C TRP C 138 37.02 9.52 -17.92
N ARG C 139 37.44 8.81 -18.98
CA ARG C 139 37.39 7.36 -19.00
C ARG C 139 38.17 6.75 -17.84
N ASN C 140 39.19 7.45 -17.34
CA ASN C 140 40.08 6.93 -16.31
C ASN C 140 39.68 7.33 -14.90
N ALA C 141 38.64 8.16 -14.73
CA ALA C 141 38.21 8.65 -13.43
C ALA C 141 37.59 7.52 -12.61
N PRO C 142 38.31 6.95 -11.64
CA PRO C 142 37.79 5.75 -10.95
C PRO C 142 36.51 6.01 -10.21
N ARG C 143 36.23 7.25 -9.85
CA ARG C 143 35.05 7.60 -9.08
C ARG C 143 33.83 7.96 -9.92
N CYS C 144 33.92 7.93 -11.26
CA CYS C 144 32.81 8.34 -12.11
C CYS C 144 31.96 7.13 -12.51
N VAL C 145 30.69 7.14 -12.11
CA VAL C 145 29.76 6.09 -12.51
C VAL C 145 29.15 6.35 -13.89
N GLY C 146 29.28 7.56 -14.43
CA GLY C 146 28.66 7.89 -15.71
C GLY C 146 29.54 7.61 -16.90
N ARG C 147 30.55 6.73 -16.75
CA ARG C 147 31.59 6.65 -17.77
C ARG C 147 31.19 5.88 -19.02
N ILE C 148 30.00 5.25 -19.04
CA ILE C 148 29.50 4.66 -20.27
C ILE C 148 29.43 5.72 -21.37
N GLN C 149 29.27 6.99 -20.98
CA GLN C 149 29.17 8.13 -21.88
C GLN C 149 30.53 8.68 -22.34
N TRP C 150 31.64 8.06 -21.92
CA TRP C 150 32.93 8.72 -22.04
C TRP C 150 33.28 9.07 -23.48
N GLY C 151 32.76 8.32 -24.46
CA GLY C 151 33.01 8.64 -25.85
C GLY C 151 32.32 9.89 -26.36
N LYS C 152 31.25 10.32 -25.69
CA LYS C 152 30.48 11.49 -26.13
C LYS C 152 30.84 12.70 -25.27
N LEU C 153 31.81 13.48 -25.74
CA LEU C 153 32.31 14.62 -24.97
C LEU C 153 32.66 15.76 -25.90
N GLN C 154 32.09 16.94 -25.65
CA GLN C 154 32.34 18.13 -26.46
C GLN C 154 33.46 18.93 -25.82
N VAL C 155 34.57 19.09 -26.53
CA VAL C 155 35.79 19.68 -25.96
C VAL C 155 35.98 21.06 -26.59
N PHE C 156 35.77 22.10 -25.77
CA PHE C 156 35.99 23.48 -26.20
C PHE C 156 37.40 23.90 -25.84
N ASP C 157 38.15 24.33 -26.85
CA ASP C 157 39.57 24.67 -26.68
C ASP C 157 39.68 26.15 -26.35
N ALA C 158 40.08 26.45 -25.13
CA ALA C 158 40.26 27.82 -24.66
C ALA C 158 41.73 28.10 -24.36
N ARG C 159 42.63 27.38 -25.03
CA ARG C 159 44.05 27.47 -24.74
C ARG C 159 44.66 28.82 -25.10
N ASP C 160 44.00 29.60 -25.94
CA ASP C 160 44.46 30.94 -26.28
C ASP C 160 43.85 32.02 -25.41
N CYS C 161 43.49 31.68 -24.18
CA CYS C 161 42.78 32.61 -23.30
C CYS C 161 43.76 33.53 -22.57
N ARG C 162 43.25 34.70 -22.18
CA ARG C 162 43.92 35.61 -21.27
C ARG C 162 42.87 36.60 -20.78
N SER C 163 43.07 37.05 -19.53
CA SER C 163 42.13 37.88 -18.77
C SER C 163 40.95 37.05 -18.27
N ALA C 164 40.51 37.31 -17.03
CA ALA C 164 39.29 36.73 -16.50
C ALA C 164 38.06 37.14 -17.30
N GLN C 165 38.13 38.25 -18.04
CA GLN C 165 37.01 38.64 -18.89
C GLN C 165 36.77 37.60 -19.98
N GLU C 166 37.85 37.10 -20.59
CA GLU C 166 37.72 36.07 -21.61
C GLU C 166 37.16 34.78 -21.03
N MET C 167 37.73 34.33 -19.92
CA MET C 167 37.21 33.14 -19.25
C MET C 167 35.70 33.19 -19.15
N PHE C 168 35.17 34.33 -18.69
CA PHE C 168 33.74 34.38 -18.38
C PHE C 168 32.90 34.08 -19.61
N THR C 169 33.28 34.61 -20.79
CA THR C 169 32.53 34.27 -21.99
C THR C 169 32.78 32.83 -22.42
N TYR C 170 34.01 32.34 -22.24
CA TYR C 170 34.26 30.90 -22.40
C TYR C 170 33.37 30.08 -21.48
N ILE C 171 33.34 30.43 -20.20
CA ILE C 171 32.49 29.72 -19.26
C ILE C 171 31.02 29.89 -19.65
N CYS C 172 30.67 31.06 -20.18
CA CYS C 172 29.28 31.29 -20.57
C CYS C 172 28.94 30.50 -21.83
N ASN C 173 29.86 30.43 -22.79
CA ASN C 173 29.66 29.53 -23.92
C ASN C 173 29.39 28.11 -23.44
N HIS C 174 30.25 27.61 -22.55
CA HIS C 174 30.12 26.26 -22.01
C HIS C 174 28.75 26.02 -21.41
N ILE C 175 28.37 26.84 -20.42
CA ILE C 175 27.11 26.65 -19.72
C ILE C 175 25.94 26.68 -20.70
N LYS C 176 25.95 27.66 -21.61
CA LYS C 176 24.88 27.73 -22.61
C LYS C 176 24.82 26.46 -23.44
N TYR C 177 25.97 26.02 -23.96
CA TYR C 177 26.00 24.80 -24.76
C TYR C 177 25.59 23.58 -23.94
N ALA C 178 26.20 23.42 -22.76
CA ALA C 178 25.93 22.23 -21.96
C ALA C 178 24.48 22.17 -21.51
N THR C 179 23.93 23.29 -21.06
CA THR C 179 22.54 23.31 -20.56
C THR C 179 21.56 22.97 -21.66
N ASN C 180 21.64 23.68 -22.80
CA ASN C 180 20.93 23.28 -24.01
C ASN C 180 19.42 23.19 -23.77
N ARG C 181 18.89 24.17 -23.04
CA ARG C 181 17.46 24.21 -22.68
C ARG C 181 17.05 22.97 -21.88
N GLY C 182 17.98 22.37 -21.15
CA GLY C 182 17.68 21.21 -20.32
C GLY C 182 18.07 19.88 -20.92
N ASN C 183 18.36 19.84 -22.22
CA ASN C 183 18.85 18.61 -22.84
C ASN C 183 20.37 18.61 -22.73
N LEU C 184 20.85 18.25 -21.54
CA LEU C 184 22.24 18.50 -21.17
C LEU C 184 23.20 17.73 -22.07
N ARG C 185 24.34 18.35 -22.37
CA ARG C 185 25.40 17.74 -23.17
C ARG C 185 26.73 17.83 -22.44
N SER C 186 27.41 16.70 -22.29
CA SER C 186 28.72 16.67 -21.65
C SER C 186 29.70 17.59 -22.38
N ALA C 187 30.35 18.46 -21.62
CA ALA C 187 31.31 19.38 -22.21
C ALA C 187 32.43 19.67 -21.23
N ILE C 188 33.62 19.90 -21.77
CA ILE C 188 34.76 20.40 -21.00
C ILE C 188 35.36 21.58 -21.77
N THR C 189 35.67 22.66 -21.05
CA THR C 189 36.38 23.81 -21.59
C THR C 189 37.79 23.78 -21.03
N VAL C 190 38.79 23.78 -21.91
CA VAL C 190 40.18 23.62 -21.52
C VAL C 190 40.86 24.97 -21.66
N PHE C 191 41.15 25.60 -20.53
CA PHE C 191 41.87 26.87 -20.48
C PHE C 191 43.37 26.60 -20.59
N PRO C 192 44.19 27.66 -20.71
CA PRO C 192 45.61 27.44 -21.00
C PRO C 192 46.32 26.60 -19.95
N GLN C 193 47.27 25.80 -20.43
CA GLN C 193 48.06 24.96 -19.56
C GLN C 193 48.96 25.80 -18.65
N ARG C 194 49.51 25.13 -17.65
CA ARG C 194 50.41 25.75 -16.71
C ARG C 194 51.81 25.86 -17.29
N CYS C 195 52.45 26.99 -17.06
CA CYS C 195 53.83 27.21 -17.51
C CYS C 195 54.64 27.79 -16.36
N PRO C 196 55.93 27.48 -16.29
CA PRO C 196 56.75 27.99 -15.19
C PRO C 196 56.89 29.51 -15.26
N GLY C 197 57.31 30.08 -14.13
CA GLY C 197 57.60 31.50 -14.05
C GLY C 197 56.42 32.40 -14.33
N ARG C 198 55.21 31.90 -14.16
CA ARG C 198 54.00 32.61 -14.54
C ARG C 198 52.80 31.86 -13.99
N GLY C 199 51.82 32.61 -13.47
CA GLY C 199 50.73 32.02 -12.72
C GLY C 199 49.78 31.19 -13.56
N ASP C 200 48.75 30.67 -12.89
CA ASP C 200 47.78 29.78 -13.49
C ASP C 200 46.42 30.47 -13.68
N PHE C 201 45.69 30.00 -14.69
CA PHE C 201 44.25 30.20 -14.71
C PHE C 201 43.62 29.30 -13.65
N ARG C 202 42.71 29.87 -12.86
CA ARG C 202 42.00 29.12 -11.82
C ARG C 202 40.59 29.69 -11.68
N ILE C 203 39.63 28.79 -11.49
CA ILE C 203 38.28 29.14 -11.06
C ILE C 203 38.18 28.83 -9.58
N TRP C 204 37.83 29.83 -8.78
CA TRP C 204 37.84 29.67 -7.33
C TRP C 204 36.60 28.96 -6.81
N ASN C 205 35.52 28.94 -7.58
CA ASN C 205 34.38 28.12 -7.22
C ASN C 205 34.68 26.66 -7.50
N SER C 206 34.17 25.78 -6.62
CA SER C 206 34.30 24.35 -6.83
C SER C 206 33.51 23.90 -8.05
N GLN C 207 32.38 24.54 -8.31
CA GLN C 207 31.57 24.29 -9.49
C GLN C 207 31.16 25.63 -10.10
N LEU C 208 30.72 25.58 -11.35
CA LEU C 208 30.27 26.81 -12.01
C LEU C 208 28.96 27.31 -11.40
N VAL C 209 28.13 26.41 -10.90
CA VAL C 209 26.89 26.76 -10.21
C VAL C 209 26.99 26.26 -8.78
N ARG C 210 26.94 27.18 -7.81
CA ARG C 210 26.99 26.85 -6.39
C ARG C 210 26.09 27.81 -5.64
N TYR C 211 25.32 27.29 -4.70
CA TYR C 211 24.46 28.14 -3.88
C TYR C 211 25.23 28.72 -2.70
N ALA C 212 24.81 29.91 -2.27
CA ALA C 212 25.50 30.64 -1.22
C ALA C 212 25.23 30.03 0.15
N GLY C 213 26.23 30.12 1.02
CA GLY C 213 26.10 29.69 2.39
C GLY C 213 26.48 30.80 3.35
N TYR C 214 25.49 31.40 3.98
CA TYR C 214 25.68 32.59 4.81
C TYR C 214 25.76 32.16 6.27
N ARG C 215 26.95 32.27 6.86
CA ARG C 215 27.10 31.96 8.29
C ARG C 215 26.22 32.89 9.11
N GLN C 216 25.37 32.31 9.95
CA GLN C 216 24.36 33.09 10.63
C GLN C 216 24.86 33.60 11.97
N GLN C 217 24.20 34.66 12.46
CA GLN C 217 24.62 35.30 13.71
C GLN C 217 24.56 34.33 14.89
N ASP C 218 23.65 33.36 14.85
CA ASP C 218 23.58 32.32 15.86
C ASP C 218 24.33 31.05 15.45
N GLY C 219 25.37 31.21 14.62
CA GLY C 219 26.26 30.11 14.29
C GLY C 219 25.90 29.24 13.09
N SER C 220 24.62 28.89 12.93
CA SER C 220 24.20 28.03 11.85
C SER C 220 24.42 28.69 10.49
N VAL C 221 24.04 27.98 9.42
CA VAL C 221 24.22 28.46 8.05
C VAL C 221 22.86 28.52 7.38
N ARG C 222 22.59 29.63 6.68
CA ARG C 222 21.49 29.72 5.74
C ARG C 222 22.06 29.47 4.34
N GLY C 223 21.44 28.55 3.60
CA GLY C 223 21.97 28.13 2.33
C GLY C 223 22.81 26.87 2.38
N ASP C 224 23.83 26.78 1.52
CA ASP C 224 24.62 25.58 1.40
C ASP C 224 25.86 25.68 2.28
N PRO C 225 25.98 24.85 3.33
CA PRO C 225 27.23 24.88 4.14
C PRO C 225 28.47 24.45 3.38
N ALA C 226 28.34 23.66 2.32
CA ALA C 226 29.51 23.27 1.53
C ALA C 226 30.24 24.47 0.93
N ASN C 227 29.57 25.61 0.77
CA ASN C 227 30.14 26.73 0.05
C ASN C 227 30.27 27.98 0.91
N VAL C 228 30.25 27.83 2.24
CA VAL C 228 30.35 28.99 3.13
C VAL C 228 31.68 29.71 2.93
N GLU C 229 32.75 28.95 2.63
CA GLU C 229 34.06 29.54 2.39
C GLU C 229 34.05 30.43 1.15
N ILE C 230 33.67 29.87 0.00
CA ILE C 230 33.70 30.67 -1.23
C ILE C 230 32.72 31.82 -1.14
N THR C 231 31.62 31.65 -0.40
CA THR C 231 30.70 32.76 -0.15
C THR C 231 31.42 33.90 0.56
N GLU C 232 32.19 33.59 1.60
CA GLU C 232 32.89 34.64 2.34
C GLU C 232 33.96 35.33 1.49
N LEU C 233 34.46 34.66 0.44
CA LEU C 233 35.41 35.29 -0.46
C LEU C 233 34.70 36.22 -1.45
N CYS C 234 33.59 35.77 -2.03
CA CYS C 234 32.82 36.62 -2.92
C CYS C 234 32.38 37.90 -2.24
N ILE C 235 32.01 37.81 -0.96
CA ILE C 235 31.68 39.02 -0.20
C ILE C 235 32.94 39.86 0.00
N GLN C 236 34.06 39.23 0.34
CA GLN C 236 35.34 39.91 0.53
C GLN C 236 35.90 40.41 -0.80
N HIS C 237 35.03 40.52 -1.81
CA HIS C 237 35.48 40.93 -3.14
C HIS C 237 34.45 41.78 -3.87
N GLY C 238 33.39 42.24 -3.20
CA GLY C 238 32.46 43.18 -3.79
C GLY C 238 31.03 42.71 -3.86
N TRP C 239 30.76 41.41 -3.70
CA TRP C 239 29.44 40.89 -3.98
C TRP C 239 28.46 41.23 -2.86
N THR C 240 27.31 41.77 -3.24
CA THR C 240 26.20 42.03 -2.34
C THR C 240 25.50 40.71 -2.01
N PRO C 241 25.65 40.19 -0.80
CA PRO C 241 25.02 38.92 -0.47
C PRO C 241 23.50 39.03 -0.44
N GLY C 242 22.83 37.97 -0.91
CA GLY C 242 21.40 37.86 -0.78
C GLY C 242 21.00 37.42 0.61
N ASN C 243 19.74 37.05 0.75
CA ASN C 243 19.22 36.56 2.01
C ASN C 243 18.85 35.08 2.02
N GLY C 244 18.59 34.48 0.85
CA GLY C 244 17.88 33.23 0.78
C GLY C 244 18.74 31.98 0.88
N ARG C 245 18.08 30.83 0.75
CA ARG C 245 18.70 29.52 0.82
C ARG C 245 19.30 29.04 -0.50
N PHE C 246 19.00 29.71 -1.61
CA PHE C 246 19.40 29.25 -2.94
C PHE C 246 19.86 30.41 -3.81
N ASP C 247 20.73 31.27 -3.27
CA ASP C 247 21.31 32.35 -4.04
C ASP C 247 22.49 31.82 -4.85
N VAL C 248 22.39 31.90 -6.18
CA VAL C 248 23.49 31.44 -7.03
C VAL C 248 24.69 32.33 -6.82
N LEU C 249 25.82 31.72 -6.52
CA LEU C 249 27.00 32.50 -6.21
C LEU C 249 27.61 33.10 -7.49
N PRO C 250 28.24 34.25 -7.37
CA PRO C 250 29.01 34.79 -8.49
C PRO C 250 30.32 34.01 -8.68
N LEU C 251 30.84 34.08 -9.89
CA LEU C 251 32.11 33.42 -10.18
C LEU C 251 33.28 34.26 -9.71
N LEU C 252 34.37 33.58 -9.37
CA LEU C 252 35.64 34.22 -9.01
C LEU C 252 36.71 33.69 -9.98
N LEU C 253 36.97 34.45 -11.03
CA LEU C 253 37.86 34.01 -12.10
C LEU C 253 39.21 34.69 -11.96
N GLN C 254 40.27 33.88 -11.99
CA GLN C 254 41.63 34.33 -11.69
C GLN C 254 42.49 34.15 -12.95
N ALA C 255 42.71 35.25 -13.66
CA ALA C 255 43.70 35.28 -14.72
C ALA C 255 45.10 35.23 -14.10
N PRO C 256 46.10 34.77 -14.86
CA PRO C 256 47.42 34.57 -14.26
C PRO C 256 48.00 35.83 -13.65
N ASP C 257 48.58 35.65 -12.45
CA ASP C 257 49.32 36.69 -11.74
C ASP C 257 48.51 37.96 -11.52
N GLU C 258 47.19 37.83 -11.40
CA GLU C 258 46.34 38.96 -11.04
C GLU C 258 45.25 38.47 -10.11
N PRO C 259 44.96 39.21 -9.05
CA PRO C 259 43.89 38.80 -8.14
C PRO C 259 42.58 38.65 -8.88
N PRO C 260 41.69 37.78 -8.39
CA PRO C 260 40.49 37.41 -9.16
C PRO C 260 39.54 38.58 -9.34
N GLU C 261 38.49 38.34 -10.12
CA GLU C 261 37.41 39.29 -10.36
C GLU C 261 36.08 38.57 -10.26
N LEU C 262 35.11 39.20 -9.58
CA LEU C 262 33.75 38.66 -9.52
C LEU C 262 33.08 38.77 -10.89
N PHE C 263 32.12 37.87 -11.12
CA PHE C 263 31.35 37.87 -12.36
C PHE C 263 29.96 37.32 -12.06
N LEU C 264 28.96 38.20 -12.04
CA LEU C 264 27.59 37.77 -11.83
C LEU C 264 27.11 36.95 -13.01
N LEU C 265 26.81 35.68 -12.78
CA LEU C 265 26.28 34.85 -13.85
C LEU C 265 24.92 35.39 -14.29
N PRO C 266 24.69 35.54 -15.59
CA PRO C 266 23.38 36.01 -16.06
C PRO C 266 22.29 35.02 -15.65
N PRO C 267 21.21 35.52 -15.07
CA PRO C 267 20.20 34.62 -14.47
C PRO C 267 19.54 33.69 -15.48
N GLU C 268 19.36 34.14 -16.72
CA GLU C 268 18.75 33.29 -17.73
C GLU C 268 19.67 32.18 -18.21
N LEU C 269 20.96 32.26 -17.92
CA LEU C 269 21.91 31.21 -18.27
C LEU C 269 21.98 30.10 -17.25
N VAL C 270 21.52 30.35 -16.03
CA VAL C 270 21.62 29.37 -14.94
C VAL C 270 20.26 28.69 -14.84
N LEU C 271 20.15 27.53 -15.47
CA LEU C 271 18.90 26.80 -15.47
C LEU C 271 18.70 26.08 -14.14
N GLU C 272 17.53 26.28 -13.54
CA GLU C 272 17.25 25.71 -12.23
C GLU C 272 15.92 24.96 -12.26
N VAL C 273 15.81 24.00 -11.35
CA VAL C 273 14.65 23.13 -11.25
C VAL C 273 14.03 23.29 -9.88
N PRO C 274 12.82 23.84 -9.79
CA PRO C 274 12.12 23.86 -8.51
C PRO C 274 11.63 22.47 -8.19
N LEU C 275 11.75 22.09 -6.92
CA LEU C 275 11.47 20.73 -6.51
C LEU C 275 10.02 20.61 -6.06
N GLU C 276 9.30 19.68 -6.68
CA GLU C 276 7.98 19.28 -6.25
C GLU C 276 7.91 17.76 -6.28
N HIS C 277 6.88 17.22 -5.65
CA HIS C 277 6.72 15.78 -5.53
C HIS C 277 5.45 15.36 -6.26
N PRO C 278 5.46 14.21 -6.96
CA PRO C 278 4.31 13.87 -7.80
C PRO C 278 3.01 13.74 -7.02
N THR C 279 3.07 13.39 -5.74
CA THR C 279 1.86 13.18 -4.95
C THR C 279 1.85 13.91 -3.63
N LEU C 280 3.00 14.28 -3.06
CA LEU C 280 3.07 15.06 -1.83
C LEU C 280 2.96 16.53 -2.22
N GLU C 281 1.73 17.07 -2.16
CA GLU C 281 1.48 18.41 -2.68
C GLU C 281 2.22 19.48 -1.89
N TRP C 282 2.42 19.26 -0.57
CA TRP C 282 3.12 20.24 0.26
C TRP C 282 4.60 20.34 -0.07
N PHE C 283 5.16 19.39 -0.84
CA PHE C 283 6.61 19.37 -1.04
C PHE C 283 7.09 20.67 -1.68
N ALA C 284 6.34 21.17 -2.67
CA ALA C 284 6.72 22.39 -3.37
C ALA C 284 6.82 23.56 -2.40
N ALA C 285 5.93 23.59 -1.40
CA ALA C 285 5.92 24.70 -0.45
C ALA C 285 7.20 24.77 0.36
N LEU C 286 7.95 23.66 0.46
CA LEU C 286 9.25 23.71 1.11
C LEU C 286 10.23 24.62 0.39
N GLY C 287 9.92 25.01 -0.85
CA GLY C 287 10.73 25.99 -1.55
C GLY C 287 12.08 25.47 -2.00
N LEU C 288 12.21 24.16 -2.16
CA LEU C 288 13.48 23.59 -2.55
C LEU C 288 13.71 23.74 -4.04
N ARG C 289 14.96 24.01 -4.41
CA ARG C 289 15.38 24.09 -5.80
C ARG C 289 16.74 23.42 -5.94
N TRP C 290 17.07 23.00 -7.16
CA TRP C 290 18.45 22.70 -7.50
C TRP C 290 18.70 23.10 -8.95
N TYR C 291 19.97 23.25 -9.30
CA TYR C 291 20.33 23.71 -10.63
C TYR C 291 20.53 22.53 -11.57
N ALA C 292 20.46 22.82 -12.87
CA ALA C 292 20.45 21.77 -13.88
C ALA C 292 21.83 21.23 -14.16
N LEU C 293 22.85 22.10 -14.20
CA LEU C 293 24.13 21.71 -14.76
C LEU C 293 25.15 21.44 -13.66
N PRO C 294 25.63 20.18 -13.48
CA PRO C 294 26.77 19.94 -12.58
C PRO C 294 28.06 20.17 -13.36
N ALA C 295 28.81 21.18 -12.93
CA ALA C 295 29.95 21.65 -13.73
C ALA C 295 31.12 21.88 -12.78
N VAL C 296 32.01 20.89 -12.72
CA VAL C 296 33.12 20.90 -11.78
C VAL C 296 34.24 21.78 -12.32
N SER C 297 34.68 22.74 -11.50
CA SER C 297 35.57 23.79 -11.96
C SER C 297 36.81 23.96 -11.09
N ASN C 298 37.21 22.94 -10.33
CA ASN C 298 38.40 23.07 -9.49
C ASN C 298 39.39 21.93 -9.66
N MET C 299 39.21 21.05 -10.63
CA MET C 299 40.07 19.89 -10.77
C MET C 299 41.06 20.10 -11.89
N LEU C 300 42.27 19.61 -11.68
CA LEU C 300 43.35 19.78 -12.64
C LEU C 300 43.26 18.65 -13.65
N LEU C 301 43.17 19.02 -14.93
CA LEU C 301 43.26 18.07 -16.03
C LEU C 301 44.72 17.86 -16.36
N GLU C 302 45.15 16.61 -16.39
CA GLU C 302 46.53 16.26 -16.66
C GLU C 302 46.56 15.36 -17.88
N ILE C 303 47.25 15.80 -18.93
CA ILE C 303 47.35 15.06 -20.18
C ILE C 303 48.80 15.10 -20.64
N GLY C 304 49.38 13.91 -20.84
CA GLY C 304 50.73 13.84 -21.37
C GLY C 304 51.73 14.71 -20.65
N GLY C 305 51.65 14.76 -19.32
CA GLY C 305 52.53 15.60 -18.56
C GLY C 305 52.13 17.06 -18.48
N LEU C 306 51.17 17.50 -19.27
CA LEU C 306 50.72 18.89 -19.20
C LEU C 306 49.62 19.02 -18.16
N GLU C 307 49.62 20.17 -17.48
CA GLU C 307 48.71 20.40 -16.36
C GLU C 307 47.77 21.54 -16.71
N PHE C 308 46.47 21.29 -16.64
CA PHE C 308 45.48 22.32 -16.94
C PHE C 308 44.70 22.64 -15.68
N PRO C 309 45.11 23.64 -14.90
CA PRO C 309 44.44 23.90 -13.61
C PRO C 309 43.03 24.45 -13.75
N ALA C 310 42.68 25.02 -14.91
CA ALA C 310 41.32 25.45 -15.21
C ALA C 310 40.86 24.66 -16.43
N ALA C 311 39.99 23.68 -16.18
CA ALA C 311 39.41 22.86 -17.24
C ALA C 311 38.05 22.36 -16.77
N PRO C 312 37.06 23.25 -16.67
CA PRO C 312 35.76 22.86 -16.14
C PRO C 312 35.07 21.85 -17.06
N PHE C 313 34.59 20.76 -16.45
CA PHE C 313 33.84 19.75 -17.18
C PHE C 313 32.43 19.61 -16.61
N SER C 314 31.51 19.19 -17.46
CA SER C 314 30.12 19.11 -17.05
C SER C 314 29.43 17.96 -17.77
N GLY C 315 28.44 17.39 -17.10
CA GLY C 315 27.61 16.37 -17.70
C GLY C 315 26.18 16.55 -17.28
N TRP C 316 25.62 15.55 -16.60
CA TRP C 316 24.33 15.69 -15.97
C TRP C 316 24.35 14.98 -14.63
N TYR C 317 23.40 15.34 -13.78
CA TYR C 317 23.35 14.78 -12.44
C TYR C 317 22.85 13.35 -12.45
N MET C 318 23.33 12.56 -11.49
CA MET C 318 22.62 11.39 -10.99
C MET C 318 21.78 11.85 -9.81
N SER C 319 20.55 11.37 -9.75
CA SER C 319 19.59 11.96 -8.83
C SER C 319 19.98 11.78 -7.36
N THR C 320 20.71 10.72 -7.02
CA THR C 320 21.13 10.60 -5.62
C THR C 320 22.08 11.73 -5.22
N GLU C 321 22.85 12.24 -6.17
CA GLU C 321 23.74 13.36 -5.86
C GLU C 321 22.96 14.52 -5.25
N ILE C 322 21.79 14.82 -5.79
CA ILE C 322 21.01 15.96 -5.32
C ILE C 322 20.16 15.56 -4.12
N GLY C 323 19.27 14.60 -4.31
CA GLY C 323 18.29 14.28 -3.28
C GLY C 323 18.90 13.64 -2.04
N THR C 324 19.88 12.78 -2.23
CA THR C 324 20.51 12.13 -1.08
C THR C 324 21.65 12.96 -0.48
N ARG C 325 22.65 13.34 -1.27
CA ARG C 325 23.83 13.98 -0.67
C ARG C 325 23.62 15.48 -0.43
N ASN C 326 23.30 16.23 -1.49
CA ASN C 326 23.23 17.69 -1.37
C ASN C 326 22.12 18.11 -0.42
N LEU C 327 20.96 17.47 -0.52
CA LEU C 327 19.79 17.84 0.27
C LEU C 327 19.74 17.14 1.64
N CYS C 328 20.22 15.90 1.76
CA CYS C 328 20.06 15.15 3.01
C CYS C 328 21.33 14.94 3.85
N ASP C 329 22.52 15.25 3.34
CA ASP C 329 23.71 15.13 4.19
C ASP C 329 23.55 16.01 5.43
N PRO C 330 23.99 15.54 6.60
CA PRO C 330 23.89 16.37 7.82
C PRO C 330 24.62 17.69 7.71
N HIS C 331 25.71 17.72 6.94
CA HIS C 331 26.51 18.91 6.76
C HIS C 331 26.18 19.64 5.47
N ARG C 332 25.04 19.34 4.87
CA ARG C 332 24.59 20.08 3.69
C ARG C 332 23.25 20.71 4.02
N TYR C 333 22.28 20.66 3.11
CA TYR C 333 21.00 21.29 3.41
C TYR C 333 20.25 20.56 4.51
N ASN C 334 20.54 19.28 4.74
CA ASN C 334 20.12 18.61 5.98
C ASN C 334 18.61 18.65 6.19
N ILE C 335 17.85 18.39 5.11
CA ILE C 335 16.40 18.59 5.14
C ILE C 335 15.64 17.36 5.60
N LEU C 336 16.35 16.27 5.95
CA LEU C 336 15.67 14.98 6.07
C LEU C 336 14.58 15.02 7.13
N GLU C 337 14.89 15.59 8.30
CA GLU C 337 13.92 15.60 9.38
C GLU C 337 12.72 16.46 9.01
N ASP C 338 12.96 17.56 8.28
CA ASP C 338 11.87 18.45 7.90
C ASP C 338 10.90 17.77 6.94
N VAL C 339 11.41 16.94 6.03
CA VAL C 339 10.52 16.21 5.13
C VAL C 339 9.77 15.13 5.89
N ALA C 340 10.43 14.48 6.85
CA ALA C 340 9.79 13.46 7.66
C ALA C 340 8.66 14.03 8.50
N VAL C 341 8.85 15.22 9.05
CA VAL C 341 7.79 15.89 9.83
C VAL C 341 6.58 16.15 8.95
N CYS C 342 6.81 16.57 7.71
CA CYS C 342 5.71 16.79 6.79
C CYS C 342 5.03 15.49 6.38
N MET C 343 5.76 14.38 6.37
CA MET C 343 5.16 13.10 6.01
C MET C 343 4.52 12.42 7.20
N ASP C 344 4.46 13.11 8.34
CA ASP C 344 3.91 12.57 9.59
C ASP C 344 4.59 11.28 10.02
N LEU C 345 5.89 11.17 9.78
CA LEU C 345 6.60 9.93 10.11
C LEU C 345 6.97 9.88 11.60
N ASP C 346 7.19 8.67 12.10
CA ASP C 346 7.56 8.51 13.51
C ASP C 346 9.05 8.72 13.64
N THR C 347 9.44 9.96 13.89
CA THR C 347 10.84 10.31 14.03
C THR C 347 11.39 10.05 15.42
N ARG C 348 10.60 9.49 16.34
CA ARG C 348 11.06 9.23 17.70
C ARG C 348 11.82 7.91 17.85
N THR C 349 11.82 7.05 16.84
CA THR C 349 12.53 5.78 16.89
C THR C 349 13.19 5.49 15.54
N THR C 350 14.49 5.16 15.56
CA THR C 350 15.18 4.94 14.29
C THR C 350 14.63 3.74 13.54
N SER C 351 13.98 2.82 14.24
CA SER C 351 13.52 1.56 13.67
C SER C 351 12.22 1.71 12.86
N SER C 352 11.56 2.87 12.94
CA SER C 352 10.53 3.18 11.96
C SER C 352 11.09 3.35 10.56
N LEU C 353 12.42 3.50 10.42
CA LEU C 353 13.09 3.78 9.15
C LEU C 353 12.54 5.07 8.52
N TRP C 354 12.20 6.04 9.38
CA TRP C 354 11.70 7.31 8.88
C TRP C 354 12.73 8.00 8.01
N LYS C 355 14.03 7.86 8.31
CA LYS C 355 15.05 8.48 7.48
C LYS C 355 15.03 7.89 6.08
N ASP C 356 14.97 6.57 5.99
CA ASP C 356 14.95 5.91 4.70
C ASP C 356 13.73 6.34 3.88
N LYS C 357 12.56 6.44 4.50
CA LYS C 357 11.35 6.77 3.75
C LYS C 357 11.41 8.21 3.23
N ALA C 358 11.76 9.15 4.10
CA ALA C 358 11.90 10.55 3.68
C ALA C 358 12.93 10.67 2.58
N ALA C 359 14.07 9.98 2.72
CA ALA C 359 15.10 10.03 1.69
C ALA C 359 14.56 9.56 0.34
N VAL C 360 13.82 8.44 0.33
CA VAL C 360 13.31 7.92 -0.94
C VAL C 360 12.39 8.94 -1.59
N GLU C 361 11.51 9.56 -0.80
CA GLU C 361 10.57 10.52 -1.35
C GLU C 361 11.28 11.76 -1.86
N ILE C 362 12.37 12.16 -1.20
CA ILE C 362 13.15 13.30 -1.69
C ILE C 362 13.76 12.97 -3.04
N ASN C 363 14.33 11.78 -3.17
CA ASN C 363 14.86 11.35 -4.46
C ASN C 363 13.76 11.23 -5.51
N VAL C 364 12.58 10.76 -5.11
CA VAL C 364 11.46 10.72 -6.05
C VAL C 364 11.15 12.14 -6.54
N ALA C 365 11.15 13.11 -5.63
CA ALA C 365 10.85 14.48 -6.03
C ALA C 365 11.91 15.03 -6.98
N VAL C 366 13.19 14.71 -6.73
CA VAL C 366 14.23 15.20 -7.62
C VAL C 366 13.99 14.68 -9.03
N LEU C 367 13.85 13.37 -9.16
CA LEU C 367 13.64 12.74 -10.47
C LEU C 367 12.37 13.27 -11.14
N HIS C 368 11.28 13.35 -10.38
CA HIS C 368 10.05 13.88 -10.94
C HIS C 368 10.24 15.33 -11.39
N SER C 369 10.88 16.15 -10.56
CA SER C 369 11.02 17.57 -10.89
C SER C 369 11.91 17.77 -12.11
N TYR C 370 13.02 17.04 -12.20
CA TYR C 370 13.87 17.17 -13.38
C TYR C 370 13.16 16.69 -14.64
N GLN C 371 12.40 15.59 -14.55
CA GLN C 371 11.71 15.09 -15.73
C GLN C 371 10.60 16.04 -16.17
N LEU C 372 9.93 16.68 -15.21
CA LEU C 372 8.87 17.62 -15.57
C LEU C 372 9.45 18.88 -16.21
N ALA C 373 10.56 19.38 -15.67
CA ALA C 373 11.28 20.48 -16.29
C ALA C 373 12.06 20.08 -17.52
N LYS C 374 12.01 18.81 -17.94
CA LYS C 374 12.70 18.34 -19.15
C LYS C 374 14.21 18.62 -19.06
N VAL C 375 14.78 18.40 -17.88
CA VAL C 375 16.22 18.53 -17.68
C VAL C 375 16.79 17.13 -17.46
N THR C 376 17.78 16.77 -18.28
CA THR C 376 18.37 15.44 -18.23
C THR C 376 18.78 15.09 -16.79
N ILE C 377 18.39 13.91 -16.35
CA ILE C 377 18.85 13.38 -15.07
C ILE C 377 18.82 11.87 -15.18
N VAL C 378 19.64 11.20 -14.37
CA VAL C 378 19.66 9.75 -14.38
C VAL C 378 19.52 9.24 -12.95
N ASP C 379 18.65 8.26 -12.76
CA ASP C 379 18.46 7.66 -11.46
C ASP C 379 19.59 6.64 -11.21
N HIS C 380 19.84 6.36 -9.94
CA HIS C 380 21.01 5.56 -9.59
C HIS C 380 20.90 4.11 -10.07
N HIS C 381 19.69 3.58 -10.28
CA HIS C 381 19.55 2.24 -10.84
C HIS C 381 20.00 2.21 -12.30
N ALA C 382 19.48 3.12 -13.13
CA ALA C 382 19.89 3.18 -14.53
C ALA C 382 21.38 3.46 -14.66
N ALA C 383 21.89 4.41 -13.86
CA ALA C 383 23.31 4.75 -13.94
C ALA C 383 24.19 3.55 -13.61
N THR C 384 23.87 2.83 -12.53
CA THR C 384 24.73 1.71 -12.15
C THR C 384 24.62 0.57 -13.15
N ALA C 385 23.42 0.33 -13.68
CA ALA C 385 23.28 -0.70 -14.69
C ALA C 385 24.12 -0.36 -15.93
N SER C 386 24.14 0.92 -16.31
CA SER C 386 24.97 1.31 -17.44
CA SER C 386 24.97 1.32 -17.44
C SER C 386 26.45 1.21 -17.09
N PHE C 387 26.81 1.48 -15.83
CA PHE C 387 28.19 1.33 -15.45
C PHE C 387 28.61 -0.13 -15.54
N MET C 388 27.73 -1.06 -15.17
CA MET C 388 28.04 -2.47 -15.39
C MET C 388 28.29 -2.76 -16.86
N LYS C 389 27.50 -2.14 -17.74
CA LYS C 389 27.77 -2.29 -19.16
C LYS C 389 29.11 -1.69 -19.51
N HIS C 390 29.44 -0.55 -18.88
CA HIS C 390 30.72 0.07 -19.14
C HIS C 390 31.86 -0.84 -18.71
N LEU C 391 31.76 -1.45 -17.52
CA LEU C 391 32.81 -2.38 -17.09
C LEU C 391 33.00 -3.50 -18.10
N GLU C 392 31.89 -4.06 -18.60
CA GLU C 392 31.97 -5.16 -19.54
C GLU C 392 32.64 -4.71 -20.84
N ASN C 393 32.30 -3.51 -21.31
CA ASN C 393 32.96 -2.93 -22.50
C ASN C 393 34.45 -2.71 -22.23
N GLU C 394 34.78 -2.14 -21.08
CA GLU C 394 36.17 -1.78 -20.81
C GLU C 394 37.03 -3.02 -20.63
N GLN C 395 36.45 -4.08 -20.07
CA GLN C 395 37.16 -5.36 -19.99
C GLN C 395 37.63 -5.80 -21.37
N LYS C 396 36.72 -5.77 -22.34
CA LYS C 396 37.06 -6.23 -23.68
C LYS C 396 38.02 -5.27 -24.37
N ALA C 397 37.82 -3.96 -24.18
CA ALA C 397 38.62 -2.97 -24.90
C ALA C 397 40.01 -2.82 -24.26
N ARG C 398 40.09 -2.70 -22.94
CA ARG C 398 41.35 -2.38 -22.27
C ARG C 398 41.80 -3.40 -21.24
N GLY C 399 41.03 -4.46 -21.01
CA GLY C 399 41.43 -5.46 -20.04
C GLY C 399 41.18 -5.07 -18.60
N GLY C 400 40.23 -4.18 -18.37
CA GLY C 400 39.91 -3.78 -17.00
C GLY C 400 39.38 -2.37 -16.99
N CYS C 401 39.15 -1.91 -15.79
CA CYS C 401 38.60 -0.58 -15.61
C CYS C 401 38.93 -0.15 -14.19
N PRO C 402 39.56 1.00 -13.99
CA PRO C 402 39.75 1.52 -12.63
C PRO C 402 38.43 2.03 -12.08
N ALA C 403 38.06 1.56 -10.90
CA ALA C 403 36.79 1.87 -10.30
C ALA C 403 36.94 1.91 -8.79
N ASP C 404 36.37 2.94 -8.17
CA ASP C 404 36.47 3.17 -6.74
C ASP C 404 35.13 2.75 -6.14
N TRP C 405 35.11 1.53 -5.60
CA TRP C 405 33.86 0.92 -5.15
C TRP C 405 33.04 1.86 -4.27
N ALA C 406 33.71 2.50 -3.31
CA ALA C 406 33.04 3.40 -2.37
C ALA C 406 32.32 4.54 -3.07
N TRP C 407 32.77 4.94 -4.26
CA TRP C 407 32.14 6.03 -4.97
C TRP C 407 31.19 5.58 -6.07
N ILE C 408 31.36 4.36 -6.60
CA ILE C 408 30.47 3.88 -7.66
C ILE C 408 29.14 3.41 -7.09
N VAL C 409 29.18 2.71 -5.97
CA VAL C 409 27.99 2.28 -5.25
C VAL C 409 27.26 3.53 -4.76
N PRO C 410 25.99 3.71 -5.11
CA PRO C 410 25.28 4.96 -4.79
C PRO C 410 25.05 5.08 -3.29
N PRO C 411 24.75 6.28 -2.79
CA PRO C 411 24.64 6.49 -1.34
C PRO C 411 23.31 6.11 -0.74
N ILE C 412 22.35 5.64 -1.53
CA ILE C 412 21.18 4.93 -1.04
C ILE C 412 21.05 3.67 -1.88
N SER C 413 20.39 2.66 -1.31
CA SER C 413 20.02 1.44 -2.02
C SER C 413 21.22 0.71 -2.62
N GLY C 414 22.40 0.87 -2.02
CA GLY C 414 23.63 0.28 -2.52
C GLY C 414 23.50 -1.15 -3.02
N SER C 415 23.08 -2.08 -2.16
CA SER C 415 23.05 -3.47 -2.59
C SER C 415 21.87 -3.79 -3.50
N LEU C 416 20.95 -2.84 -3.74
CA LEU C 416 19.96 -3.05 -4.76
C LEU C 416 20.47 -2.73 -6.15
N THR C 417 21.68 -2.21 -6.25
CA THR C 417 22.27 -1.91 -7.54
C THR C 417 23.32 -2.97 -7.86
N PRO C 418 23.53 -3.28 -9.13
CA PRO C 418 24.47 -4.36 -9.48
C PRO C 418 25.91 -4.05 -9.10
N VAL C 419 26.31 -2.77 -9.02
CA VAL C 419 27.71 -2.45 -8.72
C VAL C 419 28.10 -2.91 -7.33
N PHE C 420 27.14 -3.00 -6.41
CA PHE C 420 27.44 -3.45 -5.05
C PHE C 420 28.10 -4.82 -5.06
N HIS C 421 27.63 -5.71 -5.93
CA HIS C 421 28.05 -7.09 -5.94
C HIS C 421 29.25 -7.33 -6.83
N GLN C 422 29.79 -6.25 -7.40
CA GLN C 422 30.91 -6.29 -8.33
C GLN C 422 32.19 -5.89 -7.62
N GLU C 423 33.13 -6.83 -7.50
CA GLU C 423 34.47 -6.44 -7.05
C GLU C 423 35.13 -5.51 -8.06
N MET C 424 35.91 -4.56 -7.55
CA MET C 424 36.51 -3.51 -8.36
C MET C 424 37.96 -3.31 -7.94
N VAL C 425 38.76 -2.85 -8.89
CA VAL C 425 40.18 -2.59 -8.68
C VAL C 425 40.41 -1.11 -8.91
N ASN C 426 40.96 -0.43 -7.90
CA ASN C 426 41.21 0.99 -8.00
C ASN C 426 42.69 1.22 -8.27
N TYR C 427 42.98 2.18 -9.15
CA TYR C 427 44.35 2.55 -9.51
C TYR C 427 44.30 3.79 -10.39
N PHE C 428 45.46 4.42 -10.55
CA PHE C 428 45.55 5.68 -11.28
C PHE C 428 46.10 5.43 -12.68
N LEU C 429 45.41 5.95 -13.69
CA LEU C 429 45.92 5.98 -15.06
C LEU C 429 45.94 7.42 -15.56
N SER C 430 46.90 7.71 -16.45
CA SER C 430 46.96 9.00 -17.11
C SER C 430 46.49 8.85 -18.56
N PRO C 431 45.77 9.84 -19.13
CA PRO C 431 45.26 11.12 -18.63
C PRO C 431 44.33 10.98 -17.45
N ALA C 432 44.20 12.04 -16.64
CA ALA C 432 43.42 11.97 -15.43
C ALA C 432 42.94 13.35 -15.03
N PHE C 433 41.84 13.37 -14.29
CA PHE C 433 41.48 14.53 -13.49
C PHE C 433 42.03 14.34 -12.09
N ARG C 434 42.75 15.35 -11.62
CA ARG C 434 43.40 15.32 -10.31
C ARG C 434 42.82 16.41 -9.42
N TYR C 435 42.75 16.12 -8.12
CA TYR C 435 42.51 17.19 -7.16
C TYR C 435 43.73 18.09 -7.09
N GLN C 436 43.51 19.34 -6.67
CA GLN C 436 44.61 20.28 -6.60
C GLN C 436 44.34 21.23 -5.44
N PRO C 437 45.37 21.88 -4.91
CA PRO C 437 45.18 22.79 -3.78
C PRO C 437 44.26 23.95 -4.15
N ASP C 438 43.61 24.51 -3.14
CA ASP C 438 42.86 25.74 -3.33
C ASP C 438 43.83 26.89 -3.59
N PRO C 439 43.53 27.77 -4.55
CA PRO C 439 44.51 28.81 -4.92
C PRO C 439 44.69 29.90 -3.88
N TRP C 440 44.87 29.49 -2.61
CA TRP C 440 45.25 30.42 -1.53
C TRP C 440 45.59 29.63 -0.26
N LYS D 27 54.70 9.53 8.89
CA LYS D 27 53.60 9.62 9.84
C LYS D 27 52.67 8.41 9.71
N PHE D 28 51.64 8.40 10.53
CA PHE D 28 50.53 7.46 10.50
C PHE D 28 49.39 8.04 9.67
N PRO D 29 48.46 7.22 9.21
CA PRO D 29 47.39 7.73 8.34
C PRO D 29 46.48 8.72 9.05
N ARG D 30 46.18 9.82 8.38
CA ARG D 30 45.19 10.76 8.87
C ARG D 30 43.80 10.35 8.39
N VAL D 31 42.82 10.50 9.28
CA VAL D 31 41.48 9.95 9.11
C VAL D 31 40.49 11.06 9.44
N LYS D 32 39.71 11.45 8.45
CA LYS D 32 38.75 12.55 8.60
C LYS D 32 37.34 12.01 8.69
N ASN D 33 36.53 12.65 9.52
CA ASN D 33 35.09 12.53 9.47
C ASN D 33 34.54 13.74 8.73
N TRP D 34 33.80 13.51 7.65
CA TRP D 34 33.35 14.61 6.81
C TRP D 34 32.03 15.20 7.27
N GLU D 35 31.26 14.49 8.08
CA GLU D 35 30.07 15.11 8.67
C GLU D 35 30.46 16.19 9.67
N VAL D 36 31.50 15.96 10.46
CA VAL D 36 31.88 16.85 11.54
C VAL D 36 33.14 17.65 11.24
N GLY D 37 34.07 17.11 10.45
CA GLY D 37 35.36 17.72 10.27
C GLY D 37 36.43 17.26 11.24
N SER D 38 36.10 16.39 12.19
CA SER D 38 37.10 15.94 13.15
C SER D 38 38.14 15.04 12.46
N ILE D 39 39.32 14.99 13.07
CA ILE D 39 40.50 14.38 12.48
C ILE D 39 41.25 13.60 13.54
N THR D 40 41.65 12.37 13.21
CA THR D 40 42.45 11.53 14.07
C THR D 40 43.55 10.89 13.22
N TYR D 41 44.50 10.26 13.90
CA TYR D 41 45.59 9.56 13.24
C TYR D 41 45.61 8.12 13.72
N ASP D 42 45.62 7.18 12.77
CA ASP D 42 45.56 5.77 13.12
C ASP D 42 46.97 5.27 13.38
N THR D 43 47.40 5.35 14.64
CA THR D 43 48.69 4.80 15.03
C THR D 43 48.61 3.29 15.26
N LEU D 44 47.41 2.75 15.53
CA LEU D 44 47.29 1.32 15.71
C LEU D 44 47.66 0.55 14.44
N SER D 45 47.47 1.16 13.27
CA SER D 45 47.75 0.46 12.03
C SER D 45 49.23 0.12 11.88
N ALA D 46 50.11 0.82 12.59
CA ALA D 46 51.52 0.47 12.52
C ALA D 46 51.78 -0.90 13.13
N GLN D 47 50.94 -1.34 14.07
CA GLN D 47 51.04 -2.68 14.64
C GLN D 47 50.52 -3.76 13.71
N ALA D 48 49.94 -3.39 12.56
CA ALA D 48 49.33 -4.37 11.66
C ALA D 48 50.36 -5.41 11.28
N GLN D 49 50.14 -6.65 11.72
CA GLN D 49 51.14 -7.69 11.50
C GLN D 49 50.98 -8.27 10.10
N GLN D 50 49.99 -9.12 9.89
CA GLN D 50 49.82 -9.73 8.58
C GLN D 50 49.40 -8.66 7.56
N ASP D 51 49.61 -8.97 6.28
CA ASP D 51 49.45 -8.01 5.21
C ASP D 51 48.18 -8.27 4.42
N GLY D 52 47.61 -7.18 3.88
CA GLY D 52 46.41 -7.25 3.08
C GLY D 52 46.71 -7.25 1.59
N PRO D 53 45.67 -7.13 0.77
CA PRO D 53 45.84 -7.30 -0.68
C PRO D 53 46.23 -6.05 -1.45
N CYS D 54 46.22 -4.88 -0.81
CA CYS D 54 46.46 -3.63 -1.51
C CYS D 54 47.96 -3.35 -1.65
N THR D 55 48.30 -2.55 -2.67
CA THR D 55 49.65 -2.04 -2.89
C THR D 55 49.52 -0.57 -3.27
N PRO D 56 50.62 0.20 -3.28
CA PRO D 56 50.52 1.56 -3.82
C PRO D 56 50.03 1.60 -5.26
N ARG D 57 50.25 0.52 -6.02
CA ARG D 57 49.82 0.49 -7.42
C ARG D 57 48.32 0.29 -7.55
N ARG D 58 47.69 -0.47 -6.66
CA ARG D 58 46.28 -0.77 -6.86
C ARG D 58 45.62 -1.13 -5.53
N CYS D 59 44.41 -0.64 -5.34
CA CYS D 59 43.61 -0.99 -4.16
C CYS D 59 42.69 -2.17 -4.48
N LEU D 60 42.73 -3.20 -3.63
CA LEU D 60 41.82 -4.34 -3.72
C LEU D 60 40.88 -4.41 -2.51
N GLY D 61 40.65 -3.28 -1.85
CA GLY D 61 39.82 -3.27 -0.66
C GLY D 61 38.43 -3.86 -0.86
N SER D 62 37.88 -3.81 -2.08
CA SER D 62 36.52 -4.27 -2.31
C SER D 62 36.41 -5.79 -2.53
N LEU D 63 37.52 -6.52 -2.50
CA LEU D 63 37.43 -7.95 -2.73
C LEU D 63 36.88 -8.64 -1.48
N VAL D 64 35.97 -9.60 -1.69
CA VAL D 64 35.41 -10.35 -0.58
C VAL D 64 36.51 -11.19 0.11
N PHE D 65 37.26 -11.95 -0.67
CA PHE D 65 38.36 -12.71 -0.10
C PHE D 65 39.68 -12.03 -0.43
N PRO D 66 40.33 -11.32 0.52
CA PRO D 66 41.60 -10.62 0.36
C PRO D 66 42.83 -11.50 0.65
N ALA D 79 57.60 -24.65 11.69
CA ALA D 79 57.87 -23.23 11.81
C ALA D 79 57.68 -22.75 13.25
N PRO D 80 58.58 -23.18 14.17
CA PRO D 80 58.40 -22.86 15.59
C PRO D 80 58.77 -21.43 15.95
N GLU D 81 59.83 -20.90 15.34
CA GLU D 81 60.31 -19.57 15.70
C GLU D 81 59.24 -18.50 15.47
N GLN D 82 58.32 -18.78 14.55
CA GLN D 82 57.31 -17.83 14.13
C GLN D 82 55.99 -18.05 14.88
N LEU D 83 55.67 -19.31 15.19
CA LEU D 83 54.68 -19.56 16.22
C LEU D 83 55.07 -18.82 17.50
N LEU D 84 56.37 -18.87 17.84
CA LEU D 84 56.87 -18.22 19.04
C LEU D 84 56.62 -16.71 19.03
N SER D 85 56.97 -16.04 17.92
CA SER D 85 56.84 -14.59 17.91
C SER D 85 55.37 -14.18 17.96
N GLN D 86 54.47 -14.96 17.38
CA GLN D 86 53.04 -14.66 17.51
C GLN D 86 52.58 -14.86 18.95
N ALA D 87 52.98 -15.96 19.59
CA ALA D 87 52.57 -16.20 20.97
C ALA D 87 53.14 -15.11 21.88
N ARG D 88 54.41 -14.78 21.69
CA ARG D 88 55.06 -13.74 22.49
C ARG D 88 54.28 -12.44 22.41
N ASP D 89 53.86 -12.06 21.20
CA ASP D 89 53.06 -10.85 21.05
C ASP D 89 51.72 -10.98 21.75
N PHE D 90 51.09 -12.15 21.66
CA PHE D 90 49.78 -12.30 22.29
C PHE D 90 49.90 -12.30 23.82
N ILE D 91 50.91 -12.98 24.35
CA ILE D 91 51.14 -12.97 25.79
C ILE D 91 51.40 -11.54 26.27
N ASN D 92 52.20 -10.78 25.53
CA ASN D 92 52.39 -9.37 25.84
C ASN D 92 51.05 -8.64 25.84
N GLN D 93 50.18 -8.95 24.87
CA GLN D 93 48.86 -8.32 24.82
C GLN D 93 48.06 -8.69 26.05
N TYR D 94 48.06 -9.97 26.41
CA TYR D 94 47.31 -10.38 27.58
C TYR D 94 47.81 -9.66 28.83
N TYR D 95 49.12 -9.72 29.08
CA TYR D 95 49.63 -9.11 30.30
C TYR D 95 49.52 -7.59 30.30
N SER D 96 49.45 -6.95 29.13
CA SER D 96 49.13 -5.52 29.10
C SER D 96 47.71 -5.25 29.57
N SER D 97 46.75 -6.07 29.11
CA SER D 97 45.34 -5.81 29.42
C SER D 97 45.05 -5.98 30.92
N ILE D 98 45.77 -6.86 31.62
CA ILE D 98 45.55 -7.04 33.05
C ILE D 98 46.49 -6.13 33.83
N LYS D 99 47.14 -5.20 33.13
CA LYS D 99 47.96 -4.16 33.75
C LYS D 99 49.08 -4.76 34.60
N ARG D 100 49.69 -5.84 34.11
CA ARG D 100 50.87 -6.44 34.74
C ARG D 100 51.97 -6.63 33.71
N SER D 101 52.16 -5.61 32.85
CA SER D 101 53.16 -5.68 31.81
CA SER D 101 53.18 -5.68 31.81
C SER D 101 54.57 -5.78 32.40
N GLY D 102 55.40 -6.65 31.80
CA GLY D 102 56.78 -6.79 32.20
C GLY D 102 56.99 -7.26 33.63
N SER D 103 55.98 -7.87 34.22
CA SER D 103 56.01 -8.17 35.64
C SER D 103 56.40 -9.62 35.89
N GLN D 104 56.13 -10.10 37.11
CA GLN D 104 56.48 -11.44 37.57
C GLN D 104 55.95 -12.52 36.64
N ALA D 105 54.62 -12.69 36.60
CA ALA D 105 54.00 -13.76 35.84
C ALA D 105 54.25 -13.61 34.34
N HIS D 106 54.42 -12.37 33.86
CA HIS D 106 54.60 -12.13 32.43
C HIS D 106 55.83 -12.86 31.90
N GLU D 107 56.98 -12.68 32.56
CA GLU D 107 58.16 -13.40 32.10
C GLU D 107 57.99 -14.89 32.29
N GLN D 108 57.42 -15.30 33.42
CA GLN D 108 57.13 -16.71 33.65
C GLN D 108 56.38 -17.32 32.47
N ARG D 109 55.29 -16.67 32.07
CA ARG D 109 54.47 -17.18 30.97
C ARG D 109 55.26 -17.22 29.66
N LEU D 110 56.00 -16.17 29.33
CA LEU D 110 56.83 -16.20 28.13
C LEU D 110 57.77 -17.39 28.14
N GLN D 111 58.53 -17.54 29.23
CA GLN D 111 59.45 -18.68 29.35
C GLN D 111 58.70 -20.00 29.23
N GLU D 112 57.53 -20.09 29.87
CA GLU D 112 56.74 -21.32 29.81
C GLU D 112 56.36 -21.68 28.38
N VAL D 113 55.94 -20.67 27.59
CA VAL D 113 55.47 -20.96 26.25
C VAL D 113 56.63 -21.44 25.36
N GLU D 114 57.74 -20.71 25.38
CA GLU D 114 58.92 -21.14 24.65
C GLU D 114 59.30 -22.58 25.01
N ALA D 115 59.33 -22.88 26.31
CA ALA D 115 59.65 -24.23 26.74
C ALA D 115 58.66 -25.25 26.19
N GLU D 116 57.37 -24.89 26.13
CA GLU D 116 56.39 -25.83 25.62
C GLU D 116 56.47 -25.97 24.10
N VAL D 117 56.74 -24.88 23.39
CA VAL D 117 56.92 -24.98 21.95
C VAL D 117 58.13 -25.86 21.63
N ALA D 118 59.18 -25.77 22.43
CA ALA D 118 60.34 -26.63 22.23
C ALA D 118 60.01 -28.09 22.47
N ALA D 119 59.27 -28.38 23.53
CA ALA D 119 59.00 -29.77 23.90
C ALA D 119 57.92 -30.38 23.02
N THR D 120 56.89 -29.61 22.64
CA THR D 120 55.73 -30.18 21.97
C THR D 120 55.45 -29.59 20.60
N GLY D 121 56.21 -28.57 20.18
CA GLY D 121 55.89 -27.87 18.97
C GLY D 121 54.77 -26.85 19.09
N THR D 122 54.05 -26.85 20.21
CA THR D 122 52.90 -25.97 20.36
C THR D 122 52.79 -25.59 21.83
N TYR D 123 51.66 -24.99 22.21
CA TYR D 123 51.44 -24.62 23.60
C TYR D 123 49.94 -24.49 23.82
N GLN D 124 49.54 -24.48 25.09
CA GLN D 124 48.16 -24.36 25.47
C GLN D 124 47.90 -23.00 26.10
N LEU D 125 46.76 -22.42 25.75
CA LEU D 125 46.29 -21.19 26.38
C LEU D 125 45.72 -21.51 27.75
N ARG D 126 45.98 -20.63 28.71
CA ARG D 126 45.19 -20.64 29.94
C ARG D 126 43.80 -20.13 29.64
N GLU D 127 42.84 -20.55 30.46
CA GLU D 127 41.43 -20.19 30.23
C GLU D 127 41.24 -18.68 30.14
N SER D 128 41.85 -17.91 31.06
CA SER D 128 41.70 -16.47 30.97
CA SER D 128 41.70 -16.46 30.97
C SER D 128 42.31 -15.90 29.69
N GLU D 129 43.36 -16.55 29.17
CA GLU D 129 43.96 -16.09 27.92
C GLU D 129 43.06 -16.38 26.73
N LEU D 130 42.37 -17.53 26.76
CA LEU D 130 41.41 -17.87 25.72
C LEU D 130 40.28 -16.86 25.66
N VAL D 131 39.72 -16.51 26.83
CA VAL D 131 38.63 -15.55 26.89
C VAL D 131 39.07 -14.18 26.37
N PHE D 132 40.23 -13.70 26.84
CA PHE D 132 40.74 -12.42 26.33
C PHE D 132 41.02 -12.51 24.83
N GLY D 133 41.52 -13.66 24.37
CA GLY D 133 41.82 -13.83 22.95
C GLY D 133 40.60 -13.80 22.04
N ALA D 134 39.48 -14.36 22.51
CA ALA D 134 38.27 -14.42 21.70
C ALA D 134 37.63 -13.03 21.59
N LYS D 135 37.57 -12.32 22.71
CA LYS D 135 37.15 -10.91 22.71
C LYS D 135 38.04 -10.05 21.81
N GLN D 136 39.36 -10.22 21.89
CA GLN D 136 40.23 -9.40 21.05
C GLN D 136 40.03 -9.72 19.58
N ALA D 137 39.74 -10.98 19.27
CA ALA D 137 39.50 -11.34 17.88
C ALA D 137 38.23 -10.66 17.37
N TRP D 138 37.19 -10.61 18.20
CA TRP D 138 36.00 -9.86 17.82
C TRP D 138 36.32 -8.38 17.70
N ARG D 139 37.00 -7.83 18.72
CA ARG D 139 37.41 -6.44 18.67
C ARG D 139 38.20 -6.11 17.40
N ASN D 140 39.00 -7.06 16.90
CA ASN D 140 39.87 -6.80 15.77
C ASN D 140 39.20 -6.98 14.41
N ALA D 141 37.95 -7.45 14.35
CA ALA D 141 37.33 -7.84 13.10
C ALA D 141 36.89 -6.59 12.32
N PRO D 142 37.56 -6.26 11.23
CA PRO D 142 37.30 -4.97 10.54
C PRO D 142 35.92 -4.89 9.91
N ARG D 143 35.27 -6.01 9.59
CA ARG D 143 33.98 -5.99 8.92
C ARG D 143 32.80 -6.10 9.89
N CYS D 144 33.06 -6.09 11.20
CA CYS D 144 31.99 -6.21 12.18
C CYS D 144 31.55 -4.82 12.64
N VAL D 145 30.30 -4.46 12.37
CA VAL D 145 29.76 -3.18 12.81
C VAL D 145 29.23 -3.26 14.23
N GLY D 146 29.01 -4.47 14.77
CA GLY D 146 28.56 -4.59 16.15
C GLY D 146 29.64 -4.62 17.22
N ARG D 147 30.82 -4.08 16.94
CA ARG D 147 31.91 -4.25 17.91
C ARG D 147 31.83 -3.35 19.13
N ILE D 148 30.84 -2.44 19.24
CA ILE D 148 30.69 -1.76 20.52
C ILE D 148 30.51 -2.79 21.64
N GLN D 149 29.95 -3.95 21.32
CA GLN D 149 29.62 -5.04 22.25
C GLN D 149 30.82 -5.92 22.63
N TRP D 150 32.03 -5.65 22.11
CA TRP D 150 33.08 -6.67 22.05
C TRP D 150 33.49 -7.19 23.41
N GLY D 151 33.41 -6.37 24.45
CA GLY D 151 33.74 -6.84 25.79
C GLY D 151 32.72 -7.80 26.36
N LYS D 152 31.48 -7.78 25.83
CA LYS D 152 30.40 -8.63 26.35
C LYS D 152 30.30 -9.87 25.47
N LEU D 153 31.07 -10.89 25.82
CA LEU D 153 31.11 -12.12 25.03
C LEU D 153 31.21 -13.30 25.98
N GLN D 154 30.28 -14.23 25.87
CA GLN D 154 30.30 -15.46 26.66
C GLN D 154 31.16 -16.48 25.95
N VAL D 155 32.26 -16.89 26.58
CA VAL D 155 33.21 -17.81 25.96
C VAL D 155 33.02 -19.19 26.57
N PHE D 156 32.60 -20.15 25.75
CA PHE D 156 32.47 -21.53 26.17
C PHE D 156 33.73 -22.29 25.76
N ASP D 157 34.39 -22.90 26.74
CA ASP D 157 35.65 -23.60 26.52
C ASP D 157 35.32 -25.06 26.24
N ALA D 158 35.32 -25.44 24.96
CA ALA D 158 35.08 -26.80 24.54
C ALA D 158 36.34 -27.48 24.03
N ARG D 159 37.50 -27.02 24.51
CA ARG D 159 38.77 -27.55 24.04
C ARG D 159 39.05 -28.97 24.50
N ASP D 160 38.21 -29.52 25.38
CA ASP D 160 38.33 -30.92 25.78
C ASP D 160 37.39 -31.82 25.00
N CYS D 161 36.69 -31.28 24.01
CA CYS D 161 35.73 -32.05 23.23
C CYS D 161 36.43 -33.23 22.57
N ARG D 162 35.77 -34.39 22.61
CA ARG D 162 36.37 -35.64 22.19
C ARG D 162 35.82 -36.19 20.88
N SER D 163 34.57 -35.90 20.54
CA SER D 163 33.93 -36.54 19.41
C SER D 163 32.98 -35.57 18.75
N ALA D 164 32.43 -36.00 17.60
CA ALA D 164 31.41 -35.20 16.94
C ALA D 164 30.12 -35.18 17.76
N GLN D 165 29.84 -36.27 18.47
CA GLN D 165 28.62 -36.30 19.29
C GLN D 165 28.72 -35.30 20.44
N GLU D 166 29.87 -35.26 21.12
CA GLU D 166 30.06 -34.24 22.14
C GLU D 166 30.06 -32.84 21.53
N MET D 167 30.65 -32.70 20.34
CA MET D 167 30.61 -31.44 19.62
C MET D 167 29.16 -30.97 19.43
N PHE D 168 28.28 -31.89 19.01
CA PHE D 168 26.87 -31.54 18.81
C PHE D 168 26.23 -31.04 20.10
N THR D 169 26.51 -31.68 21.24
CA THR D 169 25.95 -31.26 22.51
C THR D 169 26.43 -29.87 22.88
N TYR D 170 27.73 -29.61 22.73
CA TYR D 170 28.27 -28.28 22.94
C TYR D 170 27.56 -27.23 22.08
N ILE D 171 27.22 -27.58 20.84
CA ILE D 171 26.62 -26.60 19.93
C ILE D 171 25.18 -26.35 20.31
N CYS D 172 24.44 -27.42 20.63
CA CYS D 172 23.08 -27.25 21.12
C CYS D 172 23.05 -26.34 22.34
N ASN D 173 23.99 -26.52 23.28
CA ASN D 173 24.06 -25.67 24.46
C ASN D 173 24.35 -24.23 24.09
N HIS D 174 25.24 -24.02 23.13
CA HIS D 174 25.52 -22.68 22.66
C HIS D 174 24.25 -22.05 22.08
N ILE D 175 23.56 -22.78 21.20
CA ILE D 175 22.37 -22.22 20.57
C ILE D 175 21.34 -21.88 21.64
N LYS D 176 21.17 -22.78 22.62
CA LYS D 176 20.21 -22.54 23.69
C LYS D 176 20.61 -21.31 24.50
N TYR D 177 21.88 -21.23 24.89
CA TYR D 177 22.32 -20.09 25.70
C TYR D 177 22.19 -18.79 24.92
N ALA D 178 22.67 -18.78 23.68
CA ALA D 178 22.73 -17.53 22.92
C ALA D 178 21.33 -17.02 22.57
N THR D 179 20.42 -17.93 22.24
CA THR D 179 19.07 -17.55 21.86
C THR D 179 18.33 -16.98 23.07
N ASN D 180 18.39 -17.69 24.21
CA ASN D 180 17.86 -17.16 25.46
C ASN D 180 16.42 -16.67 25.27
N ARG D 181 15.65 -17.47 24.52
CA ARG D 181 14.22 -17.24 24.26
C ARG D 181 13.96 -15.92 23.53
N GLY D 182 14.90 -15.45 22.73
CA GLY D 182 14.75 -14.22 21.99
C GLY D 182 15.53 -13.06 22.56
N ASN D 183 15.94 -13.12 23.82
CA ASN D 183 16.83 -12.10 24.39
C ASN D 183 18.28 -12.53 24.12
N LEU D 184 18.73 -12.23 22.91
CA LEU D 184 19.96 -12.85 22.41
C LEU D 184 21.20 -12.40 23.19
N ARG D 185 22.11 -13.34 23.44
CA ARG D 185 23.37 -13.07 24.12
C ARG D 185 24.52 -13.54 23.25
N SER D 186 25.57 -12.71 23.16
CA SER D 186 26.71 -13.04 22.31
C SER D 186 27.56 -14.13 22.96
N ALA D 187 28.01 -15.08 22.14
CA ALA D 187 28.75 -16.21 22.68
C ALA D 187 29.64 -16.79 21.60
N ILE D 188 30.67 -17.48 22.04
CA ILE D 188 31.50 -18.29 21.16
C ILE D 188 31.82 -19.58 21.91
N THR D 189 31.81 -20.69 21.20
CA THR D 189 32.25 -21.98 21.74
C THR D 189 33.54 -22.36 21.02
N VAL D 190 34.60 -22.63 21.77
CA VAL D 190 35.93 -22.85 21.22
C VAL D 190 36.25 -24.34 21.34
N PHE D 191 36.30 -25.02 20.21
CA PHE D 191 36.65 -26.43 20.11
C PHE D 191 38.16 -26.60 20.05
N PRO D 192 38.68 -27.83 20.18
CA PRO D 192 40.13 -28.00 20.32
C PRO D 192 40.89 -27.36 19.17
N GLN D 193 42.06 -26.80 19.49
CA GLN D 193 42.89 -26.16 18.49
C GLN D 193 43.47 -27.18 17.53
N ARG D 194 43.80 -26.69 16.34
CA ARG D 194 44.61 -27.46 15.41
C ARG D 194 45.92 -27.85 16.08
N CYS D 195 46.38 -29.08 15.83
CA CYS D 195 47.62 -29.54 16.44
C CYS D 195 48.19 -30.65 15.57
N PRO D 196 49.52 -30.84 15.56
CA PRO D 196 50.10 -31.78 14.63
C PRO D 196 49.75 -33.22 14.99
N GLY D 197 49.53 -34.02 13.95
CA GLY D 197 49.29 -35.43 14.14
C GLY D 197 47.83 -35.81 14.25
N ARG D 198 46.94 -34.81 14.22
CA ARG D 198 45.51 -35.04 14.35
C ARG D 198 44.81 -34.08 13.41
N GLY D 199 43.72 -34.54 12.81
CA GLY D 199 42.92 -33.69 11.96
C GLY D 199 42.27 -32.58 12.77
N ASP D 200 41.53 -31.73 12.06
CA ASP D 200 40.82 -30.62 12.68
C ASP D 200 39.39 -31.02 13.05
N PHE D 201 38.90 -30.47 14.16
CA PHE D 201 37.46 -30.30 14.28
C PHE D 201 36.99 -29.28 13.25
N ARG D 202 35.91 -29.61 12.53
CA ARG D 202 35.29 -28.65 11.62
C ARG D 202 33.78 -28.77 11.70
N ILE D 203 33.13 -27.61 11.63
CA ILE D 203 31.71 -27.51 11.33
C ILE D 203 31.60 -27.20 9.84
N TRP D 204 30.95 -28.08 9.08
CA TRP D 204 30.91 -27.88 7.62
C TRP D 204 29.92 -26.77 7.25
N ASN D 205 28.85 -26.61 8.01
CA ASN D 205 27.87 -25.56 7.75
C ASN D 205 28.51 -24.19 7.99
N SER D 206 28.13 -23.22 7.16
CA SER D 206 28.69 -21.88 7.34
C SER D 206 28.06 -21.14 8.51
N GLN D 207 26.80 -21.43 8.83
CA GLN D 207 26.23 -20.98 10.09
C GLN D 207 25.53 -22.15 10.75
N LEU D 208 25.25 -22.00 12.04
CA LEU D 208 24.55 -23.06 12.76
C LEU D 208 23.12 -23.21 12.26
N VAL D 209 22.46 -22.10 11.92
CA VAL D 209 21.10 -22.13 11.38
C VAL D 209 21.16 -21.61 9.94
N ARG D 210 20.73 -22.44 9.01
CA ARG D 210 20.75 -22.15 7.59
C ARG D 210 19.56 -22.84 6.96
N TYR D 211 18.97 -22.18 5.96
CA TYR D 211 17.85 -22.77 5.24
C TYR D 211 18.37 -23.54 4.03
N ALA D 212 17.73 -24.68 3.74
CA ALA D 212 18.12 -25.49 2.60
C ALA D 212 17.88 -24.76 1.29
N GLY D 213 18.74 -25.04 0.31
CA GLY D 213 18.55 -24.58 -1.04
C GLY D 213 18.47 -25.76 -1.99
N TYR D 214 17.29 -26.00 -2.56
CA TYR D 214 17.07 -27.15 -3.43
C TYR D 214 17.10 -26.68 -4.88
N ARG D 215 18.22 -26.93 -5.55
CA ARG D 215 18.27 -26.79 -7.00
C ARG D 215 17.15 -27.62 -7.62
N GLN D 216 16.42 -27.00 -8.54
CA GLN D 216 15.35 -27.73 -9.21
C GLN D 216 15.88 -28.40 -10.48
N GLN D 217 15.01 -29.19 -11.11
CA GLN D 217 15.31 -29.73 -12.43
C GLN D 217 15.71 -28.63 -13.41
N ASP D 218 14.84 -27.62 -13.56
CA ASP D 218 15.05 -26.62 -14.61
C ASP D 218 16.25 -25.72 -14.32
N GLY D 219 16.53 -25.45 -13.04
CA GLY D 219 17.71 -24.67 -12.72
C GLY D 219 17.46 -23.63 -11.63
N SER D 220 16.19 -23.36 -11.34
CA SER D 220 15.88 -22.45 -10.24
C SER D 220 16.13 -23.16 -8.91
N VAL D 221 16.27 -22.36 -7.86
CA VAL D 221 16.50 -22.86 -6.52
C VAL D 221 15.26 -22.61 -5.69
N ARG D 222 14.85 -23.60 -4.91
CA ARG D 222 13.82 -23.42 -3.90
C ARG D 222 14.50 -23.33 -2.55
N GLY D 223 14.21 -22.27 -1.81
CA GLY D 223 14.94 -21.98 -0.59
C GLY D 223 16.09 -21.02 -0.82
N ASP D 224 17.15 -21.11 -0.02
CA ASP D 224 18.21 -20.13 -0.04
C ASP D 224 19.27 -20.56 -1.05
N PRO D 225 19.50 -19.81 -2.13
CA PRO D 225 20.53 -20.23 -3.08
C PRO D 225 21.94 -20.24 -2.49
N ALA D 226 22.21 -19.44 -1.46
CA ALA D 226 23.53 -19.45 -0.85
C ALA D 226 23.91 -20.84 -0.33
N ASN D 227 22.93 -21.73 -0.12
CA ASN D 227 23.15 -22.98 0.63
C ASN D 227 22.93 -24.23 -0.23
N VAL D 228 22.98 -24.09 -1.56
CA VAL D 228 22.81 -25.26 -2.43
C VAL D 228 23.90 -26.30 -2.18
N GLU D 229 25.15 -25.85 -2.05
CA GLU D 229 26.26 -26.79 -1.89
C GLU D 229 26.15 -27.56 -0.58
N ILE D 230 25.93 -26.85 0.53
CA ILE D 230 25.84 -27.53 1.83
C ILE D 230 24.60 -28.41 1.88
N THR D 231 23.51 -27.95 1.25
CA THR D 231 22.31 -28.79 1.12
C THR D 231 22.62 -30.11 0.39
N GLU D 232 23.33 -30.04 -0.73
CA GLU D 232 23.65 -31.26 -1.46
C GLU D 232 24.58 -32.16 -0.66
N LEU D 233 25.51 -31.56 0.08
CA LEU D 233 26.36 -32.35 0.96
C LEU D 233 25.53 -33.09 2.00
N CYS D 234 24.51 -32.44 2.55
CA CYS D 234 23.71 -33.08 3.58
C CYS D 234 22.95 -34.28 3.02
N ILE D 235 22.34 -34.12 1.85
CA ILE D 235 21.67 -35.23 1.18
C ILE D 235 22.65 -36.36 0.91
N GLN D 236 23.82 -36.02 0.36
CA GLN D 236 24.87 -36.98 0.08
C GLN D 236 25.38 -37.64 1.37
N HIS D 237 25.04 -37.11 2.54
CA HIS D 237 25.40 -37.72 3.81
C HIS D 237 24.19 -38.29 4.53
N GLY D 238 23.12 -38.56 3.78
CA GLY D 238 22.00 -39.33 4.28
C GLY D 238 20.82 -38.51 4.72
N TRP D 239 20.91 -37.19 4.66
CA TRP D 239 19.78 -36.37 5.08
C TRP D 239 18.64 -36.55 4.10
N THR D 240 17.44 -36.79 4.63
CA THR D 240 16.20 -36.78 3.87
C THR D 240 15.76 -35.34 3.65
N PRO D 241 15.88 -34.82 2.43
CA PRO D 241 15.57 -33.40 2.20
C PRO D 241 14.06 -33.16 2.24
N GLY D 242 13.69 -31.98 2.71
CA GLY D 242 12.33 -31.50 2.59
C GLY D 242 12.16 -30.90 1.21
N ASN D 243 11.09 -30.12 1.05
CA ASN D 243 10.92 -29.37 -0.20
C ASN D 243 10.26 -28.02 0.05
N GLY D 244 10.40 -27.46 1.24
CA GLY D 244 9.95 -26.10 1.49
C GLY D 244 11.04 -25.07 1.23
N ARG D 245 10.68 -23.80 1.38
CA ARG D 245 11.60 -22.70 1.16
C ARG D 245 12.42 -22.36 2.39
N PHE D 246 12.04 -22.84 3.56
CA PHE D 246 12.68 -22.42 4.80
C PHE D 246 12.97 -23.63 5.69
N ASP D 247 13.57 -24.66 5.09
CA ASP D 247 13.90 -25.89 5.80
C ASP D 247 15.26 -25.74 6.47
N VAL D 248 15.28 -25.75 7.80
CA VAL D 248 16.53 -25.71 8.55
C VAL D 248 17.38 -26.93 8.19
N LEU D 249 18.63 -26.68 7.82
CA LEU D 249 19.56 -27.77 7.49
C LEU D 249 20.04 -28.50 8.73
N PRO D 250 20.40 -29.78 8.60
CA PRO D 250 21.14 -30.45 9.67
C PRO D 250 22.57 -29.94 9.76
N LEU D 251 23.21 -30.28 10.86
CA LEU D 251 24.63 -29.99 11.05
C LEU D 251 25.48 -31.15 10.53
N LEU D 252 26.51 -30.81 9.76
CA LEU D 252 27.53 -31.78 9.35
C LEU D 252 28.76 -31.49 10.18
N LEU D 253 29.07 -32.40 11.10
CA LEU D 253 30.09 -32.13 12.10
C LEU D 253 31.23 -33.13 11.95
N GLN D 254 32.43 -32.61 11.80
CA GLN D 254 33.62 -33.41 11.51
C GLN D 254 34.55 -33.39 12.71
N ALA D 255 34.68 -34.54 13.35
CA ALA D 255 35.71 -34.76 14.33
C ALA D 255 37.01 -35.14 13.62
N PRO D 256 38.16 -34.98 14.29
CA PRO D 256 39.44 -35.19 13.62
C PRO D 256 39.53 -36.56 12.94
N ASP D 257 39.96 -36.53 11.68
CA ASP D 257 40.30 -37.74 10.93
C ASP D 257 39.09 -38.66 10.78
N GLU D 258 37.89 -38.09 10.86
CA GLU D 258 36.62 -38.75 10.72
C GLU D 258 35.85 -38.12 9.57
N PRO D 259 35.02 -38.89 8.86
CA PRO D 259 34.06 -38.28 7.95
C PRO D 259 33.12 -37.37 8.72
N PRO D 260 32.49 -36.39 8.05
CA PRO D 260 31.49 -35.59 8.75
C PRO D 260 30.34 -36.46 9.20
N GLU D 261 29.71 -36.06 10.29
CA GLU D 261 28.56 -36.76 10.83
C GLU D 261 27.37 -35.80 10.83
N LEU D 262 26.22 -36.33 10.45
CA LEU D 262 25.00 -35.55 10.32
C LEU D 262 24.26 -35.51 11.65
N PHE D 263 23.85 -34.32 12.07
CA PHE D 263 23.03 -34.16 13.27
C PHE D 263 21.89 -33.20 12.98
N LEU D 264 20.67 -33.63 13.29
CA LEU D 264 19.49 -32.79 13.14
C LEU D 264 19.33 -31.91 14.38
N LEU D 265 19.06 -30.63 14.17
CA LEU D 265 18.84 -29.73 15.29
C LEU D 265 17.45 -29.92 15.88
N PRO D 266 17.31 -30.11 17.19
CA PRO D 266 15.98 -30.11 17.81
C PRO D 266 15.21 -28.88 17.37
N PRO D 267 14.04 -29.07 16.75
CA PRO D 267 13.30 -27.89 16.21
C PRO D 267 13.00 -26.85 17.27
N GLU D 268 12.73 -27.26 18.51
CA GLU D 268 12.48 -26.32 19.60
C GLU D 268 13.72 -25.52 19.99
N LEU D 269 14.88 -25.87 19.46
CA LEU D 269 16.08 -25.11 19.69
C LEU D 269 16.26 -23.98 18.68
N VAL D 270 15.64 -24.10 17.51
CA VAL D 270 15.80 -23.16 16.41
C VAL D 270 14.63 -22.17 16.51
N LEU D 271 14.88 -21.02 17.15
CA LEU D 271 13.87 -19.97 17.23
C LEU D 271 13.76 -19.26 15.88
N GLU D 272 12.54 -19.17 15.35
CA GLU D 272 12.28 -18.53 14.07
C GLU D 272 11.24 -17.42 14.20
N VAL D 273 11.27 -16.48 13.26
CA VAL D 273 10.40 -15.29 13.29
C VAL D 273 9.59 -15.26 12.00
N PRO D 274 8.29 -15.52 12.01
CA PRO D 274 7.48 -15.28 10.81
C PRO D 274 7.50 -13.80 10.46
N LEU D 275 7.57 -13.47 9.16
CA LEU D 275 7.66 -12.07 8.75
C LEU D 275 6.27 -11.55 8.37
N GLU D 276 5.90 -10.43 8.98
CA GLU D 276 4.68 -9.70 8.66
C GLU D 276 5.01 -8.21 8.61
N HIS D 277 4.14 -7.46 8.00
CA HIS D 277 4.43 -6.05 7.91
C HIS D 277 3.39 -5.27 8.71
N PRO D 278 3.78 -4.22 9.43
CA PRO D 278 2.84 -3.57 10.36
C PRO D 278 1.62 -2.98 9.68
N THR D 279 1.76 -2.51 8.45
CA THR D 279 0.62 -2.01 7.73
C THR D 279 0.32 -2.77 6.44
N LEU D 280 1.20 -3.58 5.88
CA LEU D 280 0.86 -4.29 4.65
C LEU D 280 0.44 -5.72 5.01
N GLU D 281 -0.88 -5.94 5.08
CA GLU D 281 -1.39 -7.18 5.66
C GLU D 281 -1.15 -8.38 4.76
N TRP D 282 -1.09 -8.17 3.44
CA TRP D 282 -0.80 -9.29 2.55
C TRP D 282 0.61 -9.82 2.72
N PHE D 283 1.51 -9.05 3.35
CA PHE D 283 2.92 -9.45 3.43
C PHE D 283 3.07 -10.76 4.17
N ALA D 284 2.21 -10.99 5.16
CA ALA D 284 2.29 -12.24 5.92
C ALA D 284 1.96 -13.43 5.03
N ALA D 285 1.14 -13.21 4.00
CA ALA D 285 0.79 -14.31 3.11
C ALA D 285 1.94 -14.73 2.22
N LEU D 286 3.03 -13.97 2.21
CA LEU D 286 4.22 -14.41 1.49
C LEU D 286 4.79 -15.68 2.11
N GLY D 287 4.50 -15.92 3.39
CA GLY D 287 5.03 -17.07 4.08
C GLY D 287 6.52 -16.96 4.37
N LEU D 288 7.01 -15.74 4.54
CA LEU D 288 8.44 -15.57 4.78
C LEU D 288 8.70 -15.72 6.27
N ARG D 289 9.89 -16.25 6.57
CA ARG D 289 10.39 -16.43 7.92
C ARG D 289 11.89 -16.18 7.88
N TRP D 290 12.46 -15.91 9.04
CA TRP D 290 13.91 -15.96 9.20
C TRP D 290 14.19 -16.40 10.64
N TYR D 291 15.43 -16.81 10.89
CA TYR D 291 15.74 -17.36 12.19
C TYR D 291 16.38 -16.29 13.10
N ALA D 292 16.31 -16.54 14.41
CA ALA D 292 16.70 -15.52 15.39
C ALA D 292 18.21 -15.38 15.48
N LEU D 293 18.92 -16.50 15.49
CA LEU D 293 20.31 -16.53 15.92
C LEU D 293 21.23 -16.57 14.73
N PRO D 294 22.01 -15.54 14.47
CA PRO D 294 23.05 -15.68 13.47
C PRO D 294 24.29 -16.26 14.14
N ALA D 295 24.73 -17.44 13.73
CA ALA D 295 25.85 -18.10 14.41
C ALA D 295 26.83 -18.57 13.36
N VAL D 296 27.92 -17.83 13.17
CA VAL D 296 28.86 -18.13 12.10
C VAL D 296 29.73 -19.29 12.56
N SER D 297 29.79 -20.35 11.74
CA SER D 297 30.42 -21.57 12.19
C SER D 297 31.58 -22.03 11.33
N ASN D 298 31.97 -21.30 10.29
CA ASN D 298 33.01 -21.81 9.38
C ASN D 298 34.28 -20.97 9.37
N MET D 299 34.44 -20.05 10.31
CA MET D 299 35.61 -19.19 10.36
C MET D 299 36.64 -19.74 11.34
N LEU D 300 37.89 -19.38 11.11
CA LEU D 300 38.99 -19.83 11.95
C LEU D 300 39.37 -18.74 12.95
N LEU D 301 39.41 -19.12 14.22
CA LEU D 301 39.87 -18.25 15.30
C LEU D 301 41.36 -18.46 15.50
N GLU D 302 42.13 -17.38 15.40
CA GLU D 302 43.58 -17.43 15.57
C GLU D 302 43.94 -16.64 16.82
N ILE D 303 44.62 -17.29 17.76
CA ILE D 303 45.03 -16.65 19.00
C ILE D 303 46.51 -16.99 19.21
N GLY D 304 47.36 -15.97 19.22
CA GLY D 304 48.77 -16.14 19.49
C GLY D 304 49.43 -17.28 18.75
N GLY D 305 49.14 -17.41 17.46
CA GLY D 305 49.71 -18.47 16.65
C GLY D 305 48.95 -19.78 16.67
N LEU D 306 48.07 -20.01 17.64
CA LEU D 306 47.25 -21.20 17.65
C LEU D 306 46.02 -20.97 16.77
N GLU D 307 45.55 -22.04 16.14
CA GLU D 307 44.41 -21.95 15.24
C GLU D 307 43.30 -22.82 15.76
N PHE D 308 42.09 -22.27 15.83
CA PHE D 308 40.89 -23.02 16.22
C PHE D 308 39.98 -23.06 15.00
N PRO D 309 40.08 -24.11 14.17
CA PRO D 309 39.25 -24.15 12.95
C PRO D 309 37.78 -24.32 13.21
N ALA D 310 37.38 -24.67 14.43
CA ALA D 310 35.96 -24.77 14.77
C ALA D 310 35.75 -23.96 16.04
N ALA D 311 35.15 -22.78 15.89
CA ALA D 311 34.89 -21.88 17.01
C ALA D 311 33.70 -21.01 16.67
N PRO D 312 32.50 -21.57 16.67
CA PRO D 312 31.32 -20.82 16.22
C PRO D 312 30.97 -19.70 17.17
N PHE D 313 30.54 -18.57 16.60
CA PHE D 313 30.21 -17.42 17.40
C PHE D 313 28.88 -16.83 16.92
N SER D 314 28.13 -16.25 17.85
CA SER D 314 26.84 -15.71 17.53
C SER D 314 26.64 -14.41 18.29
N GLY D 315 25.86 -13.51 17.69
CA GLY D 315 25.41 -12.32 18.37
C GLY D 315 23.94 -12.13 18.07
N TRP D 316 23.60 -11.02 17.41
CA TRP D 316 22.24 -10.86 16.94
C TRP D 316 22.29 -10.12 15.61
N TYR D 317 21.17 -10.13 14.89
CA TYR D 317 21.16 -9.57 13.55
C TYR D 317 21.12 -8.05 13.53
N MET D 318 21.69 -7.49 12.49
CA MET D 318 21.29 -6.16 12.06
C MET D 318 20.26 -6.35 10.95
N SER D 319 19.16 -5.58 11.02
CA SER D 319 17.98 -5.90 10.22
C SER D 319 18.27 -5.88 8.73
N THR D 320 19.23 -5.07 8.27
CA THR D 320 19.52 -5.05 6.83
C THR D 320 20.12 -6.36 6.34
N GLU D 321 20.79 -7.13 7.21
CA GLU D 321 21.31 -8.41 6.73
C GLU D 321 20.17 -9.30 6.27
N ILE D 322 19.07 -9.26 7.00
CA ILE D 322 17.92 -10.07 6.66
C ILE D 322 17.09 -9.42 5.57
N GLY D 323 16.66 -8.19 5.80
CA GLY D 323 15.69 -7.57 4.90
C GLY D 323 16.29 -7.16 3.58
N THR D 324 17.53 -6.67 3.59
CA THR D 324 18.12 -6.22 2.33
C THR D 324 18.88 -7.37 1.65
N ARG D 325 19.89 -7.93 2.31
CA ARG D 325 20.72 -8.90 1.60
C ARG D 325 19.99 -10.23 1.43
N ASN D 326 19.58 -10.85 2.54
CA ASN D 326 19.08 -12.22 2.46
C ASN D 326 17.80 -12.31 1.65
N LEU D 327 16.91 -11.33 1.77
CA LEU D 327 15.65 -11.40 1.06
C LEU D 327 15.71 -10.75 -0.30
N CYS D 328 16.51 -9.68 -0.48
CA CYS D 328 16.44 -8.88 -1.70
C CYS D 328 17.58 -9.07 -2.69
N ASP D 329 18.74 -9.62 -2.28
CA ASP D 329 19.77 -9.92 -3.27
C ASP D 329 19.17 -10.73 -4.40
N PRO D 330 19.48 -10.39 -5.67
CA PRO D 330 18.96 -11.21 -6.78
C PRO D 330 19.39 -12.66 -6.69
N HIS D 331 20.53 -12.94 -6.06
CA HIS D 331 21.03 -14.29 -5.94
C HIS D 331 20.71 -14.92 -4.58
N ARG D 332 19.85 -14.30 -3.80
CA ARG D 332 19.33 -14.90 -2.57
C ARG D 332 17.82 -15.15 -2.76
N TYR D 333 16.97 -14.75 -1.81
CA TYR D 333 15.54 -15.05 -1.96
C TYR D 333 14.90 -14.20 -3.06
N ASN D 334 15.44 -13.02 -3.33
CA ASN D 334 15.08 -12.27 -4.54
C ASN D 334 13.59 -11.94 -4.57
N ILE D 335 13.08 -11.41 -3.44
CA ILE D 335 11.65 -11.16 -3.33
C ILE D 335 11.25 -9.76 -3.79
N LEU D 336 12.20 -8.93 -4.21
CA LEU D 336 12.00 -7.48 -4.29
C LEU D 336 10.90 -7.12 -5.30
N GLU D 337 10.95 -7.72 -6.49
CA GLU D 337 9.94 -7.41 -7.48
C GLU D 337 8.57 -7.90 -7.02
N ASP D 338 8.52 -9.08 -6.42
CA ASP D 338 7.23 -9.62 -6.00
C ASP D 338 6.59 -8.69 -4.96
N VAL D 339 7.41 -8.17 -4.04
CA VAL D 339 6.90 -7.24 -3.05
C VAL D 339 6.46 -5.93 -3.70
N ALA D 340 7.25 -5.43 -4.66
CA ALA D 340 6.89 -4.17 -5.30
C ALA D 340 5.60 -4.30 -6.09
N VAL D 341 5.43 -5.43 -6.79
CA VAL D 341 4.19 -5.67 -7.53
C VAL D 341 3.00 -5.71 -6.58
N CYS D 342 3.17 -6.36 -5.43
CA CYS D 342 2.09 -6.39 -4.44
C CYS D 342 1.81 -5.01 -3.89
N MET D 343 2.85 -4.19 -3.69
CA MET D 343 2.65 -2.80 -3.29
C MET D 343 2.05 -1.94 -4.39
N ASP D 344 1.73 -2.53 -5.55
CA ASP D 344 1.22 -1.81 -6.72
C ASP D 344 2.11 -0.62 -7.09
N LEU D 345 3.42 -0.80 -6.96
CA LEU D 345 4.34 0.17 -7.52
C LEU D 345 4.52 -0.07 -9.02
N ASP D 346 4.97 0.96 -9.72
CA ASP D 346 5.20 0.87 -11.16
C ASP D 346 6.58 0.29 -11.39
N THR D 347 6.65 -1.01 -11.64
CA THR D 347 7.93 -1.66 -11.82
C THR D 347 8.45 -1.60 -13.26
N ARG D 348 7.83 -0.81 -14.13
CA ARG D 348 8.31 -0.73 -15.50
C ARG D 348 9.45 0.26 -15.67
N THR D 349 9.61 1.19 -14.75
CA THR D 349 10.58 2.26 -14.86
C THR D 349 11.40 2.33 -13.59
N THR D 350 12.72 2.48 -13.74
CA THR D 350 13.58 2.55 -12.56
C THR D 350 13.38 3.85 -11.81
N SER D 351 13.00 4.91 -12.52
CA SER D 351 12.89 6.23 -11.91
C SER D 351 11.70 6.36 -10.95
N SER D 352 10.77 5.40 -10.94
CA SER D 352 9.79 5.41 -9.85
C SER D 352 10.41 5.09 -8.50
N LEU D 353 11.67 4.61 -8.48
CA LEU D 353 12.34 4.11 -7.26
C LEU D 353 11.55 3.00 -6.59
N TRP D 354 10.94 2.13 -7.41
CA TRP D 354 10.15 1.03 -6.87
C TRP D 354 11.02 0.06 -6.07
N LYS D 355 12.26 -0.17 -6.52
CA LYS D 355 13.15 -1.05 -5.77
C LYS D 355 13.41 -0.50 -4.38
N ASP D 356 13.71 0.80 -4.29
CA ASP D 356 14.00 1.44 -3.01
C ASP D 356 12.79 1.40 -2.08
N LYS D 357 11.59 1.69 -2.62
CA LYS D 357 10.39 1.64 -1.80
C LYS D 357 10.11 0.24 -1.29
N ALA D 358 10.24 -0.77 -2.16
CA ALA D 358 9.95 -2.12 -1.70
C ALA D 358 10.96 -2.58 -0.66
N ALA D 359 12.24 -2.26 -0.86
CA ALA D 359 13.25 -2.69 0.09
C ALA D 359 13.05 -2.03 1.45
N VAL D 360 12.63 -0.75 1.48
CA VAL D 360 12.42 -0.11 2.78
C VAL D 360 11.32 -0.82 3.56
N GLU D 361 10.20 -1.12 2.89
CA GLU D 361 9.12 -1.84 3.56
C GLU D 361 9.51 -3.28 3.95
N ILE D 362 10.37 -3.94 3.17
CA ILE D 362 10.85 -5.25 3.59
C ILE D 362 11.65 -5.15 4.88
N ASN D 363 12.46 -4.10 5.00
CA ASN D 363 13.24 -3.88 6.23
C ASN D 363 12.35 -3.49 7.41
N VAL D 364 11.35 -2.62 7.16
CA VAL D 364 10.33 -2.36 8.19
C VAL D 364 9.73 -3.67 8.67
N ALA D 365 9.32 -4.53 7.73
CA ALA D 365 8.69 -5.80 8.10
C ALA D 365 9.61 -6.62 9.00
N VAL D 366 10.88 -6.71 8.64
CA VAL D 366 11.83 -7.49 9.44
C VAL D 366 11.91 -6.94 10.86
N LEU D 367 12.08 -5.62 11.00
CA LEU D 367 12.22 -5.00 12.32
C LEU D 367 10.94 -5.18 13.15
N HIS D 368 9.80 -4.87 12.55
CA HIS D 368 8.52 -5.08 13.20
C HIS D 368 8.36 -6.52 13.65
N SER D 369 8.68 -7.47 12.77
CA SER D 369 8.45 -8.89 13.05
C SER D 369 9.32 -9.38 14.21
N TYR D 370 10.60 -9.00 14.21
CA TYR D 370 11.48 -9.40 15.30
C TYR D 370 11.08 -8.73 16.62
N GLN D 371 10.73 -7.44 16.56
CA GLN D 371 10.26 -6.76 17.77
C GLN D 371 8.96 -7.39 18.27
N LEU D 372 8.07 -7.75 17.35
CA LEU D 372 6.83 -8.44 17.71
C LEU D 372 7.11 -9.76 18.43
N ALA D 373 8.07 -10.52 17.92
CA ALA D 373 8.42 -11.81 18.51
C ALA D 373 9.34 -11.66 19.72
N LYS D 374 9.72 -10.43 20.06
CA LYS D 374 10.66 -10.15 21.15
C LYS D 374 11.97 -10.91 20.92
N VAL D 375 12.51 -10.77 19.71
CA VAL D 375 13.79 -11.32 19.35
C VAL D 375 14.71 -10.14 19.07
N THR D 376 15.84 -10.07 19.78
CA THR D 376 16.79 -8.97 19.63
C THR D 376 17.12 -8.72 18.16
N ILE D 377 17.17 -7.44 17.81
CA ILE D 377 17.54 -7.02 16.46
C ILE D 377 17.88 -5.54 16.55
N VAL D 378 18.87 -5.12 15.77
CA VAL D 378 19.26 -3.72 15.74
C VAL D 378 19.11 -3.21 14.31
N ASP D 379 18.54 -2.00 14.15
CA ASP D 379 18.44 -1.45 12.81
C ASP D 379 19.78 -0.80 12.43
N HIS D 380 19.97 -0.55 11.14
CA HIS D 380 21.26 -0.07 10.67
C HIS D 380 21.58 1.36 11.14
N HIS D 381 20.57 2.15 11.55
CA HIS D 381 20.86 3.46 12.11
C HIS D 381 21.41 3.36 13.53
N ALA D 382 20.78 2.54 14.37
CA ALA D 382 21.31 2.38 15.72
C ALA D 382 22.66 1.67 15.69
N ALA D 383 22.81 0.69 14.81
CA ALA D 383 24.05 -0.07 14.74
C ALA D 383 25.21 0.83 14.35
N THR D 384 25.02 1.64 13.31
CA THR D 384 26.11 2.50 12.87
C THR D 384 26.39 3.64 13.85
N ALA D 385 25.35 4.16 14.53
CA ALA D 385 25.60 5.15 15.57
C ALA D 385 26.42 4.56 16.69
N SER D 386 26.16 3.31 17.05
CA SER D 386 26.98 2.73 18.09
C SER D 386 28.38 2.43 17.58
N PHE D 387 28.52 2.08 16.29
CA PHE D 387 29.85 1.82 15.77
C PHE D 387 30.73 3.07 15.85
N MET D 388 30.14 4.26 15.61
CA MET D 388 30.88 5.50 15.76
C MET D 388 31.35 5.70 17.20
N LYS D 389 30.50 5.38 18.17
CA LYS D 389 30.94 5.40 19.57
C LYS D 389 32.14 4.48 19.76
N HIS D 390 32.11 3.30 19.13
CA HIS D 390 33.19 2.33 19.26
C HIS D 390 34.50 2.87 18.68
N LEU D 391 34.43 3.53 17.52
CA LEU D 391 35.62 4.16 16.94
C LEU D 391 36.20 5.21 17.87
N GLU D 392 35.33 5.97 18.53
CA GLU D 392 35.79 6.97 19.49
C GLU D 392 36.45 6.29 20.70
N ASN D 393 35.78 5.27 21.28
CA ASN D 393 36.40 4.51 22.36
C ASN D 393 37.74 3.93 21.91
N GLU D 394 37.81 3.37 20.69
CA GLU D 394 39.01 2.66 20.28
C GLU D 394 40.15 3.62 19.94
N GLN D 395 39.83 4.83 19.47
CA GLN D 395 40.88 5.84 19.29
C GLN D 395 41.56 6.17 20.61
N LYS D 396 40.77 6.33 21.67
CA LYS D 396 41.32 6.64 22.98
C LYS D 396 42.03 5.44 23.59
N ALA D 397 41.54 4.23 23.32
CA ALA D 397 42.09 3.05 23.97
C ALA D 397 43.36 2.56 23.29
N ARG D 398 43.36 2.53 21.95
CA ARG D 398 44.44 1.90 21.19
C ARG D 398 45.01 2.77 20.08
N GLY D 399 44.55 4.01 19.93
CA GLY D 399 45.05 4.86 18.86
C GLY D 399 44.53 4.51 17.48
N GLY D 400 43.36 3.90 17.38
CA GLY D 400 42.77 3.58 16.09
C GLY D 400 41.83 2.39 16.22
N CYS D 401 41.30 1.98 15.06
CA CYS D 401 40.42 0.82 14.96
C CYS D 401 40.40 0.31 13.51
N PRO D 402 40.77 -0.94 13.28
CA PRO D 402 40.62 -1.54 11.94
C PRO D 402 39.15 -1.64 11.54
N ALA D 403 38.83 -1.13 10.36
CA ALA D 403 37.46 -1.12 9.87
C ALA D 403 37.44 -1.10 8.35
N ASP D 404 36.53 -1.90 7.78
CA ASP D 404 36.37 -2.08 6.34
C ASP D 404 35.12 -1.30 5.94
N TRP D 405 35.33 -0.06 5.47
CA TRP D 405 34.25 0.84 5.09
C TRP D 405 33.13 0.14 4.29
N ALA D 406 33.48 -0.65 3.28
CA ALA D 406 32.46 -1.23 2.42
C ALA D 406 31.60 -2.27 3.13
N TRP D 407 32.09 -2.88 4.20
CA TRP D 407 31.25 -3.78 4.98
C TRP D 407 30.54 -3.09 6.13
N ILE D 408 31.09 -1.98 6.62
CA ILE D 408 30.53 -1.23 7.74
C ILE D 408 29.32 -0.40 7.29
N VAL D 409 29.44 0.30 6.16
CA VAL D 409 28.33 1.06 5.60
C VAL D 409 27.20 0.10 5.19
N PRO D 410 25.99 0.28 5.72
CA PRO D 410 24.90 -0.65 5.43
C PRO D 410 24.55 -0.69 3.95
N PRO D 411 23.94 -1.79 3.50
CA PRO D 411 23.61 -1.93 2.07
C PRO D 411 22.40 -1.14 1.58
N ILE D 412 21.62 -0.52 2.47
CA ILE D 412 20.66 0.51 2.09
C ILE D 412 20.97 1.74 2.92
N SER D 413 20.57 2.90 2.40
CA SER D 413 20.62 4.16 3.14
C SER D 413 22.02 4.52 3.61
N GLY D 414 23.04 4.11 2.86
CA GLY D 414 24.43 4.33 3.22
C GLY D 414 24.78 5.68 3.82
N SER D 415 24.56 6.78 3.08
CA SER D 415 24.95 8.11 3.54
C SER D 415 23.97 8.70 4.56
N LEU D 416 22.85 8.04 4.82
CA LEU D 416 21.99 8.44 5.92
C LEU D 416 22.55 8.02 7.27
N THR D 417 23.57 7.13 7.30
CA THR D 417 24.22 6.68 8.53
C THR D 417 25.55 7.42 8.68
N PRO D 418 26.03 7.60 9.91
CA PRO D 418 27.22 8.45 10.10
C PRO D 418 28.52 7.77 9.67
N VAL D 419 28.54 6.44 9.53
CA VAL D 419 29.77 5.77 9.12
C VAL D 419 30.10 6.03 7.66
N PHE D 420 29.11 6.46 6.87
CA PHE D 420 29.38 6.75 5.47
C PHE D 420 30.40 7.86 5.34
N HIS D 421 30.31 8.87 6.21
CA HIS D 421 31.14 10.06 6.17
C HIS D 421 32.42 9.89 6.98
N GLN D 422 32.66 8.71 7.52
CA GLN D 422 33.83 8.40 8.33
C GLN D 422 34.84 7.67 7.44
N GLU D 423 36.00 8.28 7.23
CA GLU D 423 37.10 7.54 6.62
C GLU D 423 37.56 6.46 7.60
N MET D 424 38.06 5.37 7.04
CA MET D 424 38.41 4.21 7.84
C MET D 424 39.66 3.56 7.28
N VAL D 425 40.47 3.01 8.19
CA VAL D 425 41.72 2.33 7.84
C VAL D 425 41.51 0.84 8.08
N ASN D 426 41.72 0.05 7.04
CA ASN D 426 41.54 -1.38 7.12
C ASN D 426 42.90 -2.05 7.25
N TYR D 427 43.05 -2.91 8.26
CA TYR D 427 44.27 -3.69 8.44
C TYR D 427 43.96 -4.87 9.35
N PHE D 428 44.90 -5.80 9.41
CA PHE D 428 44.70 -7.09 10.04
C PHE D 428 45.48 -7.11 11.36
N LEU D 429 44.77 -7.23 12.47
CA LEU D 429 45.39 -7.49 13.75
C LEU D 429 45.08 -8.90 14.18
N SER D 430 45.97 -9.48 15.00
CA SER D 430 45.79 -10.72 15.71
C SER D 430 45.65 -10.44 17.20
N PRO D 431 44.82 -11.21 17.93
CA PRO D 431 43.95 -12.33 17.52
C PRO D 431 42.89 -12.01 16.47
N ALA D 432 42.43 -13.02 15.72
CA ALA D 432 41.65 -12.72 14.53
C ALA D 432 40.69 -13.85 14.23
N PHE D 433 39.54 -13.47 13.68
CA PHE D 433 38.73 -14.40 12.90
C PHE D 433 39.18 -14.32 11.46
N ARG D 434 39.46 -15.49 10.86
CA ARG D 434 39.92 -15.58 9.49
C ARG D 434 39.02 -16.52 8.71
N TYR D 435 38.90 -16.25 7.41
CA TYR D 435 38.30 -17.23 6.53
C TYR D 435 39.22 -18.43 6.39
N GLN D 436 38.64 -19.57 6.04
CA GLN D 436 39.38 -20.81 5.81
C GLN D 436 38.68 -21.56 4.70
N PRO D 437 39.37 -22.52 4.07
CA PRO D 437 38.73 -23.28 2.99
C PRO D 437 37.64 -24.19 3.55
N ASP D 438 36.68 -24.52 2.69
CA ASP D 438 35.70 -25.53 3.02
C ASP D 438 36.37 -26.90 3.11
N PRO D 439 35.97 -27.74 4.07
CA PRO D 439 36.66 -29.02 4.25
C PRO D 439 36.44 -29.99 3.11
N TRP D 440 35.38 -29.84 2.33
CA TRP D 440 35.17 -30.78 1.22
C TRP D 440 35.89 -30.33 -0.04
CHA HEM E . -30.45 -7.93 13.20
CHB HEM E . -29.42 -12.42 11.66
CHC HEM E . -31.20 -14.15 15.84
CHD HEM E . -32.70 -9.73 17.13
C1A HEM E . -29.91 -8.98 12.48
C2A HEM E . -29.02 -8.90 11.32
C3A HEM E . -28.74 -10.14 10.91
C4A HEM E . -29.44 -11.06 11.76
CMA HEM E . -27.84 -10.51 9.71
CAA HEM E . -28.46 -7.61 10.71
CBA HEM E . -27.38 -7.21 11.71
CGA HEM E . -26.42 -6.22 11.12
O1A HEM E . -26.36 -6.15 9.87
O2A HEM E . -25.70 -5.55 11.91
C1B HEM E . -29.80 -13.27 12.65
C2B HEM E . -29.63 -14.71 12.64
C3B HEM E . -30.13 -15.20 13.78
C4B HEM E . -30.62 -14.09 14.57
CMB HEM E . -29.00 -15.51 11.48
CAB HEM E . -30.12 -16.71 14.14
CBB HEM E . -30.95 -17.24 15.05
C1C HEM E . -31.68 -13.10 16.60
C2C HEM E . -32.14 -13.17 17.98
C3C HEM E . -32.56 -11.94 18.34
C4C HEM E . -32.39 -11.07 17.19
CMC HEM E . -32.10 -14.46 18.82
CAC HEM E . -33.15 -11.43 19.67
CBC HEM E . -33.74 -12.24 20.55
C1D HEM E . -32.21 -8.87 16.18
C2D HEM E . -32.40 -7.43 16.18
C3D HEM E . -31.80 -6.92 15.11
C4D HEM E . -31.19 -8.01 14.37
CMD HEM E . -33.17 -6.60 17.23
CAD HEM E . -31.78 -5.42 14.77
CBD HEM E . -30.37 -4.94 15.14
CGD HEM E . -30.22 -3.48 14.86
O1D HEM E . -31.23 -2.82 14.48
O2D HEM E . -29.07 -2.99 15.02
NA HEM E . -30.14 -10.32 12.69
NB HEM E . -30.41 -12.93 13.84
NC HEM E . -31.85 -11.81 16.16
ND HEM E . -31.48 -9.19 15.05
FE HEM E . -31.32 -11.12 14.27
N1 H4B F . -28.16 -3.73 6.39
C2 H4B F . -27.67 -4.50 7.44
N2 H4B F . -28.05 -5.79 7.56
N3 H4B F . -26.78 -3.98 8.32
C4 H4B F . -26.36 -2.70 8.21
O4 H4B F . -25.54 -2.21 9.03
C4A H4B F . -26.87 -1.91 7.19
C8A H4B F . -27.76 -2.45 6.28
N5 H4B F . -26.46 -0.65 7.06
N8 H4B F . -28.27 -1.69 5.27
C6 H4B F . -27.36 0.28 6.41
C7 H4B F . -27.86 -0.29 5.08
C9 H4B F . -26.69 1.64 6.28
O9 H4B F . -25.43 1.50 5.62
C10 H4B F . -27.58 2.55 5.46
C11 H4B F . -26.97 3.95 5.33
O10 H4B F . -28.84 2.62 6.10
N26 H44 G . -23.65 1.82 16.71
C26 H44 G . -23.33 2.39 15.63
C25 H44 G . -22.19 3.35 15.60
S21 H44 G . -22.25 4.66 16.74
C22 H44 G . -20.76 5.36 16.23
C23 H44 G . -20.26 4.58 15.19
C24 H44 G . -21.03 3.47 14.83
N27 H44 G . -23.97 2.11 14.51
C31 H44 G . -24.55 0.91 14.34
C36 H44 G . -23.82 -0.11 13.75
C35 H44 G . -24.38 -1.36 13.57
C34 H44 G . -25.69 -1.58 13.97
C33 H44 G . -26.44 -0.57 14.57
C32 H44 G . -25.87 0.69 14.75
C37 H44 G . -26.28 -2.94 13.78
C38 H44 G . -26.03 -3.70 15.07
N18 H44 G . -24.87 -4.57 14.97
C17 H44 G . -24.68 -5.72 15.84
C15 H44 G . -25.67 -6.83 15.52
C14 H44 G . -27.02 -6.61 15.72
C13 H44 G . -27.95 -7.58 15.43
C12 H44 G . -27.52 -8.78 14.91
C11 H44 G . -26.17 -9.03 14.71
C16 H44 G . -25.23 -8.05 15.00
N07 H44 G . -25.77 -10.20 14.19
C06 H44 G . -26.34 -11.36 14.51
N06 H44 G . -26.42 -12.34 13.63
C05 H44 G . -26.92 -11.53 15.89
S01 H44 G . -28.16 -12.71 16.01
C02 H44 G . -28.42 -12.41 17.69
C03 H44 G . -27.55 -11.41 18.10
C04 H44 G . -26.71 -10.91 17.11
C ACT H . -31.26 -18.43 9.86
O ACT H . -30.54 -19.42 10.10
OXT ACT H . -31.26 -17.40 10.53
CH3 ACT H . -32.31 -18.60 8.86
C1 BTB I . 0.39 -13.04 -1.49
O1 BTB I . 0.93 -11.82 -0.99
C2 BTB I . 1.04 -13.34 -2.83
C3 BTB I . 0.25 -12.72 -3.98
O3 BTB I . 0.73 -13.18 -5.25
C4 BTB I . 2.45 -12.76 -2.85
O4 BTB I . 3.22 -13.32 -3.91
N BTB I . 1.11 -14.81 -2.95
C5 BTB I . -0.23 -15.36 -3.10
C6 BTB I . -0.20 -16.53 -4.08
O6 BTB I . -0.39 -16.05 -5.41
C7 BTB I . 1.72 -15.36 -1.73
C8 BTB I . 2.97 -16.17 -2.07
O8 BTB I . 2.62 -17.21 -3.00
C1 BTB J . -2.32 2.44 -4.85
O1 BTB J . -1.81 1.14 -5.19
C2 BTB J . -3.80 2.28 -4.54
C3 BTB J . -3.88 1.12 -3.55
O3 BTB J . -5.12 1.11 -2.80
C4 BTB J . -4.30 3.56 -3.88
O4 BTB J . -5.31 3.27 -2.93
N BTB J . -4.52 2.01 -5.80
C5 BTB J . -3.88 2.71 -6.92
C6 BTB J . -4.27 2.04 -8.24
O6 BTB J . -3.96 0.65 -8.17
C7 BTB J . -5.93 2.48 -5.77
C8 BTB J . -6.86 1.32 -5.40
O8 BTB J . -6.14 0.09 -5.58
C1 GOL K . -37.05 -19.25 38.04
O1 GOL K . -36.44 -18.23 37.27
C2 GOL K . -37.38 -20.43 37.12
O2 GOL K . -37.16 -20.06 35.77
C3 GOL K . -38.83 -20.85 37.35
O3 GOL K . -39.49 -21.05 36.13
CL CL L . -20.91 -8.40 14.10
GD GD M . 2.54 -15.07 -5.91
ZN ZN N . -40.05 5.69 4.02
CHA HEM O . -32.70 5.00 -13.56
CHB HEM O . -28.02 4.85 -14.67
CHC HEM O . -28.60 8.58 -17.67
CHD HEM O . -33.05 9.13 -16.02
C1A HEM O . -31.42 4.54 -13.70
C2A HEM O . -30.93 3.27 -13.26
C3A HEM O . -29.62 3.20 -13.59
C4A HEM O . -29.25 4.46 -14.22
CMA HEM O . -28.65 2.05 -13.34
CAA HEM O . -31.86 2.22 -12.62
CBA HEM O . -32.50 1.50 -13.81
CGA HEM O . -33.18 0.21 -13.40
O1A HEM O . -32.71 -0.42 -12.42
O2A HEM O . -34.16 -0.21 -14.09
C1B HEM O . -27.75 5.81 -15.61
C2B HEM O . -26.50 6.00 -16.32
C3B HEM O . -26.65 7.05 -17.14
C4B HEM O . -28.00 7.55 -16.98
CMB HEM O . -25.22 5.18 -16.15
CAB HEM O . -25.56 7.58 -18.10
CBB HEM O . -25.63 8.80 -18.64
C1C HEM O . -29.88 9.02 -17.58
C2C HEM O . -30.53 10.01 -18.42
C3C HEM O . -31.78 10.15 -17.95
C4C HEM O . -31.94 9.28 -16.80
CMC HEM O . -29.82 10.68 -19.62
CAC HEM O . -32.90 11.11 -18.42
CBC HEM O . -32.61 12.18 -19.16
C1D HEM O . -33.34 8.07 -15.20
C2D HEM O . -34.59 7.88 -14.50
C3D HEM O . -34.49 6.75 -13.81
C4D HEM O . -33.19 6.17 -14.06
CMD HEM O . -35.81 8.85 -14.54
CAD HEM O . -35.57 6.12 -12.91
CBD HEM O . -36.35 5.13 -13.77
CGD HEM O . -37.36 4.39 -12.92
O1D HEM O . -37.79 4.96 -11.88
O2D HEM O . -37.73 3.26 -13.30
NA HEM O . -30.37 5.22 -14.27
NB HEM O . -28.63 6.79 -16.04
NC HEM O . -30.77 8.64 -16.63
ND HEM O . -32.52 7.01 -14.92
FE HEM O . -30.46 7.11 -15.19
N1 H4B P . -32.99 -1.00 -7.82
C2 H4B P . -32.83 -0.78 -9.14
N2 H4B P . -31.84 0.01 -9.60
N3 H4B P . -33.67 -1.33 -10.04
C4 H4B P . -34.68 -2.12 -9.64
O4 H4B P . -35.43 -2.63 -10.50
C4A H4B P . -34.86 -2.36 -8.29
C8A H4B P . -33.98 -1.79 -7.37
N5 H4B P . -35.86 -3.15 -7.86
N8 H4B P . -34.12 -2.00 -6.04
C6 H4B P . -36.31 -2.94 -6.50
C7 H4B P . -35.16 -2.88 -5.50
C9 H4B P . -37.38 -3.97 -6.13
O9 H4B P . -36.93 -5.30 -6.41
C10 H4B P . -37.72 -3.79 -4.66
C11 H4B P . -38.80 -4.76 -4.17
O10 H4B P . -38.17 -2.45 -4.53
N26 H44 Q . -42.58 -3.34 -16.09
C26 H44 Q . -43.04 -3.56 -14.95
C25 H44 Q . -44.47 -3.97 -14.82
S21 H44 Q . -45.65 -2.70 -14.77
C22 H44 Q . -47.02 -3.76 -14.63
C23 H44 Q . -46.52 -5.07 -14.62
C24 H44 Q . -45.12 -5.19 -14.73
N27 H44 Q . -42.23 -3.47 -13.88
C31 H44 Q . -41.17 -2.63 -13.91
C36 H44 Q . -39.90 -3.12 -14.19
C35 H44 Q . -38.80 -2.26 -14.22
C34 H44 Q . -38.97 -0.92 -13.92
C33 H44 Q . -40.23 -0.41 -13.61
C32 H44 Q . -41.33 -1.28 -13.60
C37 H44 Q . -37.76 0.01 -13.95
C38 H44 Q . -37.60 0.56 -15.36
N18 H44 Q . -36.22 0.79 -15.71
C17 H44 Q . -35.73 0.77 -17.08
C15 H44 Q . -34.59 1.74 -17.00
C14 H44 Q . -34.93 2.95 -16.43
C13 H44 Q . -33.96 3.91 -16.28
C12 H44 Q . -32.64 3.62 -16.65
C11 H44 Q . -32.28 2.40 -17.20
C16 H44 Q . -33.27 1.44 -17.36
N07 H44 Q . -30.97 2.15 -17.54
C06 H44 Q . -30.14 3.06 -18.04
N06 H44 Q . -28.83 3.01 -17.79
C05 H44 Q . -30.73 4.17 -18.84
S01 H44 Q . -29.87 5.65 -18.74
C02 H44 Q . -30.98 6.53 -19.74
C03 H44 Q . -31.99 5.63 -20.10
C04 H44 Q . -31.88 4.32 -19.62
C ACT R . -21.99 7.25 -14.91
O ACT R . -21.22 7.04 -15.84
OXT ACT R . -23.13 7.60 -15.15
CH3 ACT R . -21.41 7.93 -13.77
C1 BTB S . -5.16 -18.77 -21.05
O1 BTB S . -4.25 -19.24 -20.05
C2 BTB S . -6.61 -19.02 -20.60
C3 BTB S . -6.76 -18.74 -19.11
O3 BTB S . -8.15 -18.75 -18.74
C4 BTB S . -7.52 -18.07 -21.38
O4 BTB S . -8.36 -18.84 -22.24
N BTB S . -7.02 -20.43 -20.93
C5 BTB S . -6.67 -21.39 -19.87
C6 BTB S . -7.92 -22.04 -19.26
O6 BTB S . -8.57 -22.80 -20.27
C7 BTB S . -6.44 -20.89 -22.21
C8 BTB S . -7.54 -21.13 -23.24
O8 BTB S . -8.71 -21.68 -22.61
C1 BTB T . -57.76 7.18 -41.14
O1 BTB T . -56.69 6.60 -41.91
C2 BTB T . -57.36 7.09 -39.69
C3 BTB T . -57.23 5.61 -39.32
O3 BTB T . -57.96 5.36 -38.11
C4 BTB T . -55.98 7.75 -39.62
O4 BTB T . -55.93 9.00 -40.31
N BTB T . -58.37 7.65 -38.74
C5 BTB T . -59.68 7.81 -39.42
C6 BTB T . -60.85 7.96 -38.43
O6 BTB T . -60.69 7.10 -37.29
C7 BTB T . -57.96 8.92 -38.11
C8 BTB T . -58.21 8.81 -36.62
O8 BTB T . -58.44 7.42 -36.36
CL CL U . -32.58 -2.61 -19.36
GD GD V . -9.68 -20.31 -20.41
CHA HEM W . 32.46 11.68 -10.45
CHB HEM W . 28.18 10.89 -12.60
CHC HEM W . 29.98 12.80 -16.69
CHD HEM W . 34.34 13.35 -14.60
C1A HEM W . 31.13 11.42 -10.64
C2A HEM W . 30.15 11.17 -9.61
C3A HEM W . 28.97 10.96 -10.20
C4A HEM W . 29.15 11.05 -11.63
CMA HEM W . 27.65 10.64 -9.48
CAA HEM W . 30.38 11.17 -8.08
CBA HEM W . 30.70 12.60 -7.67
CGA HEM W . 30.27 12.87 -6.26
O1A HEM W . 29.55 12.02 -5.68
O2A HEM W . 30.65 13.95 -5.71
C1B HEM W . 28.26 11.35 -13.91
C2B HEM W . 27.22 11.34 -14.91
C3B HEM W . 27.71 11.87 -16.05
C4B HEM W . 29.09 12.22 -15.81
CMB HEM W . 25.78 10.82 -14.70
CAB HEM W . 26.84 12.03 -17.33
CBB HEM W . 27.25 12.55 -18.49
C1C HEM W . 31.29 13.18 -16.47
C2C HEM W . 32.13 13.93 -17.38
C3C HEM W . 33.34 14.10 -16.79
C4C HEM W . 33.31 13.43 -15.51
CMC HEM W . 31.63 14.45 -18.75
CAC HEM W . 34.61 14.82 -17.32
CBC HEM W . 34.76 15.21 -18.59
C1D HEM W . 34.22 12.95 -13.29
C2D HEM W . 35.27 12.94 -12.27
C3D HEM W . 34.75 12.48 -11.15
C4D HEM W . 33.35 12.18 -11.38
CMD HEM W . 36.75 13.38 -12.45
CAD HEM W . 35.51 12.32 -9.81
CBD HEM W . 35.19 13.58 -9.03
CGD HEM W . 35.93 13.59 -7.72
O1D HEM W . 36.85 12.77 -7.53
O2D HEM W . 35.56 14.47 -6.88
NA HEM W . 30.47 11.33 -11.86
NB HEM W . 29.40 11.89 -14.49
NC HEM W . 32.05 12.89 -15.35
ND HEM W . 33.07 12.47 -12.70
FE HEM W . 31.39 11.80 -13.73
N1 H4B X . 30.91 8.44 -3.04
C2 H4B X . 30.59 9.49 -3.86
N2 H4B X . 30.12 9.23 -5.09
N3 H4B X . 30.74 10.75 -3.42
C4 H4B X . 31.21 11.03 -2.18
O4 H4B X . 31.35 12.20 -1.77
C4A H4B X . 31.53 9.96 -1.35
C8A H4B X . 31.38 8.66 -1.80
N5 H4B X . 32.01 10.19 -0.10
N8 H4B X . 31.71 7.62 -0.99
C6 H4B X . 32.89 9.19 0.45
C7 H4B X . 32.24 7.81 0.36
C9 H4B X . 33.33 9.55 1.89
O9 H4B X . 32.21 9.88 2.72
C10 H4B X . 34.06 8.39 2.55
C11 H4B X . 34.42 8.69 4.00
O10 H4B X . 35.23 8.11 1.77
N26 H44 Y . 35.33 20.12 -0.96
C26 H44 Y . 35.70 19.35 -0.02
C25 H44 Y . 35.98 19.92 1.33
S21 H44 Y . 37.50 20.69 1.55
C22 H44 Y . 37.25 21.08 3.21
C23 H44 Y . 35.97 20.60 3.55
C24 H44 Y . 35.27 19.96 2.53
N27 H44 Y . 35.81 18.04 -0.24
C31 H44 Y . 35.27 17.46 -1.33
C36 H44 Y . 34.00 16.91 -1.26
C35 H44 Y . 33.43 16.31 -2.38
C34 H44 Y . 34.15 16.23 -3.55
C33 H44 Y . 35.43 16.76 -3.64
C32 H44 Y . 36.00 17.37 -2.52
C37 H44 Y . 33.52 15.56 -4.77
C38 H44 Y . 33.36 16.58 -5.89
N18 H44 Y . 31.98 16.96 -6.09
C17 H44 Y . 31.50 17.62 -7.30
C15 H44 Y . 31.28 16.62 -8.43
C14 H44 Y . 32.36 15.93 -8.98
C13 H44 Y . 32.16 15.03 -10.01
C12 H44 Y . 30.88 14.80 -10.49
C11 H44 Y . 29.79 15.49 -9.96
C16 H44 Y . 30.00 16.40 -8.92
N07 H44 Y . 28.54 15.28 -10.43
C06 H44 Y . 28.25 15.14 -11.72
N06 H44 Y . 27.25 14.36 -12.12
C05 H44 Y . 29.09 15.88 -12.70
S01 H44 Y . 29.34 15.08 -14.20
C02 H44 Y . 30.35 16.32 -14.85
C03 H44 Y . 30.47 17.31 -13.88
C04 H44 Y . 29.79 17.08 -12.68
C ACT Z . 24.70 7.75 -17.07
O ACT Z . 25.82 8.25 -17.15
OXT ACT Z . 23.70 8.45 -17.21
CH3 ACT Z . 24.59 6.43 -17.69
C1 BTB AA . 1.32 19.44 6.33
O1 BTB AA . 2.70 19.80 6.20
C2 BTB AA . 1.19 18.45 7.50
C3 BTB AA . 1.65 17.08 7.06
O3 BTB AA . 1.56 16.98 5.64
C4 BTB AA . 2.04 18.94 8.68
O4 BTB AA . 3.32 19.41 8.22
N BTB AA . -0.21 18.30 7.96
C5 BTB AA . -1.07 17.68 6.97
C6 BTB AA . -1.78 16.48 7.62
O6 BTB AA . -0.87 15.87 8.55
C7 BTB AA . -0.75 19.61 8.34
C8 BTB AA . -1.51 19.35 9.62
O8 BTB AA . -0.83 18.29 10.32
C1 BTB BA . 13.68 15.89 19.58
O1 BTB BA . 12.34 15.84 19.10
C2 BTB BA . 14.64 15.39 18.49
C3 BTB BA . 14.36 16.20 17.23
O3 BTB BA . 15.46 16.09 16.32
C4 BTB BA . 16.08 15.63 18.95
O4 BTB BA . 16.85 16.17 17.87
N BTB BA . 14.41 13.94 18.24
C5 BTB BA . 14.11 13.22 19.49
C6 BTB BA . 13.07 12.13 19.20
O6 BTB BA . 11.95 12.71 18.52
C7 BTB BA . 15.58 13.29 17.62
C8 BTB BA . 15.16 12.67 16.29
O8 BTB BA . 13.96 13.30 15.82
C1 GOL CA . 39.10 25.32 -34.63
O1 GOL CA . 39.41 25.38 -33.25
C2 GOL CA . 38.61 23.92 -34.97
O2 GOL CA . 38.71 23.12 -33.81
C3 GOL CA . 39.51 23.29 -36.02
O3 GOL CA . 39.24 21.91 -36.07
CL CL DA . 26.71 18.57 -6.67
ZN ZN EA . 43.15 -0.37 -0.48
CHA HEM FA . 30.47 -9.30 10.55
CHB HEM FA . 26.99 -7.25 13.18
CHC HEM FA . 28.51 -9.74 17.04
CHD HEM FA . 32.37 -11.34 14.59
C1A HEM FA . 29.34 -8.65 10.87
C2A HEM FA . 28.40 -7.98 9.96
C3A HEM FA . 27.45 -7.43 10.69
C4A HEM FA . 27.75 -7.66 12.10
CMA HEM FA . 26.23 -6.67 10.16
CAA HEM FA . 28.47 -8.02 8.43
CBA HEM FA . 28.02 -9.44 8.08
CGA HEM FA . 27.67 -9.66 6.63
O1A HEM FA . 27.30 -8.68 5.94
O2A HEM FA . 27.72 -10.85 6.16
C1B HEM FA . 27.07 -7.75 14.45
C2B HEM FA . 26.18 -7.48 15.54
C3B HEM FA . 26.58 -8.14 16.61
C4B HEM FA . 27.78 -8.88 16.24
CMB HEM FA . 24.93 -6.56 15.54
CAB HEM FA . 25.82 -8.07 17.96
CBB HEM FA . 26.33 -8.46 19.13
C1C HEM FA . 29.66 -10.43 16.70
C2C HEM FA . 30.35 -11.38 17.56
C3C HEM FA . 31.43 -11.84 16.89
C4C HEM FA . 31.44 -11.18 15.61
CMC HEM FA . 29.81 -11.71 18.96
CAC HEM FA . 32.53 -12.84 17.34
CBC HEM FA . 32.72 -13.12 18.65
C1D HEM FA . 32.18 -10.92 13.28
C2D HEM FA . 33.07 -11.20 12.18
C3D HEM FA . 32.54 -10.64 11.09
C4D HEM FA . 31.31 -9.99 11.44
CMD HEM FA . 34.38 -12.01 12.23
CAD HEM FA . 33.17 -10.69 9.69
CBD HEM FA . 32.71 -11.96 8.99
CGD HEM FA . 33.20 -11.87 7.57
O1D HEM FA . 34.15 -11.08 7.33
O2D HEM FA . 32.63 -12.57 6.70
NA HEM FA . 28.88 -8.42 12.15
NB HEM FA . 28.06 -8.59 14.92
NC HEM FA . 30.35 -10.36 15.53
ND HEM FA . 31.12 -10.17 12.80
FE HEM FA . 29.80 -9.06 13.91
N1 H4B GA . 29.16 -5.49 3.29
C2 H4B GA . 28.63 -6.39 4.17
N2 H4B GA . 28.31 -6.04 5.44
N3 H4B GA . 28.42 -7.66 3.77
C4 H4B GA . 28.72 -8.06 2.51
O4 H4B GA . 28.49 -9.23 2.19
C4A H4B GA . 29.27 -7.16 1.61
C8A H4B GA . 29.49 -5.85 2.02
N5 H4B GA . 29.57 -7.53 0.36
N8 H4B GA . 30.03 -4.93 1.17
C6 H4B GA . 30.56 -6.76 -0.37
C7 H4B GA . 30.34 -5.26 -0.23
C9 H4B GA . 30.68 -7.21 -1.83
O9 H4B GA . 29.43 -7.27 -2.49
C10 H4B GA . 31.61 -6.32 -2.63
C11 H4B GA . 31.76 -6.84 -4.05
O10 H4B GA . 32.89 -6.28 -1.99
N26 H44 HA . 30.87 -18.63 1.46
C26 H44 HA . 31.00 -18.07 0.34
C25 H44 HA . 30.86 -18.94 -0.86
S21 H44 HA . 32.12 -20.10 -1.13
C22 H44 HA . 31.42 -20.75 -2.57
C23 H44 HA . 30.23 -20.05 -2.80
C24 H44 HA . 29.91 -19.06 -1.87
N27 H44 HA . 31.21 -16.75 0.22
C31 H44 HA . 30.99 -15.88 1.23
C36 H44 HA . 30.10 -14.82 1.07
C35 H44 HA . 29.88 -13.91 2.12
C34 H44 HA . 30.56 -14.08 3.32
C33 H44 HA . 31.45 -15.12 3.49
C32 H44 HA . 31.67 -16.01 2.44
C37 H44 HA . 30.33 -13.14 4.48
C38 H44 HA . 30.03 -14.00 5.71
N18 H44 HA . 28.98 -13.42 6.53
C17 H44 HA . 28.08 -14.23 7.36
C15 H44 HA . 28.01 -13.40 8.62
C14 H44 HA . 29.25 -13.08 9.14
C13 H44 HA . 29.33 -12.31 10.28
C12 H44 HA . 28.16 -11.82 10.86
C11 H44 HA . 26.90 -12.12 10.35
C16 H44 HA . 26.83 -12.93 9.20
N07 H44 HA . 25.78 -11.63 10.94
C06 H44 HA . 25.68 -11.35 12.24
N06 H44 HA . 24.97 -10.32 12.71
C05 H44 HA . 26.40 -12.25 13.19
S01 H44 HA . 26.90 -11.52 14.66
C02 H44 HA . 27.67 -12.95 15.27
C03 H44 HA . 27.51 -13.95 14.31
C04 H44 HA . 26.82 -13.58 13.15
C ACT IA . 24.97 -3.52 17.77
O ACT IA . 25.74 -4.46 17.90
OXT ACT IA . 23.82 -3.63 18.18
CH3 ACT IA . 25.59 -2.27 18.13
C1 BTB JA . -5.81 0.57 8.50
O1 BTB JA . -6.25 1.78 7.90
C2 BTB JA . -4.68 -0.09 7.71
C3 BTB JA . -3.57 0.91 7.35
O3 BTB JA . -2.49 0.21 6.71
C4 BTB JA . -4.08 -1.18 8.59
O4 BTB JA . -3.30 -2.09 7.82
N BTB JA . -5.18 -0.71 6.44
C5 BTB JA . -5.19 0.22 5.29
C6 BTB JA . -5.42 -0.56 4.02
O6 BTB JA . -4.27 -0.47 3.17
C7 BTB JA . -6.49 -1.40 6.56
C8 BTB JA . -6.28 -2.91 6.54
O8 BTB JA . -5.75 -3.32 5.28
C1 BTB KA . 35.15 -45.64 14.98
O1 BTB KA . 33.80 -45.57 15.49
C2 BTB KA . 35.40 -44.46 14.04
C3 BTB KA . 34.29 -44.40 13.02
O3 BTB KA . 34.77 -43.72 11.85
C4 BTB KA . 35.37 -43.17 14.87
O4 BTB KA . 36.11 -43.27 16.11
N BTB KA . 36.63 -44.57 13.20
C5 BTB KA . 36.81 -45.95 12.72
C6 BTB KA . 36.96 -45.99 11.21
O6 BTB KA . 36.53 -44.73 10.66
C7 BTB KA . 37.86 -44.08 13.85
C8 BTB KA . 38.86 -43.53 12.82
O8 BTB KA . 38.18 -43.18 11.61
C1 GOL LA . 9.96 -14.25 -9.91
O1 GOL LA . 9.58 -13.57 -11.09
C2 GOL LA . 8.74 -14.96 -9.32
O2 GOL LA . 7.69 -14.05 -9.12
C3 GOL LA . 9.14 -15.59 -7.99
O3 GOL LA . 8.15 -15.29 -7.03
CL CL MA . 22.86 -14.26 7.56
GD GD NA . -3.07 -1.92 5.13
#